data_2ATZ
# 
_entry.id   2ATZ 
# 
_audit_conform.dict_name       mmcif_pdbx.dic 
_audit_conform.dict_version    5.398 
_audit_conform.dict_location   http://mmcif.pdb.org/dictionaries/ascii/mmcif_pdbx.dic 
# 
loop_
_database_2.database_id 
_database_2.database_code 
_database_2.pdbx_database_accession 
_database_2.pdbx_DOI 
PDB   2ATZ         pdb_00002atz 10.2210/pdb2atz/pdb 
RCSB  RCSB034308   ?            ?                   
WWPDB D_1000034308 ?            ?                   
# 
loop_
_pdbx_audit_revision_history.ordinal 
_pdbx_audit_revision_history.data_content_type 
_pdbx_audit_revision_history.major_revision 
_pdbx_audit_revision_history.minor_revision 
_pdbx_audit_revision_history.revision_date 
1 'Structure model' 1 0 2005-10-11 
2 'Structure model' 1 1 2008-05-01 
3 'Structure model' 1 2 2011-07-13 
4 'Structure model' 1 3 2024-11-13 
# 
_pdbx_audit_revision_details.ordinal             1 
_pdbx_audit_revision_details.revision_ordinal    1 
_pdbx_audit_revision_details.data_content_type   'Structure model' 
_pdbx_audit_revision_details.provider            repository 
_pdbx_audit_revision_details.type                'Initial release' 
_pdbx_audit_revision_details.description         ? 
_pdbx_audit_revision_details.details             ? 
# 
loop_
_pdbx_audit_revision_group.ordinal 
_pdbx_audit_revision_group.revision_ordinal 
_pdbx_audit_revision_group.data_content_type 
_pdbx_audit_revision_group.group 
1 2 'Structure model' 'Version format compliance' 
2 3 'Structure model' Advisory                    
3 3 'Structure model' 'Source and taxonomy'       
4 3 'Structure model' 'Version format compliance' 
5 4 'Structure model' 'Data collection'           
6 4 'Structure model' 'Database references'       
7 4 'Structure model' 'Derived calculations'      
8 4 'Structure model' 'Structure summary'         
# 
loop_
_pdbx_audit_revision_category.ordinal 
_pdbx_audit_revision_category.revision_ordinal 
_pdbx_audit_revision_category.data_content_type 
_pdbx_audit_revision_category.category 
1 4 'Structure model' chem_comp_atom            
2 4 'Structure model' chem_comp_bond            
3 4 'Structure model' database_2                
4 4 'Structure model' pdbx_entry_details        
5 4 'Structure model' pdbx_modification_feature 
6 4 'Structure model' struct_conn               
7 4 'Structure model' struct_ref_seq_dif        
8 4 'Structure model' struct_site               
# 
loop_
_pdbx_audit_revision_item.ordinal 
_pdbx_audit_revision_item.revision_ordinal 
_pdbx_audit_revision_item.data_content_type 
_pdbx_audit_revision_item.item 
1 4 'Structure model' '_database_2.pdbx_DOI'                
2 4 'Structure model' '_database_2.pdbx_database_accession' 
3 4 'Structure model' '_struct_conn.pdbx_leaving_atom_flag' 
4 4 'Structure model' '_struct_ref_seq_dif.details'         
5 4 'Structure model' '_struct_site.pdbx_auth_asym_id'      
6 4 'Structure model' '_struct_site.pdbx_auth_comp_id'      
7 4 'Structure model' '_struct_site.pdbx_auth_seq_id'       
# 
_pdbx_database_status.status_code                     REL 
_pdbx_database_status.entry_id                        2ATZ 
_pdbx_database_status.recvd_initial_deposition_date   2005-08-26 
_pdbx_database_status.deposit_site                    RCSB 
_pdbx_database_status.process_site                    RCSB 
_pdbx_database_status.status_code_sf                  REL 
_pdbx_database_status.status_code_mr                  ? 
_pdbx_database_status.SG_entry                        Y 
_pdbx_database_status.pdb_format_compatible           Y 
_pdbx_database_status.status_code_cs                  ? 
_pdbx_database_status.status_code_nmr_data            ? 
_pdbx_database_status.methods_development_category    ? 
# 
_pdbx_database_related.db_name        TargetDB 
_pdbx_database_related.db_id          APC5779 
_pdbx_database_related.details        . 
_pdbx_database_related.content_type   unspecified 
# 
loop_
_audit_author.name 
_audit_author.pdbx_ordinal 
'Chang, C.'                                     1 
'Xu, X.'                                        2 
'Savchenko, A.'                                 3 
'Edwards, A.'                                   4 
'Joachimiak, A.'                                5 
'Midwest Center for Structural Genomics (MCSG)' 6 
# 
_citation.id                        primary 
_citation.title                     'Crystal structure of protein HP0184 from Helicobacter pylori' 
_citation.journal_abbrev            'To be Published' 
_citation.journal_volume            ? 
_citation.page_first                ? 
_citation.page_last                 ? 
_citation.year                      ? 
_citation.journal_id_ASTM           ? 
_citation.country                   ? 
_citation.journal_id_ISSN           ? 
_citation.journal_id_CSD            0353 
_citation.book_publisher            ? 
_citation.pdbx_database_id_PubMed   ? 
_citation.pdbx_database_id_DOI      ? 
# 
loop_
_citation_author.citation_id 
_citation_author.name 
_citation_author.ordinal 
_citation_author.identifier_ORCID 
primary 'Chang, C.'      1 ? 
primary 'Xu, X.'         2 ? 
primary 'Savchenko, A.'  3 ? 
primary 'Edwards, A.'    4 ? 
primary 'Joachimiak, A.' 5 ? 
# 
loop_
_entity.id 
_entity.type 
_entity.src_method 
_entity.pdbx_description 
_entity.formula_weight 
_entity.pdbx_number_of_molecules 
_entity.pdbx_ec 
_entity.pdbx_mutation 
_entity.pdbx_fragment 
_entity.details 
1 polymer     man 'H. pylori predicted coding region HP0184' 21480.002 1   ? ? ? ? 
2 non-polymer syn "2'-DEOXYGUANOSINE-5'-TRIPHOSPHATE"        507.181   1   ? ? ? ? 
3 non-polymer syn 1,2-ETHANEDIOL                             62.068    1   ? ? ? ? 
4 water       nat water                                      18.015    100 ? ? ? ? 
# 
_entity_poly.entity_id                      1 
_entity_poly.type                           'polypeptide(L)' 
_entity_poly.nstd_linkage                   no 
_entity_poly.nstd_monomer                   yes 
_entity_poly.pdbx_seq_one_letter_code       
;(MSE)TE(MSE)ELKLIKIDTSHYFEKKPGLGERVDYAGRCFYNKFQRVNA(MSE)LTSSLIQKHLKREIEIAHNLILRN
DKVENIVFDYNGRNPERFYHKAQLLLREEGF(MSE)NFTAYNTKTPGHLHLYVHKGHTELGEGERLVKTLS(MSE)KLAQ
GLPKEWKVFPSNEWPKEFNILALPYEVFAKERGSSWAKHL
;
_entity_poly.pdbx_seq_one_letter_code_can   
;MTEMELKLIKIDTSHYFEKKPGLGERVDYAGRCFYNKFQRVNAMLTSSLIQKHLKREIEIAHNLILRNDKVENIVFDYNG
RNPERFYHKAQLLLREEGFMNFTAYNTKTPGHLHLYVHKGHTELGEGERLVKTLSMKLAQGLPKEWKVFPSNEWPKEFNI
LALPYEVFAKERGSSWAKHL
;
_entity_poly.pdbx_strand_id                 A 
_entity_poly.pdbx_target_identifier         APC5779 
# 
loop_
_pdbx_entity_nonpoly.entity_id 
_pdbx_entity_nonpoly.name 
_pdbx_entity_nonpoly.comp_id 
2 "2'-DEOXYGUANOSINE-5'-TRIPHOSPHATE" DGT 
3 1,2-ETHANEDIOL                      EDO 
4 water                               HOH 
# 
loop_
_entity_poly_seq.entity_id 
_entity_poly_seq.num 
_entity_poly_seq.mon_id 
_entity_poly_seq.hetero 
1 1   MSE n 
1 2   THR n 
1 3   GLU n 
1 4   MSE n 
1 5   GLU n 
1 6   LEU n 
1 7   LYS n 
1 8   LEU n 
1 9   ILE n 
1 10  LYS n 
1 11  ILE n 
1 12  ASP n 
1 13  THR n 
1 14  SER n 
1 15  HIS n 
1 16  TYR n 
1 17  PHE n 
1 18  GLU n 
1 19  LYS n 
1 20  LYS n 
1 21  PRO n 
1 22  GLY n 
1 23  LEU n 
1 24  GLY n 
1 25  GLU n 
1 26  ARG n 
1 27  VAL n 
1 28  ASP n 
1 29  TYR n 
1 30  ALA n 
1 31  GLY n 
1 32  ARG n 
1 33  CYS n 
1 34  PHE n 
1 35  TYR n 
1 36  ASN n 
1 37  LYS n 
1 38  PHE n 
1 39  GLN n 
1 40  ARG n 
1 41  VAL n 
1 42  ASN n 
1 43  ALA n 
1 44  MSE n 
1 45  LEU n 
1 46  THR n 
1 47  SER n 
1 48  SER n 
1 49  LEU n 
1 50  ILE n 
1 51  GLN n 
1 52  LYS n 
1 53  HIS n 
1 54  LEU n 
1 55  LYS n 
1 56  ARG n 
1 57  GLU n 
1 58  ILE n 
1 59  GLU n 
1 60  ILE n 
1 61  ALA n 
1 62  HIS n 
1 63  ASN n 
1 64  LEU n 
1 65  ILE n 
1 66  LEU n 
1 67  ARG n 
1 68  ASN n 
1 69  ASP n 
1 70  LYS n 
1 71  VAL n 
1 72  GLU n 
1 73  ASN n 
1 74  ILE n 
1 75  VAL n 
1 76  PHE n 
1 77  ASP n 
1 78  TYR n 
1 79  ASN n 
1 80  GLY n 
1 81  ARG n 
1 82  ASN n 
1 83  PRO n 
1 84  GLU n 
1 85  ARG n 
1 86  PHE n 
1 87  TYR n 
1 88  HIS n 
1 89  LYS n 
1 90  ALA n 
1 91  GLN n 
1 92  LEU n 
1 93  LEU n 
1 94  LEU n 
1 95  ARG n 
1 96  GLU n 
1 97  GLU n 
1 98  GLY n 
1 99  PHE n 
1 100 MSE n 
1 101 ASN n 
1 102 PHE n 
1 103 THR n 
1 104 ALA n 
1 105 TYR n 
1 106 ASN n 
1 107 THR n 
1 108 LYS n 
1 109 THR n 
1 110 PRO n 
1 111 GLY n 
1 112 HIS n 
1 113 LEU n 
1 114 HIS n 
1 115 LEU n 
1 116 TYR n 
1 117 VAL n 
1 118 HIS n 
1 119 LYS n 
1 120 GLY n 
1 121 HIS n 
1 122 THR n 
1 123 GLU n 
1 124 LEU n 
1 125 GLY n 
1 126 GLU n 
1 127 GLY n 
1 128 GLU n 
1 129 ARG n 
1 130 LEU n 
1 131 VAL n 
1 132 LYS n 
1 133 THR n 
1 134 LEU n 
1 135 SER n 
1 136 MSE n 
1 137 LYS n 
1 138 LEU n 
1 139 ALA n 
1 140 GLN n 
1 141 GLY n 
1 142 LEU n 
1 143 PRO n 
1 144 LYS n 
1 145 GLU n 
1 146 TRP n 
1 147 LYS n 
1 148 VAL n 
1 149 PHE n 
1 150 PRO n 
1 151 SER n 
1 152 ASN n 
1 153 GLU n 
1 154 TRP n 
1 155 PRO n 
1 156 LYS n 
1 157 GLU n 
1 158 PHE n 
1 159 ASN n 
1 160 ILE n 
1 161 LEU n 
1 162 ALA n 
1 163 LEU n 
1 164 PRO n 
1 165 TYR n 
1 166 GLU n 
1 167 VAL n 
1 168 PHE n 
1 169 ALA n 
1 170 LYS n 
1 171 GLU n 
1 172 ARG n 
1 173 GLY n 
1 174 SER n 
1 175 SER n 
1 176 TRP n 
1 177 ALA n 
1 178 LYS n 
1 179 HIS n 
1 180 LEU n 
# 
_entity_src_gen.entity_id                          1 
_entity_src_gen.pdbx_src_id                        1 
_entity_src_gen.pdbx_alt_source_flag               sample 
_entity_src_gen.pdbx_seq_type                      ? 
_entity_src_gen.pdbx_beg_seq_num                   ? 
_entity_src_gen.pdbx_end_seq_num                   ? 
_entity_src_gen.gene_src_common_name               ? 
_entity_src_gen.gene_src_genus                     Helicobacter 
_entity_src_gen.pdbx_gene_src_gene                 ? 
_entity_src_gen.gene_src_species                   'Helicobacter pylori' 
_entity_src_gen.gene_src_strain                    26695 
_entity_src_gen.gene_src_tissue                    ? 
_entity_src_gen.gene_src_tissue_fraction           ? 
_entity_src_gen.gene_src_details                   ? 
_entity_src_gen.pdbx_gene_src_fragment             ? 
_entity_src_gen.pdbx_gene_src_scientific_name      'Helicobacter pylori' 
_entity_src_gen.pdbx_gene_src_ncbi_taxonomy_id     85962 
_entity_src_gen.pdbx_gene_src_variant              ? 
_entity_src_gen.pdbx_gene_src_cell_line            ? 
_entity_src_gen.pdbx_gene_src_atcc                 ? 
_entity_src_gen.pdbx_gene_src_organ                ? 
_entity_src_gen.pdbx_gene_src_organelle            ? 
_entity_src_gen.pdbx_gene_src_cell                 ? 
_entity_src_gen.pdbx_gene_src_cellular_location    ? 
_entity_src_gen.host_org_common_name               ? 
_entity_src_gen.pdbx_host_org_scientific_name      'Escherichia coli' 
_entity_src_gen.pdbx_host_org_ncbi_taxonomy_id     562 
_entity_src_gen.host_org_genus                     Escherichia 
_entity_src_gen.pdbx_host_org_gene                 ? 
_entity_src_gen.pdbx_host_org_organ                ? 
_entity_src_gen.host_org_species                   ? 
_entity_src_gen.pdbx_host_org_tissue               ? 
_entity_src_gen.pdbx_host_org_tissue_fraction      ? 
_entity_src_gen.pdbx_host_org_strain               ? 
_entity_src_gen.pdbx_host_org_variant              ? 
_entity_src_gen.pdbx_host_org_cell_line            ? 
_entity_src_gen.pdbx_host_org_atcc                 ? 
_entity_src_gen.pdbx_host_org_culture_collection   ? 
_entity_src_gen.pdbx_host_org_cell                 ? 
_entity_src_gen.pdbx_host_org_organelle            ? 
_entity_src_gen.pdbx_host_org_cellular_location    ? 
_entity_src_gen.pdbx_host_org_vector_type          ? 
_entity_src_gen.pdbx_host_org_vector               ? 
_entity_src_gen.host_org_details                   ? 
_entity_src_gen.expression_system_id               ? 
_entity_src_gen.plasmid_name                       ? 
_entity_src_gen.plasmid_details                    ? 
_entity_src_gen.pdbx_description                   ? 
# 
loop_
_chem_comp.id 
_chem_comp.type 
_chem_comp.mon_nstd_flag 
_chem_comp.name 
_chem_comp.pdbx_synonyms 
_chem_comp.formula 
_chem_comp.formula_weight 
ALA 'L-peptide linking' y ALANINE                             ?                 'C3 H7 N O2'        89.093  
ARG 'L-peptide linking' y ARGININE                            ?                 'C6 H15 N4 O2 1'    175.209 
ASN 'L-peptide linking' y ASPARAGINE                          ?                 'C4 H8 N2 O3'       132.118 
ASP 'L-peptide linking' y 'ASPARTIC ACID'                     ?                 'C4 H7 N O4'        133.103 
CYS 'L-peptide linking' y CYSTEINE                            ?                 'C3 H7 N O2 S'      121.158 
DGT non-polymer         . "2'-DEOXYGUANOSINE-5'-TRIPHOSPHATE" ?                 'C10 H16 N5 O13 P3' 507.181 
EDO non-polymer         . 1,2-ETHANEDIOL                      'ETHYLENE GLYCOL' 'C2 H6 O2'          62.068  
GLN 'L-peptide linking' y GLUTAMINE                           ?                 'C5 H10 N2 O3'      146.144 
GLU 'L-peptide linking' y 'GLUTAMIC ACID'                     ?                 'C5 H9 N O4'        147.129 
GLY 'peptide linking'   y GLYCINE                             ?                 'C2 H5 N O2'        75.067  
HIS 'L-peptide linking' y HISTIDINE                           ?                 'C6 H10 N3 O2 1'    156.162 
HOH non-polymer         . WATER                               ?                 'H2 O'              18.015  
ILE 'L-peptide linking' y ISOLEUCINE                          ?                 'C6 H13 N O2'       131.173 
LEU 'L-peptide linking' y LEUCINE                             ?                 'C6 H13 N O2'       131.173 
LYS 'L-peptide linking' y LYSINE                              ?                 'C6 H15 N2 O2 1'    147.195 
MET 'L-peptide linking' y METHIONINE                          ?                 'C5 H11 N O2 S'     149.211 
MSE 'L-peptide linking' n SELENOMETHIONINE                    ?                 'C5 H11 N O2 Se'    196.106 
PHE 'L-peptide linking' y PHENYLALANINE                       ?                 'C9 H11 N O2'       165.189 
PRO 'L-peptide linking' y PROLINE                             ?                 'C5 H9 N O2'        115.130 
SER 'L-peptide linking' y SERINE                              ?                 'C3 H7 N O3'        105.093 
THR 'L-peptide linking' y THREONINE                           ?                 'C4 H9 N O3'        119.119 
TRP 'L-peptide linking' y TRYPTOPHAN                          ?                 'C11 H12 N2 O2'     204.225 
TYR 'L-peptide linking' y TYROSINE                            ?                 'C9 H11 N O3'       181.189 
VAL 'L-peptide linking' y VALINE                              ?                 'C5 H11 N O2'       117.146 
# 
loop_
_pdbx_poly_seq_scheme.asym_id 
_pdbx_poly_seq_scheme.entity_id 
_pdbx_poly_seq_scheme.seq_id 
_pdbx_poly_seq_scheme.mon_id 
_pdbx_poly_seq_scheme.ndb_seq_num 
_pdbx_poly_seq_scheme.pdb_seq_num 
_pdbx_poly_seq_scheme.auth_seq_num 
_pdbx_poly_seq_scheme.pdb_mon_id 
_pdbx_poly_seq_scheme.auth_mon_id 
_pdbx_poly_seq_scheme.pdb_strand_id 
_pdbx_poly_seq_scheme.pdb_ins_code 
_pdbx_poly_seq_scheme.hetero 
A 1 1   MSE 1   1   ?   ?   ?   A . n 
A 1 2   THR 2   2   ?   ?   ?   A . n 
A 1 3   GLU 3   3   3   GLU ALA A . n 
A 1 4   MSE 4   4   4   MSE MSE A . n 
A 1 5   GLU 5   5   5   GLU GLU A . n 
A 1 6   LEU 6   6   6   LEU LEU A . n 
A 1 7   LYS 7   7   7   LYS LYS A . n 
A 1 8   LEU 8   8   8   LEU LEU A . n 
A 1 9   ILE 9   9   9   ILE ILE A . n 
A 1 10  LYS 10  10  10  LYS LYS A . n 
A 1 11  ILE 11  11  11  ILE ILE A . n 
A 1 12  ASP 12  12  12  ASP ASP A . n 
A 1 13  THR 13  13  13  THR THR A . n 
A 1 14  SER 14  14  14  SER SER A . n 
A 1 15  HIS 15  15  15  HIS HIS A . n 
A 1 16  TYR 16  16  16  TYR TYR A . n 
A 1 17  PHE 17  17  17  PHE PHE A . n 
A 1 18  GLU 18  18  18  GLU GLU A . n 
A 1 19  LYS 19  19  19  LYS LYS A . n 
A 1 20  LYS 20  20  20  LYS LYS A . n 
A 1 21  PRO 21  21  21  PRO PRO A . n 
A 1 22  GLY 22  22  22  GLY GLY A . n 
A 1 23  LEU 23  23  23  LEU LEU A . n 
A 1 24  GLY 24  24  24  GLY GLY A . n 
A 1 25  GLU 25  25  25  GLU GLU A . n 
A 1 26  ARG 26  26  26  ARG ARG A . n 
A 1 27  VAL 27  27  27  VAL VAL A . n 
A 1 28  ASP 28  28  28  ASP ASP A . n 
A 1 29  TYR 29  29  29  TYR TYR A . n 
A 1 30  ALA 30  30  30  ALA ALA A . n 
A 1 31  GLY 31  31  31  GLY GLY A . n 
A 1 32  ARG 32  32  32  ARG ARG A . n 
A 1 33  CYS 33  33  33  CYS CYS A . n 
A 1 34  PHE 34  34  34  PHE PHE A . n 
A 1 35  TYR 35  35  35  TYR TYR A . n 
A 1 36  ASN 36  36  36  ASN ASN A . n 
A 1 37  LYS 37  37  37  LYS LYS A . n 
A 1 38  PHE 38  38  38  PHE PHE A . n 
A 1 39  GLN 39  39  39  GLN GLN A . n 
A 1 40  ARG 40  40  40  ARG ARG A . n 
A 1 41  VAL 41  41  41  VAL VAL A . n 
A 1 42  ASN 42  42  42  ASN ASN A . n 
A 1 43  ALA 43  43  43  ALA ALA A . n 
A 1 44  MSE 44  44  44  MSE MSE A . n 
A 1 45  LEU 45  45  45  LEU LEU A . n 
A 1 46  THR 46  46  46  THR THR A . n 
A 1 47  SER 47  47  47  SER SER A . n 
A 1 48  SER 48  48  48  SER SER A . n 
A 1 49  LEU 49  49  49  LEU LEU A . n 
A 1 50  ILE 50  50  50  ILE ILE A . n 
A 1 51  GLN 51  51  51  GLN GLN A . n 
A 1 52  LYS 52  52  52  LYS LYS A . n 
A 1 53  HIS 53  53  53  HIS HIS A . n 
A 1 54  LEU 54  54  54  LEU LEU A . n 
A 1 55  LYS 55  55  55  LYS LYS A . n 
A 1 56  ARG 56  56  56  ARG ARG A . n 
A 1 57  GLU 57  57  57  GLU GLU A . n 
A 1 58  ILE 58  58  58  ILE ILE A . n 
A 1 59  GLU 59  59  59  GLU GLU A . n 
A 1 60  ILE 60  60  60  ILE ILE A . n 
A 1 61  ALA 61  61  61  ALA ALA A . n 
A 1 62  HIS 62  62  62  HIS HIS A . n 
A 1 63  ASN 63  63  63  ASN ASN A . n 
A 1 64  LEU 64  64  64  LEU LEU A . n 
A 1 65  ILE 65  65  65  ILE ILE A . n 
A 1 66  LEU 66  66  66  LEU LEU A . n 
A 1 67  ARG 67  67  67  ARG ARG A . n 
A 1 68  ASN 68  68  68  ASN ASN A . n 
A 1 69  ASP 69  69  69  ASP ASP A . n 
A 1 70  LYS 70  70  70  LYS LYS A . n 
A 1 71  VAL 71  71  71  VAL VAL A . n 
A 1 72  GLU 72  72  72  GLU GLU A . n 
A 1 73  ASN 73  73  73  ASN ASN A . n 
A 1 74  ILE 74  74  74  ILE ILE A . n 
A 1 75  VAL 75  75  75  VAL VAL A . n 
A 1 76  PHE 76  76  76  PHE PHE A . n 
A 1 77  ASP 77  77  77  ASP ASP A . n 
A 1 78  TYR 78  78  78  TYR TYR A . n 
A 1 79  ASN 79  79  79  ASN ASN A . n 
A 1 80  GLY 80  80  80  GLY GLY A . n 
A 1 81  ARG 81  81  81  ARG ARG A . n 
A 1 82  ASN 82  82  82  ASN ASN A . n 
A 1 83  PRO 83  83  83  PRO PRO A . n 
A 1 84  GLU 84  84  84  GLU GLU A . n 
A 1 85  ARG 85  85  85  ARG ARG A . n 
A 1 86  PHE 86  86  86  PHE PHE A . n 
A 1 87  TYR 87  87  87  TYR TYR A . n 
A 1 88  HIS 88  88  88  HIS HIS A . n 
A 1 89  LYS 89  89  89  LYS LYS A . n 
A 1 90  ALA 90  90  90  ALA ALA A . n 
A 1 91  GLN 91  91  91  GLN GLN A . n 
A 1 92  LEU 92  92  92  LEU LEU A . n 
A 1 93  LEU 93  93  93  LEU LEU A . n 
A 1 94  LEU 94  94  94  LEU LEU A . n 
A 1 95  ARG 95  95  95  ARG ARG A . n 
A 1 96  GLU 96  96  96  GLU GLU A . n 
A 1 97  GLU 97  97  97  GLU GLU A . n 
A 1 98  GLY 98  98  98  GLY GLY A . n 
A 1 99  PHE 99  99  99  PHE PHE A . n 
A 1 100 MSE 100 100 100 MSE MSE A . n 
A 1 101 ASN 101 101 101 ASN ASN A . n 
A 1 102 PHE 102 102 102 PHE PHE A . n 
A 1 103 THR 103 103 103 THR THR A . n 
A 1 104 ALA 104 104 104 ALA ALA A . n 
A 1 105 TYR 105 105 105 TYR TYR A . n 
A 1 106 ASN 106 106 106 ASN ASN A . n 
A 1 107 THR 107 107 107 THR THR A . n 
A 1 108 LYS 108 108 108 LYS LYS A . n 
A 1 109 THR 109 109 109 THR THR A . n 
A 1 110 PRO 110 110 110 PRO PRO A . n 
A 1 111 GLY 111 111 111 GLY GLY A . n 
A 1 112 HIS 112 112 112 HIS HIS A . n 
A 1 113 LEU 113 113 113 LEU LEU A . n 
A 1 114 HIS 114 114 114 HIS HIS A . n 
A 1 115 LEU 115 115 115 LEU LEU A . n 
A 1 116 TYR 116 116 116 TYR TYR A . n 
A 1 117 VAL 117 117 117 VAL VAL A . n 
A 1 118 HIS 118 118 118 HIS HIS A . n 
A 1 119 LYS 119 119 119 LYS LYS A . n 
A 1 120 GLY 120 120 120 GLY GLY A . n 
A 1 121 HIS 121 121 121 HIS HIS A . n 
A 1 122 THR 122 122 122 THR THR A . n 
A 1 123 GLU 123 123 123 GLU GLU A . n 
A 1 124 LEU 124 124 124 LEU LEU A . n 
A 1 125 GLY 125 125 125 GLY GLY A . n 
A 1 126 GLU 126 126 126 GLU GLU A . n 
A 1 127 GLY 127 127 127 GLY GLY A . n 
A 1 128 GLU 128 128 128 GLU GLU A . n 
A 1 129 ARG 129 129 129 ARG ARG A . n 
A 1 130 LEU 130 130 130 LEU LEU A . n 
A 1 131 VAL 131 131 131 VAL VAL A . n 
A 1 132 LYS 132 132 132 LYS LYS A . n 
A 1 133 THR 133 133 133 THR THR A . n 
A 1 134 LEU 134 134 134 LEU LEU A . n 
A 1 135 SER 135 135 135 SER SER A . n 
A 1 136 MSE 136 136 136 MSE MSE A . n 
A 1 137 LYS 137 137 137 LYS LYS A . n 
A 1 138 LEU 138 138 138 LEU LEU A . n 
A 1 139 ALA 139 139 139 ALA ALA A . n 
A 1 140 GLN 140 140 140 GLN GLN A . n 
A 1 141 GLY 141 141 141 GLY GLY A . n 
A 1 142 LEU 142 142 142 LEU LEU A . n 
A 1 143 PRO 143 143 143 PRO PRO A . n 
A 1 144 LYS 144 144 144 LYS LYS A . n 
A 1 145 GLU 145 145 145 GLU GLU A . n 
A 1 146 TRP 146 146 146 TRP TRP A . n 
A 1 147 LYS 147 147 147 LYS LYS A . n 
A 1 148 VAL 148 148 148 VAL VAL A . n 
A 1 149 PHE 149 149 149 PHE PHE A . n 
A 1 150 PRO 150 150 150 PRO PRO A . n 
A 1 151 SER 151 151 151 SER SER A . n 
A 1 152 ASN 152 152 152 ASN ASN A . n 
A 1 153 GLU 153 153 153 GLU GLU A . n 
A 1 154 TRP 154 154 154 TRP TRP A . n 
A 1 155 PRO 155 155 155 PRO PRO A . n 
A 1 156 LYS 156 156 156 LYS LYS A . n 
A 1 157 GLU 157 157 157 GLU GLU A . n 
A 1 158 PHE 158 158 158 PHE PHE A . n 
A 1 159 ASN 159 159 159 ASN ASN A . n 
A 1 160 ILE 160 160 160 ILE ILE A . n 
A 1 161 LEU 161 161 161 LEU LEU A . n 
A 1 162 ALA 162 162 162 ALA ALA A . n 
A 1 163 LEU 163 163 163 LEU LEU A . n 
A 1 164 PRO 164 164 164 PRO PRO A . n 
A 1 165 TYR 165 165 165 TYR TYR A . n 
A 1 166 GLU 166 166 166 GLU GLU A . n 
A 1 167 VAL 167 167 167 VAL VAL A . n 
A 1 168 PHE 168 168 168 PHE PHE A . n 
A 1 169 ALA 169 169 169 ALA ALA A . n 
A 1 170 LYS 170 170 170 LYS LYS A . n 
A 1 171 GLU 171 171 171 GLU GLU A . n 
A 1 172 ARG 172 172 172 ARG ARG A . n 
A 1 173 GLY 173 173 173 GLY GLY A . n 
A 1 174 SER 174 174 174 SER SER A . n 
A 1 175 SER 175 175 175 SER SER A . n 
A 1 176 TRP 176 176 176 TRP TRP A . n 
A 1 177 ALA 177 177 177 ALA ALA A . n 
A 1 178 LYS 178 178 178 LYS LYS A . n 
A 1 179 HIS 179 179 ?   ?   ?   A . n 
A 1 180 LEU 180 180 ?   ?   ?   A . n 
# 
loop_
_pdbx_nonpoly_scheme.asym_id 
_pdbx_nonpoly_scheme.entity_id 
_pdbx_nonpoly_scheme.mon_id 
_pdbx_nonpoly_scheme.ndb_seq_num 
_pdbx_nonpoly_scheme.pdb_seq_num 
_pdbx_nonpoly_scheme.auth_seq_num 
_pdbx_nonpoly_scheme.pdb_mon_id 
_pdbx_nonpoly_scheme.auth_mon_id 
_pdbx_nonpoly_scheme.pdb_strand_id 
_pdbx_nonpoly_scheme.pdb_ins_code 
B 2 DGT 1   201 201 DGT DGT A . 
C 3 EDO 1   202 202 EDO EDO A . 
D 4 HOH 1   203 1   HOH HOH A . 
D 4 HOH 2   204 2   HOH HOH A . 
D 4 HOH 3   205 3   HOH HOH A . 
D 4 HOH 4   206 4   HOH HOH A . 
D 4 HOH 5   207 5   HOH HOH A . 
D 4 HOH 6   208 6   HOH HOH A . 
D 4 HOH 7   209 7   HOH HOH A . 
D 4 HOH 8   210 8   HOH HOH A . 
D 4 HOH 9   211 9   HOH HOH A . 
D 4 HOH 10  212 10  HOH HOH A . 
D 4 HOH 11  213 11  HOH HOH A . 
D 4 HOH 12  214 12  HOH HOH A . 
D 4 HOH 13  215 13  HOH HOH A . 
D 4 HOH 14  216 14  HOH HOH A . 
D 4 HOH 15  217 15  HOH HOH A . 
D 4 HOH 16  218 16  HOH HOH A . 
D 4 HOH 17  219 17  HOH HOH A . 
D 4 HOH 18  220 18  HOH HOH A . 
D 4 HOH 19  221 19  HOH HOH A . 
D 4 HOH 20  222 20  HOH HOH A . 
D 4 HOH 21  223 21  HOH HOH A . 
D 4 HOH 22  224 22  HOH HOH A . 
D 4 HOH 23  225 23  HOH HOH A . 
D 4 HOH 24  226 24  HOH HOH A . 
D 4 HOH 25  227 25  HOH HOH A . 
D 4 HOH 26  228 26  HOH HOH A . 
D 4 HOH 27  229 27  HOH HOH A . 
D 4 HOH 28  230 28  HOH HOH A . 
D 4 HOH 29  231 29  HOH HOH A . 
D 4 HOH 30  232 30  HOH HOH A . 
D 4 HOH 31  233 31  HOH HOH A . 
D 4 HOH 32  234 32  HOH HOH A . 
D 4 HOH 33  235 33  HOH HOH A . 
D 4 HOH 34  236 34  HOH HOH A . 
D 4 HOH 35  237 35  HOH HOH A . 
D 4 HOH 36  238 36  HOH HOH A . 
D 4 HOH 37  239 37  HOH HOH A . 
D 4 HOH 38  240 38  HOH HOH A . 
D 4 HOH 39  241 39  HOH HOH A . 
D 4 HOH 40  242 40  HOH HOH A . 
D 4 HOH 41  243 41  HOH HOH A . 
D 4 HOH 42  244 42  HOH HOH A . 
D 4 HOH 43  245 43  HOH HOH A . 
D 4 HOH 44  246 44  HOH HOH A . 
D 4 HOH 45  247 45  HOH HOH A . 
D 4 HOH 46  248 46  HOH HOH A . 
D 4 HOH 47  249 47  HOH HOH A . 
D 4 HOH 48  250 48  HOH HOH A . 
D 4 HOH 49  251 49  HOH HOH A . 
D 4 HOH 50  252 50  HOH HOH A . 
D 4 HOH 51  253 51  HOH HOH A . 
D 4 HOH 52  254 52  HOH HOH A . 
D 4 HOH 53  255 53  HOH HOH A . 
D 4 HOH 54  256 54  HOH HOH A . 
D 4 HOH 55  257 55  HOH HOH A . 
D 4 HOH 56  258 56  HOH HOH A . 
D 4 HOH 57  259 57  HOH HOH A . 
D 4 HOH 58  260 58  HOH HOH A . 
D 4 HOH 59  261 59  HOH HOH A . 
D 4 HOH 60  262 60  HOH HOH A . 
D 4 HOH 61  263 61  HOH HOH A . 
D 4 HOH 62  264 62  HOH HOH A . 
D 4 HOH 63  265 63  HOH HOH A . 
D 4 HOH 64  266 64  HOH HOH A . 
D 4 HOH 65  267 65  HOH HOH A . 
D 4 HOH 66  268 66  HOH HOH A . 
D 4 HOH 67  269 67  HOH HOH A . 
D 4 HOH 68  270 68  HOH HOH A . 
D 4 HOH 69  271 69  HOH HOH A . 
D 4 HOH 70  272 70  HOH HOH A . 
D 4 HOH 71  273 71  HOH HOH A . 
D 4 HOH 72  274 72  HOH HOH A . 
D 4 HOH 73  275 73  HOH HOH A . 
D 4 HOH 74  276 74  HOH HOH A . 
D 4 HOH 75  277 75  HOH HOH A . 
D 4 HOH 76  278 76  HOH HOH A . 
D 4 HOH 77  279 77  HOH HOH A . 
D 4 HOH 78  280 78  HOH HOH A . 
D 4 HOH 79  281 79  HOH HOH A . 
D 4 HOH 80  282 80  HOH HOH A . 
D 4 HOH 81  283 81  HOH HOH A . 
D 4 HOH 82  284 82  HOH HOH A . 
D 4 HOH 83  285 83  HOH HOH A . 
D 4 HOH 84  286 84  HOH HOH A . 
D 4 HOH 85  287 85  HOH HOH A . 
D 4 HOH 86  288 86  HOH HOH A . 
D 4 HOH 87  289 87  HOH HOH A . 
D 4 HOH 88  290 88  HOH HOH A . 
D 4 HOH 89  291 89  HOH HOH A . 
D 4 HOH 90  292 90  HOH HOH A . 
D 4 HOH 91  293 91  HOH HOH A . 
D 4 HOH 92  294 92  HOH HOH A . 
D 4 HOH 93  295 93  HOH HOH A . 
D 4 HOH 94  296 94  HOH HOH A . 
D 4 HOH 95  297 95  HOH HOH A . 
D 4 HOH 96  298 96  HOH HOH A . 
D 4 HOH 97  299 97  HOH HOH A . 
D 4 HOH 98  300 98  HOH HOH A . 
D 4 HOH 99  301 99  HOH HOH A . 
D 4 HOH 100 302 100 HOH HOH A . 
# 
loop_
_pdbx_unobs_or_zero_occ_atoms.id 
_pdbx_unobs_or_zero_occ_atoms.PDB_model_num 
_pdbx_unobs_or_zero_occ_atoms.polymer_flag 
_pdbx_unobs_or_zero_occ_atoms.occupancy_flag 
_pdbx_unobs_or_zero_occ_atoms.auth_asym_id 
_pdbx_unobs_or_zero_occ_atoms.auth_comp_id 
_pdbx_unobs_or_zero_occ_atoms.auth_seq_id 
_pdbx_unobs_or_zero_occ_atoms.PDB_ins_code 
_pdbx_unobs_or_zero_occ_atoms.auth_atom_id 
_pdbx_unobs_or_zero_occ_atoms.label_alt_id 
_pdbx_unobs_or_zero_occ_atoms.label_asym_id 
_pdbx_unobs_or_zero_occ_atoms.label_comp_id 
_pdbx_unobs_or_zero_occ_atoms.label_seq_id 
_pdbx_unobs_or_zero_occ_atoms.label_atom_id 
1 1 Y 1 A GLU 3 ? CG  ? A GLU 3 CG  
2 1 Y 1 A GLU 3 ? CD  ? A GLU 3 CD  
3 1 Y 1 A GLU 3 ? OE1 ? A GLU 3 OE1 
4 1 Y 1 A GLU 3 ? OE2 ? A GLU 3 OE2 
# 
loop_
_software.name 
_software.classification 
_software.version 
_software.citation_id 
_software.pdbx_ordinal 
REFMAC    refinement       5.2.0005 ? 1 
DENZO     'data reduction' .        ? 2 
SCALEPACK 'data scaling'   .        ? 3 
HKL-3000  phasing          .        ? 4 
# 
_cell.entry_id           2ATZ 
_cell.length_a           77.093 
_cell.length_b           77.093 
_cell.length_c           118.187 
_cell.angle_alpha        90.00 
_cell.angle_beta         90.00 
_cell.angle_gamma        120.00 
_cell.Z_PDB              12 
_cell.pdbx_unique_axis   ? 
_cell.length_a_esd       ? 
_cell.length_b_esd       ? 
_cell.length_c_esd       ? 
_cell.angle_alpha_esd    ? 
_cell.angle_beta_esd     ? 
_cell.angle_gamma_esd    ? 
# 
_symmetry.entry_id                         2ATZ 
_symmetry.space_group_name_H-M             'P 61 2 2' 
_symmetry.pdbx_full_space_group_name_H-M   ? 
_symmetry.cell_setting                     ? 
_symmetry.Int_Tables_number                178 
_symmetry.space_group_name_Hall            ? 
# 
_exptl.entry_id          2ATZ 
_exptl.method            'X-RAY DIFFRACTION' 
_exptl.crystals_number   1 
# 
_exptl_crystal.id                    1 
_exptl_crystal.density_meas          ? 
_exptl_crystal.density_Matthews      2.4 
_exptl_crystal.density_percent_sol   48.1 
_exptl_crystal.description           ? 
_exptl_crystal.F_000                 ? 
_exptl_crystal.preparation           ? 
# 
_exptl_crystal_grow.crystal_id      1 
_exptl_crystal_grow.method          'VAPOR DIFFUSION, SITTING DROP' 
_exptl_crystal_grow.temp            297 
_exptl_crystal_grow.temp_details    ? 
_exptl_crystal_grow.pH              7.4 
_exptl_crystal_grow.pdbx_details    'Tris, CL, PEG3350, pH 7.4, VAPOR DIFFUSION, SITTING DROP, temperature 297K' 
_exptl_crystal_grow.pdbx_pH_range   . 
# 
_diffrn.id                     1 
_diffrn.ambient_temp           100 
_diffrn.ambient_temp_details   ? 
_diffrn.crystal_id             1 
# 
_diffrn_detector.diffrn_id              1 
_diffrn_detector.detector               CCD 
_diffrn_detector.type                   'ADSC QUANTUM 4' 
_diffrn_detector.pdbx_collection_date   2005-04-19 
_diffrn_detector.details                ? 
# 
_diffrn_radiation.diffrn_id                        1 
_diffrn_radiation.wavelength_id                    1 
_diffrn_radiation.pdbx_monochromatic_or_laue_m_l   M 
_diffrn_radiation.monochromator                    'double crystal' 
_diffrn_radiation.pdbx_diffrn_protocol             'SINGLE WAVELENGTH' 
_diffrn_radiation.pdbx_scattering_type             x-ray 
# 
_diffrn_radiation_wavelength.id           1 
_diffrn_radiation_wavelength.wavelength   0.97929 
_diffrn_radiation_wavelength.wt           1.0 
# 
_diffrn_source.diffrn_id                   1 
_diffrn_source.source                      SYNCHROTRON 
_diffrn_source.type                        'APS BEAMLINE 19-ID' 
_diffrn_source.pdbx_synchrotron_site       APS 
_diffrn_source.pdbx_synchrotron_beamline   19-ID 
_diffrn_source.pdbx_wavelength             ? 
_diffrn_source.pdbx_wavelength_list        0.97929 
# 
_reflns.entry_id                     2ATZ 
_reflns.observed_criterion_sigma_F   ? 
_reflns.observed_criterion_sigma_I   -3 
_reflns.d_resolution_high            2.00 
_reflns.d_resolution_low             50 
_reflns.number_all                   14694 
_reflns.number_obs                   14653 
_reflns.percent_possible_obs         99.7 
_reflns.pdbx_Rmerge_I_obs            0.107 
_reflns.pdbx_Rsym_value              ? 
_reflns.pdbx_netI_over_sigmaI        63.1 
_reflns.B_iso_Wilson_estimate        ? 
_reflns.pdbx_redundancy              19.5 
_reflns.R_free_details               ? 
_reflns.limit_h_max                  ? 
_reflns.limit_h_min                  ? 
_reflns.limit_k_max                  ? 
_reflns.limit_k_min                  ? 
_reflns.limit_l_max                  ? 
_reflns.limit_l_min                  ? 
_reflns.observed_criterion_F_max     ? 
_reflns.observed_criterion_F_min     ? 
_reflns.pdbx_chi_squared             ? 
_reflns.pdbx_scaling_rejects         ? 
_reflns.pdbx_ordinal                 1 
_reflns.pdbx_diffrn_id               1 
# 
_reflns_shell.d_res_high             2.00 
_reflns_shell.d_res_low              2.07 
_reflns_shell.percent_possible_all   97.3 
_reflns_shell.Rmerge_I_obs           0.354 
_reflns_shell.pdbx_Rsym_value        ? 
_reflns_shell.meanI_over_sigI_obs    4.95 
_reflns_shell.pdbx_redundancy        7.6 
_reflns_shell.percent_possible_obs   ? 
_reflns_shell.number_unique_all      1385 
_reflns_shell.number_measured_all    ? 
_reflns_shell.number_measured_obs    ? 
_reflns_shell.number_unique_obs      ? 
_reflns_shell.pdbx_chi_squared       ? 
_reflns_shell.pdbx_ordinal           1 
_reflns_shell.pdbx_diffrn_id         1 
# 
_refine.entry_id                                 2ATZ 
_refine.ls_number_reflns_obs                     14606 
_refine.ls_number_reflns_all                     14606 
_refine.pdbx_ls_sigma_I                          ? 
_refine.pdbx_ls_sigma_F                          0 
_refine.pdbx_data_cutoff_high_absF               ? 
_refine.pdbx_data_cutoff_low_absF                ? 
_refine.pdbx_data_cutoff_high_rms_absF           ? 
_refine.ls_d_res_low                             50.00 
_refine.ls_d_res_high                            2.00 
_refine.ls_percent_reflns_obs                    99.73 
_refine.ls_R_factor_obs                          0.20069 
_refine.ls_R_factor_all                          0.20069 
_refine.ls_R_factor_R_work                       0.19789 
_refine.ls_R_factor_R_free                       0.25567 
_refine.ls_R_factor_R_free_error                 ? 
_refine.ls_R_factor_R_free_error_details         ? 
_refine.ls_percent_reflns_R_free                 5.0 
_refine.ls_number_reflns_R_free                  734 
_refine.ls_number_parameters                     ? 
_refine.ls_number_restraints                     ? 
_refine.occupancy_min                            ? 
_refine.occupancy_max                            ? 
_refine.correlation_coeff_Fo_to_Fc               0.950 
_refine.correlation_coeff_Fo_to_Fc_free          0.925 
_refine.B_iso_mean                               43.648 
_refine.aniso_B[1][1]                            -0.25 
_refine.aniso_B[2][2]                            -0.25 
_refine.aniso_B[3][3]                            0.37 
_refine.aniso_B[1][2]                            -0.12 
_refine.aniso_B[1][3]                            0.00 
_refine.aniso_B[2][3]                            0.00 
_refine.solvent_model_details                    MASK 
_refine.solvent_model_param_ksol                 ? 
_refine.solvent_model_param_bsol                 ? 
_refine.pdbx_solvent_vdw_probe_radii             1.20 
_refine.pdbx_solvent_ion_probe_radii             0.80 
_refine.pdbx_solvent_shrinkage_radii             0.80 
_refine.pdbx_ls_cross_valid_method               THROUGHOUT 
_refine.details                                  'HYDROGENS HAVE BEEN ADDED IN THE RIDING POSITIONS' 
_refine.pdbx_starting_model                      ? 
_refine.pdbx_method_to_determine_struct          SAD 
_refine.pdbx_isotropic_thermal_model             ? 
_refine.pdbx_stereochemistry_target_values       'MAXIMUM LIKELIHOOD' 
_refine.pdbx_stereochem_target_val_spec_case     ? 
_refine.pdbx_R_Free_selection_details            RANDOM 
_refine.pdbx_overall_ESU_R                       0.186 
_refine.pdbx_overall_ESU_R_Free                  0.177 
_refine.overall_SU_ML                            0.122 
_refine.overall_SU_B                             7.629 
_refine.ls_redundancy_reflns_obs                 ? 
_refine.B_iso_min                                ? 
_refine.B_iso_max                                ? 
_refine.overall_SU_R_Cruickshank_DPI             ? 
_refine.overall_SU_R_free                        ? 
_refine.ls_wR_factor_R_free                      ? 
_refine.ls_wR_factor_R_work                      ? 
_refine.overall_FOM_free_R_set                   ? 
_refine.overall_FOM_work_R_set                   ? 
_refine.pdbx_refine_id                           'X-RAY DIFFRACTION' 
_refine.pdbx_TLS_residual_ADP_flag               'LIKELY RESIDUAL' 
_refine.pdbx_diffrn_id                           1 
_refine.pdbx_overall_phase_error                 ? 
_refine.pdbx_overall_SU_R_free_Cruickshank_DPI   ? 
_refine.pdbx_overall_SU_R_Blow_DPI               ? 
_refine.pdbx_overall_SU_R_free_Blow_DPI          ? 
# 
_refine_hist.pdbx_refine_id                   'X-RAY DIFFRACTION' 
_refine_hist.cycle_id                         LAST 
_refine_hist.pdbx_number_atoms_protein        1461 
_refine_hist.pdbx_number_atoms_nucleic_acid   0 
_refine_hist.pdbx_number_atoms_ligand         35 
_refine_hist.number_atoms_solvent             100 
_refine_hist.number_atoms_total               1596 
_refine_hist.d_res_high                       2.00 
_refine_hist.d_res_low                        50.00 
# 
loop_
_refine_ls_restr.type 
_refine_ls_restr.dev_ideal 
_refine_ls_restr.dev_ideal_target 
_refine_ls_restr.weight 
_refine_ls_restr.number 
_refine_ls_restr.pdbx_refine_id 
_refine_ls_restr.pdbx_restraint_function 
r_bond_refined_d             0.021  0.022  ? 1535 'X-RAY DIFFRACTION' ? 
r_bond_other_d               ?      ?      ? ?    'X-RAY DIFFRACTION' ? 
r_angle_refined_deg          1.906  1.979  ? 2070 'X-RAY DIFFRACTION' ? 
r_angle_other_deg            ?      ?      ? ?    'X-RAY DIFFRACTION' ? 
r_dihedral_angle_1_deg       7.552  5.000  ? 175  'X-RAY DIFFRACTION' ? 
r_dihedral_angle_2_deg       34.181 23.467 ? 75   'X-RAY DIFFRACTION' ? 
r_dihedral_angle_3_deg       18.721 15.000 ? 279  'X-RAY DIFFRACTION' ? 
r_dihedral_angle_4_deg       17.594 15.000 ? 10   'X-RAY DIFFRACTION' ? 
r_chiral_restr               0.133  0.200  ? 211  'X-RAY DIFFRACTION' ? 
r_gen_planes_refined         0.008  0.020  ? 1146 'X-RAY DIFFRACTION' ? 
r_gen_planes_other           ?      ?      ? ?    'X-RAY DIFFRACTION' ? 
r_nbd_refined                0.215  0.200  ? 662  'X-RAY DIFFRACTION' ? 
r_nbd_other                  ?      ?      ? ?    'X-RAY DIFFRACTION' ? 
r_nbtor_refined              0.310  0.200  ? 992  'X-RAY DIFFRACTION' ? 
r_nbtor_other                ?      ?      ? ?    'X-RAY DIFFRACTION' ? 
r_xyhbond_nbd_refined        0.201  0.200  ? 96   'X-RAY DIFFRACTION' ? 
r_xyhbond_nbd_other          ?      ?      ? ?    'X-RAY DIFFRACTION' ? 
r_metal_ion_refined          ?      ?      ? ?    'X-RAY DIFFRACTION' ? 
r_metal_ion_other            ?      ?      ? ?    'X-RAY DIFFRACTION' ? 
r_symmetry_vdw_refined       0.328  0.200  ? 49   'X-RAY DIFFRACTION' ? 
r_symmetry_vdw_other         ?      ?      ? ?    'X-RAY DIFFRACTION' ? 
r_symmetry_hbond_refined     0.217  0.200  ? 9    'X-RAY DIFFRACTION' ? 
r_symmetry_hbond_other       ?      ?      ? ?    'X-RAY DIFFRACTION' ? 
r_symmetry_metal_ion_refined ?      ?      ? ?    'X-RAY DIFFRACTION' ? 
r_symmetry_metal_ion_other   ?      ?      ? ?    'X-RAY DIFFRACTION' ? 
r_mcbond_it                  1.773  2.000  ? 902  'X-RAY DIFFRACTION' ? 
r_mcbond_other               ?      ?      ? ?    'X-RAY DIFFRACTION' ? 
r_mcangle_it                 2.580  3.000  ? 1406 'X-RAY DIFFRACTION' ? 
r_scbond_it                  2.160  2.000  ? 736  'X-RAY DIFFRACTION' ? 
r_scangle_it                 3.163  3.000  ? 664  'X-RAY DIFFRACTION' ? 
r_rigid_bond_restr           ?      ?      ? ?    'X-RAY DIFFRACTION' ? 
r_sphericity_free            ?      ?      ? ?    'X-RAY DIFFRACTION' ? 
r_sphericity_bonded          ?      ?      ? ?    'X-RAY DIFFRACTION' ? 
# 
_refine_ls_shell.pdbx_total_number_of_bins_used   20 
_refine_ls_shell.d_res_high                       2.000 
_refine_ls_shell.d_res_low                        2.052 
_refine_ls_shell.number_reflns_R_work             958 
_refine_ls_shell.R_factor_R_work                  0.229 
_refine_ls_shell.percent_reflns_obs               96.57 
_refine_ls_shell.R_factor_R_free                  0.311 
_refine_ls_shell.R_factor_R_free_error            ? 
_refine_ls_shell.percent_reflns_R_free            ? 
_refine_ls_shell.number_reflns_R_free             56 
_refine_ls_shell.number_reflns_obs                ? 
_refine_ls_shell.redundancy_reflns_obs            ? 
_refine_ls_shell.number_reflns_all                ? 
_refine_ls_shell.R_factor_all                     ? 
_refine_ls_shell.pdbx_refine_id                   'X-RAY DIFFRACTION' 
# 
_struct.entry_id                  2ATZ 
_struct.title                     'Crystal structure of protein HP0184 from Helicobacter pylori' 
_struct.pdbx_model_details        ? 
_struct.pdbx_CASP_flag            ? 
_struct.pdbx_model_type_details   ? 
# 
_struct_keywords.entry_id        2ATZ 
_struct_keywords.pdbx_keywords   'STRUCTURAL GENOMICS, UNKNOWN FUNCTION' 
_struct_keywords.text            
;Structural genomics, Helicobacter pylori, PSI, Protein Structure Initiative, Midwest Center for Structural Genomics, MCSG, UNKNOWN FUNCTION
;
# 
loop_
_struct_asym.id 
_struct_asym.pdbx_blank_PDB_chainid_flag 
_struct_asym.pdbx_modified 
_struct_asym.entity_id 
_struct_asym.details 
A N N 1 ? 
B N N 2 ? 
C N N 3 ? 
D N N 4 ? 
# 
_struct_ref.id                         1 
_struct_ref.db_name                    UNP 
_struct_ref.db_code                    O24984_HELPY 
_struct_ref.pdbx_db_accession          O24984 
_struct_ref.entity_id                  1 
_struct_ref.pdbx_seq_one_letter_code   
;MTEMELKLIKIDTSHYFEKKPGLGERVDYAGRCFYNKFQRVNAMLTSSLIQKHLKREIEIAHNLILRNDKVENIVFDYNG
RNPERFYHKAQLLLREEGFMNFTAYNTKTPGHLHLYVHKGHTELGEGERLVKTLSMKLAQGLPKEWKVFPSNEWPKEFNI
LALPYEVFAKERGSSWAKHL
;
_struct_ref.pdbx_align_begin           1 
_struct_ref.pdbx_db_isoform            ? 
# 
_struct_ref_seq.align_id                      1 
_struct_ref_seq.ref_id                        1 
_struct_ref_seq.pdbx_PDB_id_code              2ATZ 
_struct_ref_seq.pdbx_strand_id                A 
_struct_ref_seq.seq_align_beg                 1 
_struct_ref_seq.pdbx_seq_align_beg_ins_code   ? 
_struct_ref_seq.seq_align_end                 180 
_struct_ref_seq.pdbx_seq_align_end_ins_code   ? 
_struct_ref_seq.pdbx_db_accession             O24984 
_struct_ref_seq.db_align_beg                  1 
_struct_ref_seq.pdbx_db_align_beg_ins_code    ? 
_struct_ref_seq.db_align_end                  180 
_struct_ref_seq.pdbx_db_align_end_ins_code    ? 
_struct_ref_seq.pdbx_auth_seq_align_beg       1 
_struct_ref_seq.pdbx_auth_seq_align_end       180 
# 
loop_
_struct_ref_seq_dif.align_id 
_struct_ref_seq_dif.pdbx_pdb_id_code 
_struct_ref_seq_dif.mon_id 
_struct_ref_seq_dif.pdbx_pdb_strand_id 
_struct_ref_seq_dif.seq_num 
_struct_ref_seq_dif.pdbx_pdb_ins_code 
_struct_ref_seq_dif.pdbx_seq_db_name 
_struct_ref_seq_dif.pdbx_seq_db_accession_code 
_struct_ref_seq_dif.db_mon_id 
_struct_ref_seq_dif.pdbx_seq_db_seq_num 
_struct_ref_seq_dif.details 
_struct_ref_seq_dif.pdbx_auth_seq_num 
_struct_ref_seq_dif.pdbx_ordinal 
1 2ATZ MSE A 1   ? UNP O24984 MET 1   'modified residue' 1   1 
1 2ATZ MSE A 4   ? UNP O24984 MET 4   'modified residue' 4   2 
1 2ATZ MSE A 44  ? UNP O24984 MET 44  'modified residue' 44  3 
1 2ATZ MSE A 100 ? UNP O24984 MET 100 'modified residue' 100 4 
1 2ATZ MSE A 136 ? UNP O24984 MET 136 'modified residue' 136 5 
# 
_pdbx_struct_assembly.id                   1 
_pdbx_struct_assembly.details              author_defined_assembly 
_pdbx_struct_assembly.method_details       ? 
_pdbx_struct_assembly.oligomeric_details   monomeric 
_pdbx_struct_assembly.oligomeric_count     1 
# 
_pdbx_struct_assembly_gen.assembly_id       1 
_pdbx_struct_assembly_gen.oper_expression   1 
_pdbx_struct_assembly_gen.asym_id_list      A,B,C,D 
# 
_pdbx_struct_oper_list.id                   1 
_pdbx_struct_oper_list.type                 'identity operation' 
_pdbx_struct_oper_list.name                 1_555 
_pdbx_struct_oper_list.symmetry_operation   x,y,z 
_pdbx_struct_oper_list.matrix[1][1]         1.0000000000 
_pdbx_struct_oper_list.matrix[1][2]         0.0000000000 
_pdbx_struct_oper_list.matrix[1][3]         0.0000000000 
_pdbx_struct_oper_list.vector[1]            0.0000000000 
_pdbx_struct_oper_list.matrix[2][1]         0.0000000000 
_pdbx_struct_oper_list.matrix[2][2]         1.0000000000 
_pdbx_struct_oper_list.matrix[2][3]         0.0000000000 
_pdbx_struct_oper_list.vector[2]            0.0000000000 
_pdbx_struct_oper_list.matrix[3][1]         0.0000000000 
_pdbx_struct_oper_list.matrix[3][2]         0.0000000000 
_pdbx_struct_oper_list.matrix[3][3]         1.0000000000 
_pdbx_struct_oper_list.vector[3]            0.0000000000 
# 
_struct_biol.id   1 
# 
loop_
_struct_conf.conf_type_id 
_struct_conf.id 
_struct_conf.pdbx_PDB_helix_id 
_struct_conf.beg_label_comp_id 
_struct_conf.beg_label_asym_id 
_struct_conf.beg_label_seq_id 
_struct_conf.pdbx_beg_PDB_ins_code 
_struct_conf.end_label_comp_id 
_struct_conf.end_label_asym_id 
_struct_conf.end_label_seq_id 
_struct_conf.pdbx_end_PDB_ins_code 
_struct_conf.beg_auth_comp_id 
_struct_conf.beg_auth_asym_id 
_struct_conf.beg_auth_seq_id 
_struct_conf.end_auth_comp_id 
_struct_conf.end_auth_asym_id 
_struct_conf.end_auth_seq_id 
_struct_conf.pdbx_PDB_helix_class 
_struct_conf.details 
_struct_conf.pdbx_PDB_helix_length 
HELX_P HELX_P1 1 THR A 46  ? LYS A 55  ? THR A 46  LYS A 55  1 ? 10 
HELX_P HELX_P2 2 ASN A 82  ? GLU A 97  ? ASN A 82  GLU A 97  1 ? 16 
HELX_P HELX_P3 3 LEU A 124 ? GLN A 140 ? LEU A 124 GLN A 140 1 ? 17 
HELX_P HELX_P4 4 PRO A 155 ? PHE A 158 ? PRO A 155 PHE A 158 5 ? 4  
# 
_struct_conf_type.id          HELX_P 
_struct_conf_type.criteria    ? 
_struct_conf_type.reference   ? 
# 
loop_
_struct_conn.id 
_struct_conn.conn_type_id 
_struct_conn.pdbx_leaving_atom_flag 
_struct_conn.pdbx_PDB_id 
_struct_conn.ptnr1_label_asym_id 
_struct_conn.ptnr1_label_comp_id 
_struct_conn.ptnr1_label_seq_id 
_struct_conn.ptnr1_label_atom_id 
_struct_conn.pdbx_ptnr1_label_alt_id 
_struct_conn.pdbx_ptnr1_PDB_ins_code 
_struct_conn.pdbx_ptnr1_standard_comp_id 
_struct_conn.ptnr1_symmetry 
_struct_conn.ptnr2_label_asym_id 
_struct_conn.ptnr2_label_comp_id 
_struct_conn.ptnr2_label_seq_id 
_struct_conn.ptnr2_label_atom_id 
_struct_conn.pdbx_ptnr2_label_alt_id 
_struct_conn.pdbx_ptnr2_PDB_ins_code 
_struct_conn.ptnr1_auth_asym_id 
_struct_conn.ptnr1_auth_comp_id 
_struct_conn.ptnr1_auth_seq_id 
_struct_conn.ptnr2_auth_asym_id 
_struct_conn.ptnr2_auth_comp_id 
_struct_conn.ptnr2_auth_seq_id 
_struct_conn.ptnr2_symmetry 
_struct_conn.pdbx_ptnr3_label_atom_id 
_struct_conn.pdbx_ptnr3_label_seq_id 
_struct_conn.pdbx_ptnr3_label_comp_id 
_struct_conn.pdbx_ptnr3_label_asym_id 
_struct_conn.pdbx_ptnr3_label_alt_id 
_struct_conn.pdbx_ptnr3_PDB_ins_code 
_struct_conn.details 
_struct_conn.pdbx_dist_value 
_struct_conn.pdbx_value_order 
_struct_conn.pdbx_role 
disulf1 disulf ?    ? A CYS 33  SG ? ? ? 1_555 A CYS 33  SG ? ? A CYS 33  A CYS 33  10_664 ? ? ? ? ? ? ? 2.857 ? ? 
covale1 covale both ? A GLU 3   C  ? ? ? 1_555 A MSE 4   N  ? ? A GLU 3   A MSE 4   1_555  ? ? ? ? ? ? ? 1.336 ? ? 
covale2 covale both ? A MSE 4   C  ? ? ? 1_555 A GLU 5   N  ? ? A MSE 4   A GLU 5   1_555  ? ? ? ? ? ? ? 1.333 ? ? 
covale3 covale both ? A ALA 43  C  ? ? ? 1_555 A MSE 44  N  ? ? A ALA 43  A MSE 44  1_555  ? ? ? ? ? ? ? 1.323 ? ? 
covale4 covale both ? A MSE 44  C  ? ? ? 1_555 A LEU 45  N  ? ? A MSE 44  A LEU 45  1_555  ? ? ? ? ? ? ? 1.329 ? ? 
covale5 covale both ? A PHE 99  C  ? ? ? 1_555 A MSE 100 N  ? ? A PHE 99  A MSE 100 1_555  ? ? ? ? ? ? ? 1.326 ? ? 
covale6 covale both ? A MSE 100 C  ? ? ? 1_555 A ASN 101 N  ? ? A MSE 100 A ASN 101 1_555  ? ? ? ? ? ? ? 1.340 ? ? 
covale7 covale both ? A SER 135 C  ? ? ? 1_555 A MSE 136 N  ? ? A SER 135 A MSE 136 1_555  ? ? ? ? ? ? ? 1.328 ? ? 
covale8 covale both ? A MSE 136 C  ? ? ? 1_555 A LYS 137 N  ? ? A MSE 136 A LYS 137 1_555  ? ? ? ? ? ? ? 1.338 ? ? 
# 
loop_
_struct_conn_type.id 
_struct_conn_type.criteria 
_struct_conn_type.reference 
disulf ? ? 
covale ? ? 
# 
loop_
_pdbx_modification_feature.ordinal 
_pdbx_modification_feature.label_comp_id 
_pdbx_modification_feature.label_asym_id 
_pdbx_modification_feature.label_seq_id 
_pdbx_modification_feature.label_alt_id 
_pdbx_modification_feature.modified_residue_label_comp_id 
_pdbx_modification_feature.modified_residue_label_asym_id 
_pdbx_modification_feature.modified_residue_label_seq_id 
_pdbx_modification_feature.modified_residue_label_alt_id 
_pdbx_modification_feature.auth_comp_id 
_pdbx_modification_feature.auth_asym_id 
_pdbx_modification_feature.auth_seq_id 
_pdbx_modification_feature.PDB_ins_code 
_pdbx_modification_feature.symmetry 
_pdbx_modification_feature.modified_residue_auth_comp_id 
_pdbx_modification_feature.modified_residue_auth_asym_id 
_pdbx_modification_feature.modified_residue_auth_seq_id 
_pdbx_modification_feature.modified_residue_PDB_ins_code 
_pdbx_modification_feature.modified_residue_symmetry 
_pdbx_modification_feature.comp_id_linking_atom 
_pdbx_modification_feature.modified_residue_id_linking_atom 
_pdbx_modification_feature.modified_residue_id 
_pdbx_modification_feature.ref_pcm_id 
_pdbx_modification_feature.ref_comp_id 
_pdbx_modification_feature.type 
_pdbx_modification_feature.category 
1 MSE A 4   ? .   . .  . MSE A 4   ? 1_555 .   . .  . .      .  .  MET 1 MSE Selenomethionine 'Named protein modification' 
2 MSE A 44  ? .   . .  . MSE A 44  ? 1_555 .   . .  . .      .  .  MET 1 MSE Selenomethionine 'Named protein modification' 
3 MSE A 100 ? .   . .  . MSE A 100 ? 1_555 .   . .  . .      .  .  MET 1 MSE Selenomethionine 'Named protein modification' 
4 MSE A 136 ? .   . .  . MSE A 136 ? 1_555 .   . .  . .      .  .  MET 1 MSE Selenomethionine 'Named protein modification' 
5 CYS A 33  ? CYS A 33 ? CYS A 33  ? 1_555 CYS A 33 ? 10_664 SG SG .   . .   None             'Disulfide bridge'           
# 
_struct_mon_prot_cis.pdbx_id                1 
_struct_mon_prot_cis.label_comp_id          PHE 
_struct_mon_prot_cis.label_seq_id           149 
_struct_mon_prot_cis.label_asym_id          A 
_struct_mon_prot_cis.label_alt_id           . 
_struct_mon_prot_cis.pdbx_PDB_ins_code      ? 
_struct_mon_prot_cis.auth_comp_id           PHE 
_struct_mon_prot_cis.auth_seq_id            149 
_struct_mon_prot_cis.auth_asym_id           A 
_struct_mon_prot_cis.pdbx_label_comp_id_2   PRO 
_struct_mon_prot_cis.pdbx_label_seq_id_2    150 
_struct_mon_prot_cis.pdbx_label_asym_id_2   A 
_struct_mon_prot_cis.pdbx_PDB_ins_code_2    ? 
_struct_mon_prot_cis.pdbx_auth_comp_id_2    PRO 
_struct_mon_prot_cis.pdbx_auth_seq_id_2     150 
_struct_mon_prot_cis.pdbx_auth_asym_id_2    A 
_struct_mon_prot_cis.pdbx_PDB_model_num     1 
_struct_mon_prot_cis.pdbx_omega_angle       -3.85 
# 
loop_
_struct_sheet.id 
_struct_sheet.type 
_struct_sheet.number_strands 
_struct_sheet.details 
A ? 4 ? 
B ? 2 ? 
C ? 2 ? 
D ? 5 ? 
# 
loop_
_struct_sheet_order.sheet_id 
_struct_sheet_order.range_id_1 
_struct_sheet_order.range_id_2 
_struct_sheet_order.offset 
_struct_sheet_order.sense 
A 1 2 ? anti-parallel 
A 2 3 ? anti-parallel 
A 3 4 ? anti-parallel 
B 1 2 ? anti-parallel 
C 1 2 ? anti-parallel 
D 1 2 ? anti-parallel 
D 2 3 ? anti-parallel 
D 3 4 ? anti-parallel 
D 4 5 ? anti-parallel 
# 
loop_
_struct_sheet_range.sheet_id 
_struct_sheet_range.id 
_struct_sheet_range.beg_label_comp_id 
_struct_sheet_range.beg_label_asym_id 
_struct_sheet_range.beg_label_seq_id 
_struct_sheet_range.pdbx_beg_PDB_ins_code 
_struct_sheet_range.end_label_comp_id 
_struct_sheet_range.end_label_asym_id 
_struct_sheet_range.end_label_seq_id 
_struct_sheet_range.pdbx_end_PDB_ins_code 
_struct_sheet_range.beg_auth_comp_id 
_struct_sheet_range.beg_auth_asym_id 
_struct_sheet_range.beg_auth_seq_id 
_struct_sheet_range.end_auth_comp_id 
_struct_sheet_range.end_auth_asym_id 
_struct_sheet_range.end_auth_seq_id 
A 1 PHE A 38  ? VAL A 41  ? PHE A 38  VAL A 41  
A 2 TYR A 16  ? LYS A 19  ? TYR A 16  LYS A 19  
A 3 ILE A 60  ? ASN A 63  ? ILE A 60  ASN A 63  
A 4 ILE A 160 ? ALA A 162 ? ILE A 160 ALA A 162 
B 1 GLU A 25  ? TYR A 29  ? GLU A 25  TYR A 29  
B 2 ARG A 32  ? ASN A 36  ? ARG A 32  ASN A 36  
C 1 LYS A 70  ? VAL A 71  ? LYS A 70  VAL A 71  
C 2 THR A 122 ? GLU A 123 ? THR A 122 GLU A 123 
D 1 TRP A 146 ? PHE A 149 ? TRP A 146 PHE A 149 
D 2 ILE A 74  ? TYR A 78  ? ILE A 74  TYR A 78  
D 3 LEU A 113 ? VAL A 117 ? LEU A 113 VAL A 117 
D 4 PHE A 102 ? ASN A 106 ? PHE A 102 ASN A 106 
D 5 GLU A 166 ? GLU A 171 ? GLU A 166 GLU A 171 
# 
loop_
_pdbx_struct_sheet_hbond.sheet_id 
_pdbx_struct_sheet_hbond.range_id_1 
_pdbx_struct_sheet_hbond.range_id_2 
_pdbx_struct_sheet_hbond.range_1_label_atom_id 
_pdbx_struct_sheet_hbond.range_1_label_comp_id 
_pdbx_struct_sheet_hbond.range_1_label_asym_id 
_pdbx_struct_sheet_hbond.range_1_label_seq_id 
_pdbx_struct_sheet_hbond.range_1_PDB_ins_code 
_pdbx_struct_sheet_hbond.range_1_auth_atom_id 
_pdbx_struct_sheet_hbond.range_1_auth_comp_id 
_pdbx_struct_sheet_hbond.range_1_auth_asym_id 
_pdbx_struct_sheet_hbond.range_1_auth_seq_id 
_pdbx_struct_sheet_hbond.range_2_label_atom_id 
_pdbx_struct_sheet_hbond.range_2_label_comp_id 
_pdbx_struct_sheet_hbond.range_2_label_asym_id 
_pdbx_struct_sheet_hbond.range_2_label_seq_id 
_pdbx_struct_sheet_hbond.range_2_PDB_ins_code 
_pdbx_struct_sheet_hbond.range_2_auth_atom_id 
_pdbx_struct_sheet_hbond.range_2_auth_comp_id 
_pdbx_struct_sheet_hbond.range_2_auth_asym_id 
_pdbx_struct_sheet_hbond.range_2_auth_seq_id 
A 1 2 O VAL A 41  ? O VAL A 41  N TYR A 16  ? N TYR A 16  
A 2 3 N PHE A 17  ? N PHE A 17  O ALA A 61  ? O ALA A 61  
A 3 4 N HIS A 62  ? N HIS A 62  O LEU A 161 ? O LEU A 161 
B 1 2 N GLU A 25  ? N GLU A 25  O ASN A 36  ? O ASN A 36  
C 1 2 N VAL A 71  ? N VAL A 71  O THR A 122 ? O THR A 122 
D 1 2 O LYS A 147 ? O LYS A 147 N ASP A 77  ? N ASP A 77  
D 2 3 N ILE A 74  ? N ILE A 74  O VAL A 117 ? O VAL A 117 
D 3 4 O TYR A 116 ? O TYR A 116 N THR A 103 ? N THR A 103 
D 4 5 N ALA A 104 ? N ALA A 104 O PHE A 168 ? O PHE A 168 
# 
loop_
_struct_site.id 
_struct_site.pdbx_evidence_code 
_struct_site.pdbx_auth_asym_id 
_struct_site.pdbx_auth_comp_id 
_struct_site.pdbx_auth_seq_id 
_struct_site.pdbx_auth_ins_code 
_struct_site.pdbx_num_residues 
_struct_site.details 
AC1 Software A DGT 201 ? 24 'BINDING SITE FOR RESIDUE DGT A 201' 
AC2 Software A EDO 202 ? 6  'BINDING SITE FOR RESIDUE EDO A 202' 
# 
loop_
_struct_site_gen.id 
_struct_site_gen.site_id 
_struct_site_gen.pdbx_num_res 
_struct_site_gen.label_comp_id 
_struct_site_gen.label_asym_id 
_struct_site_gen.label_seq_id 
_struct_site_gen.pdbx_auth_ins_code 
_struct_site_gen.auth_comp_id 
_struct_site_gen.auth_asym_id 
_struct_site_gen.auth_seq_id 
_struct_site_gen.label_atom_id 
_struct_site_gen.label_alt_id 
_struct_site_gen.symmetry 
_struct_site_gen.details 
1  AC1 24 TYR A 35  ? TYR A 35  . ? 1_555  ? 
2  AC1 24 ASN A 36  ? ASN A 36  . ? 1_555  ? 
3  AC1 24 LYS A 37  ? LYS A 37  . ? 1_555  ? 
4  AC1 24 PHE A 38  ? PHE A 38  . ? 1_555  ? 
5  AC1 24 ASP A 77  ? ASP A 77  . ? 1_555  ? 
6  AC1 24 ASN A 79  ? ASN A 79  . ? 1_555  ? 
7  AC1 24 THR A 107 ? THR A 107 . ? 1_555  ? 
8  AC1 24 LYS A 108 ? LYS A 108 . ? 1_555  ? 
9  AC1 24 THR A 109 ? THR A 109 . ? 1_555  ? 
10 AC1 24 HIS A 112 ? HIS A 112 . ? 1_555  ? 
11 AC1 24 HIS A 114 ? HIS A 114 . ? 1_555  ? 
12 AC1 24 LYS A 147 ? LYS A 147 . ? 1_555  ? 
13 AC1 24 PHE A 149 ? PHE A 149 . ? 1_555  ? 
14 AC1 24 GLU A 157 ? GLU A 157 . ? 1_555  ? 
15 AC1 24 PHE A 158 ? PHE A 158 . ? 1_555  ? 
16 AC1 24 ILE A 160 ? ILE A 160 . ? 1_555  ? 
17 AC1 24 LEU A 161 ? LEU A 161 . ? 1_555  ? 
18 AC1 24 ALA A 162 ? ALA A 162 . ? 1_555  ? 
19 AC1 24 HOH D .   ? HOH A 210 . ? 1_555  ? 
20 AC1 24 HOH D .   ? HOH A 212 . ? 1_555  ? 
21 AC1 24 HOH D .   ? HOH A 277 . ? 1_555  ? 
22 AC1 24 HOH D .   ? HOH A 278 . ? 1_555  ? 
23 AC1 24 HOH D .   ? HOH A 279 . ? 1_555  ? 
24 AC1 24 HOH D .   ? HOH A 292 . ? 1_555  ? 
25 AC2 6  GLU A 123 ? GLU A 123 . ? 1_555  ? 
26 AC2 6  LEU A 124 ? LEU A 124 . ? 12_565 ? 
27 AC2 6  GLY A 125 ? GLY A 125 . ? 1_555  ? 
28 AC2 6  GLU A 128 ? GLU A 128 . ? 12_565 ? 
29 AC2 6  LYS A 156 ? LYS A 156 . ? 12_565 ? 
30 AC2 6  HOH D .   ? HOH A 240 . ? 12_565 ? 
# 
_pdbx_entry_details.entry_id                   2ATZ 
_pdbx_entry_details.compound_details           ? 
_pdbx_entry_details.source_details             ? 
_pdbx_entry_details.nonpolymer_details         ? 
_pdbx_entry_details.sequence_details           ? 
_pdbx_entry_details.has_ligand_of_interest     ? 
_pdbx_entry_details.has_protein_modification   Y 
# 
loop_
_pdbx_validate_close_contact.id 
_pdbx_validate_close_contact.PDB_model_num 
_pdbx_validate_close_contact.auth_atom_id_1 
_pdbx_validate_close_contact.auth_asym_id_1 
_pdbx_validate_close_contact.auth_comp_id_1 
_pdbx_validate_close_contact.auth_seq_id_1 
_pdbx_validate_close_contact.PDB_ins_code_1 
_pdbx_validate_close_contact.label_alt_id_1 
_pdbx_validate_close_contact.auth_atom_id_2 
_pdbx_validate_close_contact.auth_asym_id_2 
_pdbx_validate_close_contact.auth_comp_id_2 
_pdbx_validate_close_contact.auth_seq_id_2 
_pdbx_validate_close_contact.PDB_ins_code_2 
_pdbx_validate_close_contact.label_alt_id_2 
_pdbx_validate_close_contact.dist 
1 1 O2A A DGT 201 ? ? O A HOH 277 ? ? 1.95 
2 1 ND2 A ASN 79  ? ? O A HOH 277 ? ? 2.08 
3 1 OD1 A ASP 77  ? ? O A HOH 277 ? ? 2.09 
4 1 O   A HOH 277 ? ? O A HOH 278 ? ? 2.16 
# 
loop_
_pdbx_validate_rmsd_bond.id 
_pdbx_validate_rmsd_bond.PDB_model_num 
_pdbx_validate_rmsd_bond.auth_atom_id_1 
_pdbx_validate_rmsd_bond.auth_asym_id_1 
_pdbx_validate_rmsd_bond.auth_comp_id_1 
_pdbx_validate_rmsd_bond.auth_seq_id_1 
_pdbx_validate_rmsd_bond.PDB_ins_code_1 
_pdbx_validate_rmsd_bond.label_alt_id_1 
_pdbx_validate_rmsd_bond.auth_atom_id_2 
_pdbx_validate_rmsd_bond.auth_asym_id_2 
_pdbx_validate_rmsd_bond.auth_comp_id_2 
_pdbx_validate_rmsd_bond.auth_seq_id_2 
_pdbx_validate_rmsd_bond.PDB_ins_code_2 
_pdbx_validate_rmsd_bond.label_alt_id_2 
_pdbx_validate_rmsd_bond.bond_value 
_pdbx_validate_rmsd_bond.bond_target_value 
_pdbx_validate_rmsd_bond.bond_deviation 
_pdbx_validate_rmsd_bond.bond_standard_deviation 
_pdbx_validate_rmsd_bond.linker_flag 
1 1 CB A CYS 33  ? ? SG A CYS 33  ? ? 1.691 1.812 -0.121 0.016 N 
2 1 C  A TRP 176 ? ? O  A TRP 176 ? ? 1.349 1.229 0.120  0.019 N 
3 1 C  A LYS 178 ? ? O  A LYS 178 ? ? 1.469 1.229 0.240  0.019 N 
# 
_pdbx_validate_rmsd_angle.id                         1 
_pdbx_validate_rmsd_angle.PDB_model_num              1 
_pdbx_validate_rmsd_angle.auth_atom_id_1             CA 
_pdbx_validate_rmsd_angle.auth_asym_id_1             A 
_pdbx_validate_rmsd_angle.auth_comp_id_1             LEU 
_pdbx_validate_rmsd_angle.auth_seq_id_1              92 
_pdbx_validate_rmsd_angle.PDB_ins_code_1             ? 
_pdbx_validate_rmsd_angle.label_alt_id_1             ? 
_pdbx_validate_rmsd_angle.auth_atom_id_2             CB 
_pdbx_validate_rmsd_angle.auth_asym_id_2             A 
_pdbx_validate_rmsd_angle.auth_comp_id_2             LEU 
_pdbx_validate_rmsd_angle.auth_seq_id_2              92 
_pdbx_validate_rmsd_angle.PDB_ins_code_2             ? 
_pdbx_validate_rmsd_angle.label_alt_id_2             ? 
_pdbx_validate_rmsd_angle.auth_atom_id_3             CG 
_pdbx_validate_rmsd_angle.auth_asym_id_3             A 
_pdbx_validate_rmsd_angle.auth_comp_id_3             LEU 
_pdbx_validate_rmsd_angle.auth_seq_id_3              92 
_pdbx_validate_rmsd_angle.PDB_ins_code_3             ? 
_pdbx_validate_rmsd_angle.label_alt_id_3             ? 
_pdbx_validate_rmsd_angle.angle_value                130.54 
_pdbx_validate_rmsd_angle.angle_target_value         115.30 
_pdbx_validate_rmsd_angle.angle_deviation            15.24 
_pdbx_validate_rmsd_angle.angle_standard_deviation   2.30 
_pdbx_validate_rmsd_angle.linker_flag                N 
# 
loop_
_pdbx_validate_torsion.id 
_pdbx_validate_torsion.PDB_model_num 
_pdbx_validate_torsion.auth_comp_id 
_pdbx_validate_torsion.auth_asym_id 
_pdbx_validate_torsion.auth_seq_id 
_pdbx_validate_torsion.PDB_ins_code 
_pdbx_validate_torsion.label_alt_id 
_pdbx_validate_torsion.phi 
_pdbx_validate_torsion.psi 
1 1 GLU A 5   ? ? -76.39  -119.74 
2 1 LEU A 23  ? ? 79.12   -108.47 
3 1 THR A 107 ? ? -107.34 -168.67 
# 
_pdbx_validate_peptide_omega.id               1 
_pdbx_validate_peptide_omega.PDB_model_num    1 
_pdbx_validate_peptide_omega.auth_comp_id_1   GLY 
_pdbx_validate_peptide_omega.auth_asym_id_1   A 
_pdbx_validate_peptide_omega.auth_seq_id_1    22 
_pdbx_validate_peptide_omega.PDB_ins_code_1   ? 
_pdbx_validate_peptide_omega.label_alt_id_1   ? 
_pdbx_validate_peptide_omega.auth_comp_id_2   LEU 
_pdbx_validate_peptide_omega.auth_asym_id_2   A 
_pdbx_validate_peptide_omega.auth_seq_id_2    23 
_pdbx_validate_peptide_omega.PDB_ins_code_2   ? 
_pdbx_validate_peptide_omega.label_alt_id_2   ? 
_pdbx_validate_peptide_omega.omega            51.47 
# 
_pdbx_SG_project.id                    1 
_pdbx_SG_project.project_name          'PSI, Protein Structure Initiative' 
_pdbx_SG_project.full_name_of_center   'Midwest Center for Structural Genomics' 
_pdbx_SG_project.initial_of_center     MCSG 
# 
loop_
_pdbx_struct_mod_residue.id 
_pdbx_struct_mod_residue.label_asym_id 
_pdbx_struct_mod_residue.label_comp_id 
_pdbx_struct_mod_residue.label_seq_id 
_pdbx_struct_mod_residue.auth_asym_id 
_pdbx_struct_mod_residue.auth_comp_id 
_pdbx_struct_mod_residue.auth_seq_id 
_pdbx_struct_mod_residue.PDB_ins_code 
_pdbx_struct_mod_residue.parent_comp_id 
_pdbx_struct_mod_residue.details 
1 A MSE 4   A MSE 4   ? MET SELENOMETHIONINE 
2 A MSE 44  A MSE 44  ? MET SELENOMETHIONINE 
3 A MSE 100 A MSE 100 ? MET SELENOMETHIONINE 
4 A MSE 136 A MSE 136 ? MET SELENOMETHIONINE 
# 
loop_
_pdbx_refine_tls.id 
_pdbx_refine_tls.details 
_pdbx_refine_tls.method 
_pdbx_refine_tls.origin_x 
_pdbx_refine_tls.origin_y 
_pdbx_refine_tls.origin_z 
_pdbx_refine_tls.T[1][1] 
_pdbx_refine_tls.T[2][2] 
_pdbx_refine_tls.T[3][3] 
_pdbx_refine_tls.T[1][2] 
_pdbx_refine_tls.T[1][3] 
_pdbx_refine_tls.T[2][3] 
_pdbx_refine_tls.L[1][1] 
_pdbx_refine_tls.L[2][2] 
_pdbx_refine_tls.L[3][3] 
_pdbx_refine_tls.L[1][2] 
_pdbx_refine_tls.L[1][3] 
_pdbx_refine_tls.L[2][3] 
_pdbx_refine_tls.S[1][1] 
_pdbx_refine_tls.S[1][2] 
_pdbx_refine_tls.S[1][3] 
_pdbx_refine_tls.S[2][1] 
_pdbx_refine_tls.S[2][2] 
_pdbx_refine_tls.S[2][3] 
_pdbx_refine_tls.S[3][1] 
_pdbx_refine_tls.S[3][2] 
_pdbx_refine_tls.S[3][3] 
_pdbx_refine_tls.pdbx_refine_id 
1 ? refined 10.9420 -6.9673 2.4116  -0.1005 -0.2092 -0.1499 0.0973 -0.1826 -0.0771 5.4972  3.5666  12.4679 0.5469  -2.0820 1.1397 0.0148  -0.5930 0.1458 0.6387  0.4315  -0.3810 0.7203  0.8311  -0.4462 'X-RAY DIFFRACTION' 
2 ? refined 4.4734  -3.3626 16.2343 0.2300  0.0733  -0.2404 0.0881 -0.0777 0.0163  12.5337 13.8658 13.3889 -0.0177 6.3741  0.4107 -0.0384 -1.5996 0.0905 1.6041  0.4832  -0.1499 0.8589  -0.4446 -0.4448 'X-RAY DIFFRACTION' 
3 ? refined -3.4561 2.7531  -3.4613 -0.2187 -0.2029 -0.2538 0.0486 -0.0560 -0.0478 2.0678  3.8082  7.6882  -0.4932 2.2696  2.6889 -0.2126 -0.1946 0.1757 -0.0989 -0.1678 0.2146  -0.7552 -0.6219 0.3805  'X-RAY DIFFRACTION' 
# 
loop_
_pdbx_refine_tls_group.id 
_pdbx_refine_tls_group.refine_tls_id 
_pdbx_refine_tls_group.beg_auth_asym_id 
_pdbx_refine_tls_group.beg_auth_seq_id 
_pdbx_refine_tls_group.beg_label_asym_id 
_pdbx_refine_tls_group.beg_label_seq_id 
_pdbx_refine_tls_group.end_auth_asym_id 
_pdbx_refine_tls_group.end_auth_seq_id 
_pdbx_refine_tls_group.end_label_asym_id 
_pdbx_refine_tls_group.end_label_seq_id 
_pdbx_refine_tls_group.selection 
_pdbx_refine_tls_group.pdbx_refine_id 
_pdbx_refine_tls_group.selection_details 
1 1 A 3  A 3  A 44  A 44  ? 'X-RAY DIFFRACTION' ? 
2 2 A 45 A 45 A 59  A 59  ? 'X-RAY DIFFRACTION' ? 
3 3 A 60 A 60 A 178 A 178 ? 'X-RAY DIFFRACTION' ? 
# 
loop_
_pdbx_unobs_or_zero_occ_residues.id 
_pdbx_unobs_or_zero_occ_residues.PDB_model_num 
_pdbx_unobs_or_zero_occ_residues.polymer_flag 
_pdbx_unobs_or_zero_occ_residues.occupancy_flag 
_pdbx_unobs_or_zero_occ_residues.auth_asym_id 
_pdbx_unobs_or_zero_occ_residues.auth_comp_id 
_pdbx_unobs_or_zero_occ_residues.auth_seq_id 
_pdbx_unobs_or_zero_occ_residues.PDB_ins_code 
_pdbx_unobs_or_zero_occ_residues.label_asym_id 
_pdbx_unobs_or_zero_occ_residues.label_comp_id 
_pdbx_unobs_or_zero_occ_residues.label_seq_id 
1 1 Y 1 A MSE 1   ? A MSE 1   
2 1 Y 1 A THR 2   ? A THR 2   
3 1 Y 1 A HIS 179 ? A HIS 179 
4 1 Y 1 A LEU 180 ? A LEU 180 
# 
loop_
_chem_comp_atom.comp_id 
_chem_comp_atom.atom_id 
_chem_comp_atom.type_symbol 
_chem_comp_atom.pdbx_aromatic_flag 
_chem_comp_atom.pdbx_stereo_config 
_chem_comp_atom.pdbx_ordinal 
ALA N      N  N N 1   
ALA CA     C  N S 2   
ALA C      C  N N 3   
ALA O      O  N N 4   
ALA CB     C  N N 5   
ALA OXT    O  N N 6   
ALA H      H  N N 7   
ALA H2     H  N N 8   
ALA HA     H  N N 9   
ALA HB1    H  N N 10  
ALA HB2    H  N N 11  
ALA HB3    H  N N 12  
ALA HXT    H  N N 13  
ARG N      N  N N 14  
ARG CA     C  N S 15  
ARG C      C  N N 16  
ARG O      O  N N 17  
ARG CB     C  N N 18  
ARG CG     C  N N 19  
ARG CD     C  N N 20  
ARG NE     N  N N 21  
ARG CZ     C  N N 22  
ARG NH1    N  N N 23  
ARG NH2    N  N N 24  
ARG OXT    O  N N 25  
ARG H      H  N N 26  
ARG H2     H  N N 27  
ARG HA     H  N N 28  
ARG HB2    H  N N 29  
ARG HB3    H  N N 30  
ARG HG2    H  N N 31  
ARG HG3    H  N N 32  
ARG HD2    H  N N 33  
ARG HD3    H  N N 34  
ARG HE     H  N N 35  
ARG HH11   H  N N 36  
ARG HH12   H  N N 37  
ARG HH21   H  N N 38  
ARG HH22   H  N N 39  
ARG HXT    H  N N 40  
ASN N      N  N N 41  
ASN CA     C  N S 42  
ASN C      C  N N 43  
ASN O      O  N N 44  
ASN CB     C  N N 45  
ASN CG     C  N N 46  
ASN OD1    O  N N 47  
ASN ND2    N  N N 48  
ASN OXT    O  N N 49  
ASN H      H  N N 50  
ASN H2     H  N N 51  
ASN HA     H  N N 52  
ASN HB2    H  N N 53  
ASN HB3    H  N N 54  
ASN HD21   H  N N 55  
ASN HD22   H  N N 56  
ASN HXT    H  N N 57  
ASP N      N  N N 58  
ASP CA     C  N S 59  
ASP C      C  N N 60  
ASP O      O  N N 61  
ASP CB     C  N N 62  
ASP CG     C  N N 63  
ASP OD1    O  N N 64  
ASP OD2    O  N N 65  
ASP OXT    O  N N 66  
ASP H      H  N N 67  
ASP H2     H  N N 68  
ASP HA     H  N N 69  
ASP HB2    H  N N 70  
ASP HB3    H  N N 71  
ASP HD2    H  N N 72  
ASP HXT    H  N N 73  
CYS N      N  N N 74  
CYS CA     C  N R 75  
CYS C      C  N N 76  
CYS O      O  N N 77  
CYS CB     C  N N 78  
CYS SG     S  N N 79  
CYS OXT    O  N N 80  
CYS H      H  N N 81  
CYS H2     H  N N 82  
CYS HA     H  N N 83  
CYS HB2    H  N N 84  
CYS HB3    H  N N 85  
CYS HG     H  N N 86  
CYS HXT    H  N N 87  
DGT PG     P  N N 88  
DGT O1G    O  N N 89  
DGT O2G    O  N N 90  
DGT O3G    O  N N 91  
DGT O3B    O  N N 92  
DGT PB     P  N S 93  
DGT O1B    O  N N 94  
DGT O2B    O  N N 95  
DGT O3A    O  N N 96  
DGT PA     P  N R 97  
DGT O1A    O  N N 98  
DGT O2A    O  N N 99  
DGT "O5'"  O  N N 100 
DGT "C5'"  C  N N 101 
DGT "C4'"  C  N R 102 
DGT "O4'"  O  N N 103 
DGT "C3'"  C  N S 104 
DGT "O3'"  O  N N 105 
DGT "C2'"  C  N N 106 
DGT "C1'"  C  N R 107 
DGT N9     N  Y N 108 
DGT C8     C  Y N 109 
DGT N7     N  Y N 110 
DGT C5     C  Y N 111 
DGT C6     C  N N 112 
DGT O6     O  N N 113 
DGT N1     N  N N 114 
DGT C2     C  N N 115 
DGT N2     N  N N 116 
DGT N3     N  N N 117 
DGT C4     C  Y N 118 
DGT HO1G   H  N N 119 
DGT HO2G   H  N N 120 
DGT HO1B   H  N N 121 
DGT HO1A   H  N N 122 
DGT "H5'"  H  N N 123 
DGT "H5'A" H  N N 124 
DGT "H4'"  H  N N 125 
DGT "H3'"  H  N N 126 
DGT "HO3'" H  N N 127 
DGT "H2'"  H  N N 128 
DGT "H2'A" H  N N 129 
DGT "H1'"  H  N N 130 
DGT H8     H  N N 131 
DGT HN2    H  N N 132 
DGT HN2A   H  N N 133 
DGT H16    H  N N 134 
EDO C1     C  N N 135 
EDO O1     O  N N 136 
EDO C2     C  N N 137 
EDO O2     O  N N 138 
EDO H11    H  N N 139 
EDO H12    H  N N 140 
EDO HO1    H  N N 141 
EDO H21    H  N N 142 
EDO H22    H  N N 143 
EDO HO2    H  N N 144 
GLN N      N  N N 145 
GLN CA     C  N S 146 
GLN C      C  N N 147 
GLN O      O  N N 148 
GLN CB     C  N N 149 
GLN CG     C  N N 150 
GLN CD     C  N N 151 
GLN OE1    O  N N 152 
GLN NE2    N  N N 153 
GLN OXT    O  N N 154 
GLN H      H  N N 155 
GLN H2     H  N N 156 
GLN HA     H  N N 157 
GLN HB2    H  N N 158 
GLN HB3    H  N N 159 
GLN HG2    H  N N 160 
GLN HG3    H  N N 161 
GLN HE21   H  N N 162 
GLN HE22   H  N N 163 
GLN HXT    H  N N 164 
GLU N      N  N N 165 
GLU CA     C  N S 166 
GLU C      C  N N 167 
GLU O      O  N N 168 
GLU CB     C  N N 169 
GLU CG     C  N N 170 
GLU CD     C  N N 171 
GLU OE1    O  N N 172 
GLU OE2    O  N N 173 
GLU OXT    O  N N 174 
GLU H      H  N N 175 
GLU H2     H  N N 176 
GLU HA     H  N N 177 
GLU HB2    H  N N 178 
GLU HB3    H  N N 179 
GLU HG2    H  N N 180 
GLU HG3    H  N N 181 
GLU HE2    H  N N 182 
GLU HXT    H  N N 183 
GLY N      N  N N 184 
GLY CA     C  N N 185 
GLY C      C  N N 186 
GLY O      O  N N 187 
GLY OXT    O  N N 188 
GLY H      H  N N 189 
GLY H2     H  N N 190 
GLY HA2    H  N N 191 
GLY HA3    H  N N 192 
GLY HXT    H  N N 193 
HIS N      N  N N 194 
HIS CA     C  N S 195 
HIS C      C  N N 196 
HIS O      O  N N 197 
HIS CB     C  N N 198 
HIS CG     C  Y N 199 
HIS ND1    N  Y N 200 
HIS CD2    C  Y N 201 
HIS CE1    C  Y N 202 
HIS NE2    N  Y N 203 
HIS OXT    O  N N 204 
HIS H      H  N N 205 
HIS H2     H  N N 206 
HIS HA     H  N N 207 
HIS HB2    H  N N 208 
HIS HB3    H  N N 209 
HIS HD1    H  N N 210 
HIS HD2    H  N N 211 
HIS HE1    H  N N 212 
HIS HE2    H  N N 213 
HIS HXT    H  N N 214 
HOH O      O  N N 215 
HOH H1     H  N N 216 
HOH H2     H  N N 217 
ILE N      N  N N 218 
ILE CA     C  N S 219 
ILE C      C  N N 220 
ILE O      O  N N 221 
ILE CB     C  N S 222 
ILE CG1    C  N N 223 
ILE CG2    C  N N 224 
ILE CD1    C  N N 225 
ILE OXT    O  N N 226 
ILE H      H  N N 227 
ILE H2     H  N N 228 
ILE HA     H  N N 229 
ILE HB     H  N N 230 
ILE HG12   H  N N 231 
ILE HG13   H  N N 232 
ILE HG21   H  N N 233 
ILE HG22   H  N N 234 
ILE HG23   H  N N 235 
ILE HD11   H  N N 236 
ILE HD12   H  N N 237 
ILE HD13   H  N N 238 
ILE HXT    H  N N 239 
LEU N      N  N N 240 
LEU CA     C  N S 241 
LEU C      C  N N 242 
LEU O      O  N N 243 
LEU CB     C  N N 244 
LEU CG     C  N N 245 
LEU CD1    C  N N 246 
LEU CD2    C  N N 247 
LEU OXT    O  N N 248 
LEU H      H  N N 249 
LEU H2     H  N N 250 
LEU HA     H  N N 251 
LEU HB2    H  N N 252 
LEU HB3    H  N N 253 
LEU HG     H  N N 254 
LEU HD11   H  N N 255 
LEU HD12   H  N N 256 
LEU HD13   H  N N 257 
LEU HD21   H  N N 258 
LEU HD22   H  N N 259 
LEU HD23   H  N N 260 
LEU HXT    H  N N 261 
LYS N      N  N N 262 
LYS CA     C  N S 263 
LYS C      C  N N 264 
LYS O      O  N N 265 
LYS CB     C  N N 266 
LYS CG     C  N N 267 
LYS CD     C  N N 268 
LYS CE     C  N N 269 
LYS NZ     N  N N 270 
LYS OXT    O  N N 271 
LYS H      H  N N 272 
LYS H2     H  N N 273 
LYS HA     H  N N 274 
LYS HB2    H  N N 275 
LYS HB3    H  N N 276 
LYS HG2    H  N N 277 
LYS HG3    H  N N 278 
LYS HD2    H  N N 279 
LYS HD3    H  N N 280 
LYS HE2    H  N N 281 
LYS HE3    H  N N 282 
LYS HZ1    H  N N 283 
LYS HZ2    H  N N 284 
LYS HZ3    H  N N 285 
LYS HXT    H  N N 286 
MET N      N  N N 287 
MET CA     C  N S 288 
MET C      C  N N 289 
MET O      O  N N 290 
MET CB     C  N N 291 
MET CG     C  N N 292 
MET SD     S  N N 293 
MET CE     C  N N 294 
MET OXT    O  N N 295 
MET H      H  N N 296 
MET H2     H  N N 297 
MET HA     H  N N 298 
MET HB2    H  N N 299 
MET HB3    H  N N 300 
MET HG2    H  N N 301 
MET HG3    H  N N 302 
MET HE1    H  N N 303 
MET HE2    H  N N 304 
MET HE3    H  N N 305 
MET HXT    H  N N 306 
MSE N      N  N N 307 
MSE CA     C  N S 308 
MSE C      C  N N 309 
MSE O      O  N N 310 
MSE OXT    O  N N 311 
MSE CB     C  N N 312 
MSE CG     C  N N 313 
MSE SE     SE N N 314 
MSE CE     C  N N 315 
MSE H      H  N N 316 
MSE H2     H  N N 317 
MSE HA     H  N N 318 
MSE HXT    H  N N 319 
MSE HB2    H  N N 320 
MSE HB3    H  N N 321 
MSE HG2    H  N N 322 
MSE HG3    H  N N 323 
MSE HE1    H  N N 324 
MSE HE2    H  N N 325 
MSE HE3    H  N N 326 
PHE N      N  N N 327 
PHE CA     C  N S 328 
PHE C      C  N N 329 
PHE O      O  N N 330 
PHE CB     C  N N 331 
PHE CG     C  Y N 332 
PHE CD1    C  Y N 333 
PHE CD2    C  Y N 334 
PHE CE1    C  Y N 335 
PHE CE2    C  Y N 336 
PHE CZ     C  Y N 337 
PHE OXT    O  N N 338 
PHE H      H  N N 339 
PHE H2     H  N N 340 
PHE HA     H  N N 341 
PHE HB2    H  N N 342 
PHE HB3    H  N N 343 
PHE HD1    H  N N 344 
PHE HD2    H  N N 345 
PHE HE1    H  N N 346 
PHE HE2    H  N N 347 
PHE HZ     H  N N 348 
PHE HXT    H  N N 349 
PRO N      N  N N 350 
PRO CA     C  N S 351 
PRO C      C  N N 352 
PRO O      O  N N 353 
PRO CB     C  N N 354 
PRO CG     C  N N 355 
PRO CD     C  N N 356 
PRO OXT    O  N N 357 
PRO H      H  N N 358 
PRO HA     H  N N 359 
PRO HB2    H  N N 360 
PRO HB3    H  N N 361 
PRO HG2    H  N N 362 
PRO HG3    H  N N 363 
PRO HD2    H  N N 364 
PRO HD3    H  N N 365 
PRO HXT    H  N N 366 
SER N      N  N N 367 
SER CA     C  N S 368 
SER C      C  N N 369 
SER O      O  N N 370 
SER CB     C  N N 371 
SER OG     O  N N 372 
SER OXT    O  N N 373 
SER H      H  N N 374 
SER H2     H  N N 375 
SER HA     H  N N 376 
SER HB2    H  N N 377 
SER HB3    H  N N 378 
SER HG     H  N N 379 
SER HXT    H  N N 380 
THR N      N  N N 381 
THR CA     C  N S 382 
THR C      C  N N 383 
THR O      O  N N 384 
THR CB     C  N R 385 
THR OG1    O  N N 386 
THR CG2    C  N N 387 
THR OXT    O  N N 388 
THR H      H  N N 389 
THR H2     H  N N 390 
THR HA     H  N N 391 
THR HB     H  N N 392 
THR HG1    H  N N 393 
THR HG21   H  N N 394 
THR HG22   H  N N 395 
THR HG23   H  N N 396 
THR HXT    H  N N 397 
TRP N      N  N N 398 
TRP CA     C  N S 399 
TRP C      C  N N 400 
TRP O      O  N N 401 
TRP CB     C  N N 402 
TRP CG     C  Y N 403 
TRP CD1    C  Y N 404 
TRP CD2    C  Y N 405 
TRP NE1    N  Y N 406 
TRP CE2    C  Y N 407 
TRP CE3    C  Y N 408 
TRP CZ2    C  Y N 409 
TRP CZ3    C  Y N 410 
TRP CH2    C  Y N 411 
TRP OXT    O  N N 412 
TRP H      H  N N 413 
TRP H2     H  N N 414 
TRP HA     H  N N 415 
TRP HB2    H  N N 416 
TRP HB3    H  N N 417 
TRP HD1    H  N N 418 
TRP HE1    H  N N 419 
TRP HE3    H  N N 420 
TRP HZ2    H  N N 421 
TRP HZ3    H  N N 422 
TRP HH2    H  N N 423 
TRP HXT    H  N N 424 
TYR N      N  N N 425 
TYR CA     C  N S 426 
TYR C      C  N N 427 
TYR O      O  N N 428 
TYR CB     C  N N 429 
TYR CG     C  Y N 430 
TYR CD1    C  Y N 431 
TYR CD2    C  Y N 432 
TYR CE1    C  Y N 433 
TYR CE2    C  Y N 434 
TYR CZ     C  Y N 435 
TYR OH     O  N N 436 
TYR OXT    O  N N 437 
TYR H      H  N N 438 
TYR H2     H  N N 439 
TYR HA     H  N N 440 
TYR HB2    H  N N 441 
TYR HB3    H  N N 442 
TYR HD1    H  N N 443 
TYR HD2    H  N N 444 
TYR HE1    H  N N 445 
TYR HE2    H  N N 446 
TYR HH     H  N N 447 
TYR HXT    H  N N 448 
VAL N      N  N N 449 
VAL CA     C  N S 450 
VAL C      C  N N 451 
VAL O      O  N N 452 
VAL CB     C  N N 453 
VAL CG1    C  N N 454 
VAL CG2    C  N N 455 
VAL OXT    O  N N 456 
VAL H      H  N N 457 
VAL H2     H  N N 458 
VAL HA     H  N N 459 
VAL HB     H  N N 460 
VAL HG11   H  N N 461 
VAL HG12   H  N N 462 
VAL HG13   H  N N 463 
VAL HG21   H  N N 464 
VAL HG22   H  N N 465 
VAL HG23   H  N N 466 
VAL HXT    H  N N 467 
# 
loop_
_chem_comp_bond.comp_id 
_chem_comp_bond.atom_id_1 
_chem_comp_bond.atom_id_2 
_chem_comp_bond.value_order 
_chem_comp_bond.pdbx_aromatic_flag 
_chem_comp_bond.pdbx_stereo_config 
_chem_comp_bond.pdbx_ordinal 
ALA N     CA     sing N N 1   
ALA N     H      sing N N 2   
ALA N     H2     sing N N 3   
ALA CA    C      sing N N 4   
ALA CA    CB     sing N N 5   
ALA CA    HA     sing N N 6   
ALA C     O      doub N N 7   
ALA C     OXT    sing N N 8   
ALA CB    HB1    sing N N 9   
ALA CB    HB2    sing N N 10  
ALA CB    HB3    sing N N 11  
ALA OXT   HXT    sing N N 12  
ARG N     CA     sing N N 13  
ARG N     H      sing N N 14  
ARG N     H2     sing N N 15  
ARG CA    C      sing N N 16  
ARG CA    CB     sing N N 17  
ARG CA    HA     sing N N 18  
ARG C     O      doub N N 19  
ARG C     OXT    sing N N 20  
ARG CB    CG     sing N N 21  
ARG CB    HB2    sing N N 22  
ARG CB    HB3    sing N N 23  
ARG CG    CD     sing N N 24  
ARG CG    HG2    sing N N 25  
ARG CG    HG3    sing N N 26  
ARG CD    NE     sing N N 27  
ARG CD    HD2    sing N N 28  
ARG CD    HD3    sing N N 29  
ARG NE    CZ     sing N N 30  
ARG NE    HE     sing N N 31  
ARG CZ    NH1    sing N N 32  
ARG CZ    NH2    doub N N 33  
ARG NH1   HH11   sing N N 34  
ARG NH1   HH12   sing N N 35  
ARG NH2   HH21   sing N N 36  
ARG NH2   HH22   sing N N 37  
ARG OXT   HXT    sing N N 38  
ASN N     CA     sing N N 39  
ASN N     H      sing N N 40  
ASN N     H2     sing N N 41  
ASN CA    C      sing N N 42  
ASN CA    CB     sing N N 43  
ASN CA    HA     sing N N 44  
ASN C     O      doub N N 45  
ASN C     OXT    sing N N 46  
ASN CB    CG     sing N N 47  
ASN CB    HB2    sing N N 48  
ASN CB    HB3    sing N N 49  
ASN CG    OD1    doub N N 50  
ASN CG    ND2    sing N N 51  
ASN ND2   HD21   sing N N 52  
ASN ND2   HD22   sing N N 53  
ASN OXT   HXT    sing N N 54  
ASP N     CA     sing N N 55  
ASP N     H      sing N N 56  
ASP N     H2     sing N N 57  
ASP CA    C      sing N N 58  
ASP CA    CB     sing N N 59  
ASP CA    HA     sing N N 60  
ASP C     O      doub N N 61  
ASP C     OXT    sing N N 62  
ASP CB    CG     sing N N 63  
ASP CB    HB2    sing N N 64  
ASP CB    HB3    sing N N 65  
ASP CG    OD1    doub N N 66  
ASP CG    OD2    sing N N 67  
ASP OD2   HD2    sing N N 68  
ASP OXT   HXT    sing N N 69  
CYS N     CA     sing N N 70  
CYS N     H      sing N N 71  
CYS N     H2     sing N N 72  
CYS CA    C      sing N N 73  
CYS CA    CB     sing N N 74  
CYS CA    HA     sing N N 75  
CYS C     O      doub N N 76  
CYS C     OXT    sing N N 77  
CYS CB    SG     sing N N 78  
CYS CB    HB2    sing N N 79  
CYS CB    HB3    sing N N 80  
CYS SG    HG     sing N N 81  
CYS OXT   HXT    sing N N 82  
DGT PG    O1G    sing N N 83  
DGT PG    O2G    sing N N 84  
DGT O1G   HO1G   sing N N 85  
DGT O2G   HO2G   sing N N 86  
DGT O3G   PG     doub N N 87  
DGT O3B   PG     sing N N 88  
DGT PB    O3B    sing N N 89  
DGT PB    O1B    sing N N 90  
DGT PB    O3A    sing N N 91  
DGT O1B   HO1B   sing N N 92  
DGT O2B   PB     doub N N 93  
DGT PA    O3A    sing N N 94  
DGT PA    O1A    sing N N 95  
DGT O1A   HO1A   sing N N 96  
DGT O2A   PA     doub N N 97  
DGT "O5'" PA     sing N N 98  
DGT "O5'" "C5'"  sing N N 99  
DGT "C5'" "H5'"  sing N N 100 
DGT "C5'" "H5'A" sing N N 101 
DGT "C4'" "C5'"  sing N N 102 
DGT "C4'" "H4'"  sing N N 103 
DGT "O4'" "C4'"  sing N N 104 
DGT "C3'" "C4'"  sing N N 105 
DGT "C3'" "O3'"  sing N N 106 
DGT "C3'" "H3'"  sing N N 107 
DGT "O3'" "HO3'" sing N N 108 
DGT "C2'" "C3'"  sing N N 109 
DGT "C2'" "C1'"  sing N N 110 
DGT "C2'" "H2'"  sing N N 111 
DGT "C2'" "H2'A" sing N N 112 
DGT "C1'" "O4'"  sing N N 113 
DGT "C1'" "H1'"  sing N N 114 
DGT N9    "C1'"  sing N N 115 
DGT N9    C4     sing Y N 116 
DGT C8    N9     sing Y N 117 
DGT C8    H8     sing N N 118 
DGT N7    C8     doub Y N 119 
DGT N7    C5     sing Y N 120 
DGT C5    C6     sing N N 121 
DGT C5    C4     doub Y N 122 
DGT C6    N1     sing N N 123 
DGT O6    C6     doub N N 124 
DGT N1    C2     sing N N 125 
DGT C2    N3     doub N N 126 
DGT C2    N2     sing N N 127 
DGT N2    HN2    sing N N 128 
DGT N2    HN2A   sing N N 129 
DGT C4    N3     sing N N 130 
DGT N1    H16    sing N N 131 
EDO C1    O1     sing N N 132 
EDO C1    C2     sing N N 133 
EDO C1    H11    sing N N 134 
EDO C1    H12    sing N N 135 
EDO O1    HO1    sing N N 136 
EDO C2    O2     sing N N 137 
EDO C2    H21    sing N N 138 
EDO C2    H22    sing N N 139 
EDO O2    HO2    sing N N 140 
GLN N     CA     sing N N 141 
GLN N     H      sing N N 142 
GLN N     H2     sing N N 143 
GLN CA    C      sing N N 144 
GLN CA    CB     sing N N 145 
GLN CA    HA     sing N N 146 
GLN C     O      doub N N 147 
GLN C     OXT    sing N N 148 
GLN CB    CG     sing N N 149 
GLN CB    HB2    sing N N 150 
GLN CB    HB3    sing N N 151 
GLN CG    CD     sing N N 152 
GLN CG    HG2    sing N N 153 
GLN CG    HG3    sing N N 154 
GLN CD    OE1    doub N N 155 
GLN CD    NE2    sing N N 156 
GLN NE2   HE21   sing N N 157 
GLN NE2   HE22   sing N N 158 
GLN OXT   HXT    sing N N 159 
GLU N     CA     sing N N 160 
GLU N     H      sing N N 161 
GLU N     H2     sing N N 162 
GLU CA    C      sing N N 163 
GLU CA    CB     sing N N 164 
GLU CA    HA     sing N N 165 
GLU C     O      doub N N 166 
GLU C     OXT    sing N N 167 
GLU CB    CG     sing N N 168 
GLU CB    HB2    sing N N 169 
GLU CB    HB3    sing N N 170 
GLU CG    CD     sing N N 171 
GLU CG    HG2    sing N N 172 
GLU CG    HG3    sing N N 173 
GLU CD    OE1    doub N N 174 
GLU CD    OE2    sing N N 175 
GLU OE2   HE2    sing N N 176 
GLU OXT   HXT    sing N N 177 
GLY N     CA     sing N N 178 
GLY N     H      sing N N 179 
GLY N     H2     sing N N 180 
GLY CA    C      sing N N 181 
GLY CA    HA2    sing N N 182 
GLY CA    HA3    sing N N 183 
GLY C     O      doub N N 184 
GLY C     OXT    sing N N 185 
GLY OXT   HXT    sing N N 186 
HIS N     CA     sing N N 187 
HIS N     H      sing N N 188 
HIS N     H2     sing N N 189 
HIS CA    C      sing N N 190 
HIS CA    CB     sing N N 191 
HIS CA    HA     sing N N 192 
HIS C     O      doub N N 193 
HIS C     OXT    sing N N 194 
HIS CB    CG     sing N N 195 
HIS CB    HB2    sing N N 196 
HIS CB    HB3    sing N N 197 
HIS CG    ND1    sing Y N 198 
HIS CG    CD2    doub Y N 199 
HIS ND1   CE1    doub Y N 200 
HIS ND1   HD1    sing N N 201 
HIS CD2   NE2    sing Y N 202 
HIS CD2   HD2    sing N N 203 
HIS CE1   NE2    sing Y N 204 
HIS CE1   HE1    sing N N 205 
HIS NE2   HE2    sing N N 206 
HIS OXT   HXT    sing N N 207 
HOH O     H1     sing N N 208 
HOH O     H2     sing N N 209 
ILE N     CA     sing N N 210 
ILE N     H      sing N N 211 
ILE N     H2     sing N N 212 
ILE CA    C      sing N N 213 
ILE CA    CB     sing N N 214 
ILE CA    HA     sing N N 215 
ILE C     O      doub N N 216 
ILE C     OXT    sing N N 217 
ILE CB    CG1    sing N N 218 
ILE CB    CG2    sing N N 219 
ILE CB    HB     sing N N 220 
ILE CG1   CD1    sing N N 221 
ILE CG1   HG12   sing N N 222 
ILE CG1   HG13   sing N N 223 
ILE CG2   HG21   sing N N 224 
ILE CG2   HG22   sing N N 225 
ILE CG2   HG23   sing N N 226 
ILE CD1   HD11   sing N N 227 
ILE CD1   HD12   sing N N 228 
ILE CD1   HD13   sing N N 229 
ILE OXT   HXT    sing N N 230 
LEU N     CA     sing N N 231 
LEU N     H      sing N N 232 
LEU N     H2     sing N N 233 
LEU CA    C      sing N N 234 
LEU CA    CB     sing N N 235 
LEU CA    HA     sing N N 236 
LEU C     O      doub N N 237 
LEU C     OXT    sing N N 238 
LEU CB    CG     sing N N 239 
LEU CB    HB2    sing N N 240 
LEU CB    HB3    sing N N 241 
LEU CG    CD1    sing N N 242 
LEU CG    CD2    sing N N 243 
LEU CG    HG     sing N N 244 
LEU CD1   HD11   sing N N 245 
LEU CD1   HD12   sing N N 246 
LEU CD1   HD13   sing N N 247 
LEU CD2   HD21   sing N N 248 
LEU CD2   HD22   sing N N 249 
LEU CD2   HD23   sing N N 250 
LEU OXT   HXT    sing N N 251 
LYS N     CA     sing N N 252 
LYS N     H      sing N N 253 
LYS N     H2     sing N N 254 
LYS CA    C      sing N N 255 
LYS CA    CB     sing N N 256 
LYS CA    HA     sing N N 257 
LYS C     O      doub N N 258 
LYS C     OXT    sing N N 259 
LYS CB    CG     sing N N 260 
LYS CB    HB2    sing N N 261 
LYS CB    HB3    sing N N 262 
LYS CG    CD     sing N N 263 
LYS CG    HG2    sing N N 264 
LYS CG    HG3    sing N N 265 
LYS CD    CE     sing N N 266 
LYS CD    HD2    sing N N 267 
LYS CD    HD3    sing N N 268 
LYS CE    NZ     sing N N 269 
LYS CE    HE2    sing N N 270 
LYS CE    HE3    sing N N 271 
LYS NZ    HZ1    sing N N 272 
LYS NZ    HZ2    sing N N 273 
LYS NZ    HZ3    sing N N 274 
LYS OXT   HXT    sing N N 275 
MET N     CA     sing N N 276 
MET N     H      sing N N 277 
MET N     H2     sing N N 278 
MET CA    C      sing N N 279 
MET CA    CB     sing N N 280 
MET CA    HA     sing N N 281 
MET C     O      doub N N 282 
MET C     OXT    sing N N 283 
MET CB    CG     sing N N 284 
MET CB    HB2    sing N N 285 
MET CB    HB3    sing N N 286 
MET CG    SD     sing N N 287 
MET CG    HG2    sing N N 288 
MET CG    HG3    sing N N 289 
MET SD    CE     sing N N 290 
MET CE    HE1    sing N N 291 
MET CE    HE2    sing N N 292 
MET CE    HE3    sing N N 293 
MET OXT   HXT    sing N N 294 
MSE N     CA     sing N N 295 
MSE N     H      sing N N 296 
MSE N     H2     sing N N 297 
MSE CA    C      sing N N 298 
MSE CA    CB     sing N N 299 
MSE CA    HA     sing N N 300 
MSE C     O      doub N N 301 
MSE C     OXT    sing N N 302 
MSE OXT   HXT    sing N N 303 
MSE CB    CG     sing N N 304 
MSE CB    HB2    sing N N 305 
MSE CB    HB3    sing N N 306 
MSE CG    SE     sing N N 307 
MSE CG    HG2    sing N N 308 
MSE CG    HG3    sing N N 309 
MSE SE    CE     sing N N 310 
MSE CE    HE1    sing N N 311 
MSE CE    HE2    sing N N 312 
MSE CE    HE3    sing N N 313 
PHE N     CA     sing N N 314 
PHE N     H      sing N N 315 
PHE N     H2     sing N N 316 
PHE CA    C      sing N N 317 
PHE CA    CB     sing N N 318 
PHE CA    HA     sing N N 319 
PHE C     O      doub N N 320 
PHE C     OXT    sing N N 321 
PHE CB    CG     sing N N 322 
PHE CB    HB2    sing N N 323 
PHE CB    HB3    sing N N 324 
PHE CG    CD1    doub Y N 325 
PHE CG    CD2    sing Y N 326 
PHE CD1   CE1    sing Y N 327 
PHE CD1   HD1    sing N N 328 
PHE CD2   CE2    doub Y N 329 
PHE CD2   HD2    sing N N 330 
PHE CE1   CZ     doub Y N 331 
PHE CE1   HE1    sing N N 332 
PHE CE2   CZ     sing Y N 333 
PHE CE2   HE2    sing N N 334 
PHE CZ    HZ     sing N N 335 
PHE OXT   HXT    sing N N 336 
PRO N     CA     sing N N 337 
PRO N     CD     sing N N 338 
PRO N     H      sing N N 339 
PRO CA    C      sing N N 340 
PRO CA    CB     sing N N 341 
PRO CA    HA     sing N N 342 
PRO C     O      doub N N 343 
PRO C     OXT    sing N N 344 
PRO CB    CG     sing N N 345 
PRO CB    HB2    sing N N 346 
PRO CB    HB3    sing N N 347 
PRO CG    CD     sing N N 348 
PRO CG    HG2    sing N N 349 
PRO CG    HG3    sing N N 350 
PRO CD    HD2    sing N N 351 
PRO CD    HD3    sing N N 352 
PRO OXT   HXT    sing N N 353 
SER N     CA     sing N N 354 
SER N     H      sing N N 355 
SER N     H2     sing N N 356 
SER CA    C      sing N N 357 
SER CA    CB     sing N N 358 
SER CA    HA     sing N N 359 
SER C     O      doub N N 360 
SER C     OXT    sing N N 361 
SER CB    OG     sing N N 362 
SER CB    HB2    sing N N 363 
SER CB    HB3    sing N N 364 
SER OG    HG     sing N N 365 
SER OXT   HXT    sing N N 366 
THR N     CA     sing N N 367 
THR N     H      sing N N 368 
THR N     H2     sing N N 369 
THR CA    C      sing N N 370 
THR CA    CB     sing N N 371 
THR CA    HA     sing N N 372 
THR C     O      doub N N 373 
THR C     OXT    sing N N 374 
THR CB    OG1    sing N N 375 
THR CB    CG2    sing N N 376 
THR CB    HB     sing N N 377 
THR OG1   HG1    sing N N 378 
THR CG2   HG21   sing N N 379 
THR CG2   HG22   sing N N 380 
THR CG2   HG23   sing N N 381 
THR OXT   HXT    sing N N 382 
TRP N     CA     sing N N 383 
TRP N     H      sing N N 384 
TRP N     H2     sing N N 385 
TRP CA    C      sing N N 386 
TRP CA    CB     sing N N 387 
TRP CA    HA     sing N N 388 
TRP C     O      doub N N 389 
TRP C     OXT    sing N N 390 
TRP CB    CG     sing N N 391 
TRP CB    HB2    sing N N 392 
TRP CB    HB3    sing N N 393 
TRP CG    CD1    doub Y N 394 
TRP CG    CD2    sing Y N 395 
TRP CD1   NE1    sing Y N 396 
TRP CD1   HD1    sing N N 397 
TRP CD2   CE2    doub Y N 398 
TRP CD2   CE3    sing Y N 399 
TRP NE1   CE2    sing Y N 400 
TRP NE1   HE1    sing N N 401 
TRP CE2   CZ2    sing Y N 402 
TRP CE3   CZ3    doub Y N 403 
TRP CE3   HE3    sing N N 404 
TRP CZ2   CH2    doub Y N 405 
TRP CZ2   HZ2    sing N N 406 
TRP CZ3   CH2    sing Y N 407 
TRP CZ3   HZ3    sing N N 408 
TRP CH2   HH2    sing N N 409 
TRP OXT   HXT    sing N N 410 
TYR N     CA     sing N N 411 
TYR N     H      sing N N 412 
TYR N     H2     sing N N 413 
TYR CA    C      sing N N 414 
TYR CA    CB     sing N N 415 
TYR CA    HA     sing N N 416 
TYR C     O      doub N N 417 
TYR C     OXT    sing N N 418 
TYR CB    CG     sing N N 419 
TYR CB    HB2    sing N N 420 
TYR CB    HB3    sing N N 421 
TYR CG    CD1    doub Y N 422 
TYR CG    CD2    sing Y N 423 
TYR CD1   CE1    sing Y N 424 
TYR CD1   HD1    sing N N 425 
TYR CD2   CE2    doub Y N 426 
TYR CD2   HD2    sing N N 427 
TYR CE1   CZ     doub Y N 428 
TYR CE1   HE1    sing N N 429 
TYR CE2   CZ     sing Y N 430 
TYR CE2   HE2    sing N N 431 
TYR CZ    OH     sing N N 432 
TYR OH    HH     sing N N 433 
TYR OXT   HXT    sing N N 434 
VAL N     CA     sing N N 435 
VAL N     H      sing N N 436 
VAL N     H2     sing N N 437 
VAL CA    C      sing N N 438 
VAL CA    CB     sing N N 439 
VAL CA    HA     sing N N 440 
VAL C     O      doub N N 441 
VAL C     OXT    sing N N 442 
VAL CB    CG1    sing N N 443 
VAL CB    CG2    sing N N 444 
VAL CB    HB     sing N N 445 
VAL CG1   HG11   sing N N 446 
VAL CG1   HG12   sing N N 447 
VAL CG1   HG13   sing N N 448 
VAL CG2   HG21   sing N N 449 
VAL CG2   HG22   sing N N 450 
VAL CG2   HG23   sing N N 451 
VAL OXT   HXT    sing N N 452 
# 
_atom_sites.entry_id                    2ATZ 
_atom_sites.fract_transf_matrix[1][1]   0.00162112 
_atom_sites.fract_transf_matrix[1][2]   0.01376414 
_atom_sites.fract_transf_matrix[1][3]   -0.00567911 
_atom_sites.fract_transf_matrix[2][1]   0.00848167 
_atom_sites.fract_transf_matrix[2][2]   0.00213352 
_atom_sites.fract_transf_matrix[2][3]   -0.01215935 
_atom_sites.fract_transf_matrix[3][1]   -0.00676108 
_atom_sites.fract_transf_matrix[3][2]   -0.00123930 
_atom_sites.fract_transf_matrix[3][3]   -0.00493360 
_atom_sites.fract_transf_vector[1]      0.212563 
_atom_sites.fract_transf_vector[2]      0.412809 
_atom_sites.fract_transf_vector[3]      0.026705 
# 
loop_
_atom_type.symbol 
C  
N  
O  
P  
S  
SE 
# 
loop_
_atom_site.group_PDB 
_atom_site.id 
_atom_site.type_symbol 
_atom_site.label_atom_id 
_atom_site.label_alt_id 
_atom_site.label_comp_id 
_atom_site.label_asym_id 
_atom_site.label_entity_id 
_atom_site.label_seq_id 
_atom_site.pdbx_PDB_ins_code 
_atom_site.Cartn_x 
_atom_site.Cartn_y 
_atom_site.Cartn_z 
_atom_site.occupancy 
_atom_site.B_iso_or_equiv 
_atom_site.pdbx_formal_charge 
_atom_site.auth_seq_id 
_atom_site.auth_comp_id 
_atom_site.auth_asym_id 
_atom_site.auth_atom_id 
_atom_site.pdbx_PDB_model_num 
ATOM   1    N  N     . GLU A 1 3   ? -6.305  7.462   17.115  1.00 81.27  ? 3   GLU A N     1 
ATOM   2    C  CA    . GLU A 1 3   ? -5.981  6.009   17.253  1.00 81.30  ? 3   GLU A CA    1 
ATOM   3    C  C     . GLU A 1 3   ? -6.488  5.165   16.070  1.00 81.22  ? 3   GLU A C     1 
ATOM   4    O  O     . GLU A 1 3   ? -6.989  5.702   15.071  1.00 81.44  ? 3   GLU A O     1 
ATOM   5    C  CB    . GLU A 1 3   ? -6.537  5.472   18.581  1.00 81.04  ? 3   GLU A CB    1 
HETATM 6    N  N     . MSE A 1 4   ? -6.304  3.847   16.184  1.00 80.94  ? 4   MSE A N     1 
HETATM 7    C  CA    . MSE A 1 4   ? -6.983  2.842   15.350  1.00 80.43  ? 4   MSE A CA    1 
HETATM 8    C  C     . MSE A 1 4   ? -6.827  1.437   15.937  1.00 79.63  ? 4   MSE A C     1 
HETATM 9    O  O     . MSE A 1 4   ? -5.727  1.041   16.343  1.00 79.63  ? 4   MSE A O     1 
HETATM 10   C  CB    . MSE A 1 4   ? -6.511  2.866   13.885  1.00 80.55  ? 4   MSE A CB    1 
HETATM 11   C  CG    . MSE A 1 4   ? -5.019  2.692   13.665  1.00 80.57  ? 4   MSE A CG    1 
HETATM 12   SE SE    . MSE A 1 4   ? -4.633  1.801   11.944  1.00 81.03  ? 4   MSE A SE    1 
HETATM 13   C  CE    . MSE A 1 4   ? -4.245  -0.021  12.615  1.00 80.79  ? 4   MSE A CE    1 
ATOM   14   N  N     . GLU A 1 5   ? -7.932  0.693   15.980  1.00 78.44  ? 5   GLU A N     1 
ATOM   15   C  CA    . GLU A 1 5   ? -7.917  -0.695  16.443  1.00 77.31  ? 5   GLU A CA    1 
ATOM   16   C  C     . GLU A 1 5   ? -7.343  -1.636  15.380  1.00 76.41  ? 5   GLU A C     1 
ATOM   17   O  O     . GLU A 1 5   ? -6.184  -1.489  14.977  1.00 76.33  ? 5   GLU A O     1 
ATOM   18   C  CB    . GLU A 1 5   ? -9.312  -1.135  16.886  1.00 77.80  ? 5   GLU A CB    1 
ATOM   19   C  CG    . GLU A 1 5   ? -10.469 -0.604  16.038  1.00 78.16  ? 5   GLU A CG    1 
ATOM   20   C  CD    . GLU A 1 5   ? -11.738 -0.433  16.863  1.00 78.46  ? 5   GLU A CD    1 
ATOM   21   O  OE1   . GLU A 1 5   ? -11.720 0.373   17.825  1.00 78.56  ? 5   GLU A OE1   1 
ATOM   22   O  OE2   . GLU A 1 5   ? -12.752 -1.105  16.561  1.00 78.59  ? 5   GLU A OE2   1 
ATOM   23   N  N     . LEU A 1 6   ? -8.140  -2.605  14.935  1.00 75.02  ? 6   LEU A N     1 
ATOM   24   C  CA    . LEU A 1 6   ? -7.721  -3.512  13.862  1.00 73.00  ? 6   LEU A CA    1 
ATOM   25   C  C     . LEU A 1 6   ? -8.636  -3.309  12.645  1.00 71.06  ? 6   LEU A C     1 
ATOM   26   O  O     . LEU A 1 6   ? -9.856  -3.491  12.721  1.00 70.40  ? 6   LEU A O     1 
ATOM   27   C  CB    . LEU A 1 6   ? -7.689  -4.982  14.349  1.00 73.70  ? 6   LEU A CB    1 
ATOM   28   C  CG    . LEU A 1 6   ? -7.015  -5.319  15.707  1.00 73.89  ? 6   LEU A CG    1 
ATOM   29   C  CD1   . LEU A 1 6   ? -7.657  -6.544  16.401  1.00 73.79  ? 6   LEU A CD1   1 
ATOM   30   C  CD2   . LEU A 1 6   ? -5.477  -5.462  15.637  1.00 73.43  ? 6   LEU A CD2   1 
ATOM   31   N  N     . LYS A 1 7   ? -8.025  -2.887  11.539  1.00 68.85  ? 7   LYS A N     1 
ATOM   32   C  CA    . LYS A 1 7   ? -8.733  -2.591  10.300  1.00 66.10  ? 7   LYS A CA    1 
ATOM   33   C  C     . LYS A 1 7   ? -8.418  -3.653  9.246   1.00 65.02  ? 7   LYS A C     1 
ATOM   34   O  O     . LYS A 1 7   ? -7.267  -4.135  9.160   1.00 64.78  ? 7   LYS A O     1 
ATOM   35   C  CB    . LYS A 1 7   ? -8.362  -1.189  9.798   1.00 65.13  ? 7   LYS A CB    1 
ATOM   36   C  CG    . LYS A 1 7   ? -9.415  -0.112  10.041  1.00 65.00  ? 7   LYS A CG    1 
ATOM   37   C  CD    . LYS A 1 7   ? -9.392  0.504   11.440  1.00 64.32  ? 7   LYS A CD    1 
ATOM   38   C  CE    . LYS A 1 7   ? -10.584 1.476   11.606  1.00 64.49  ? 7   LYS A CE    1 
ATOM   39   N  NZ    . LYS A 1 7   ? -10.570 2.346   12.828  1.00 62.92  ? 7   LYS A NZ    1 
ATOM   40   N  N     . LEU A 1 8   ? -9.443  -4.012  8.457   1.00 63.09  ? 8   LEU A N     1 
ATOM   41   C  CA    . LEU A 1 8   ? -9.298  -5.025  7.386   1.00 61.22  ? 8   LEU A CA    1 
ATOM   42   C  C     . LEU A 1 8   ? -8.887  -4.573  5.994   1.00 59.05  ? 8   LEU A C     1 
ATOM   43   O  O     . LEU A 1 8   ? -9.708  -4.379  5.086   1.00 58.69  ? 8   LEU A O     1 
ATOM   44   C  CB    . LEU A 1 8   ? -10.469 -5.990  7.296   1.00 61.79  ? 8   LEU A CB    1 
ATOM   45   C  CG    . LEU A 1 8   ? -10.118 -7.412  7.752   1.00 62.22  ? 8   LEU A CG    1 
ATOM   46   C  CD1   . LEU A 1 8   ? -9.308  -7.428  9.065   1.00 62.05  ? 8   LEU A CD1   1 
ATOM   47   C  CD2   . LEU A 1 8   ? -11.418 -8.226  7.901   1.00 62.97  ? 8   LEU A CD2   1 
ATOM   48   N  N     . ILE A 1 9   ? -7.574  -4.445  5.875   1.00 55.79  ? 9   ILE A N     1 
ATOM   49   C  CA    . ILE A 1 9   ? -6.843  -4.512  4.632   1.00 51.12  ? 9   ILE A CA    1 
ATOM   50   C  C     . ILE A 1 9   ? -6.818  -5.991  4.124   1.00 48.20  ? 9   ILE A C     1 
ATOM   51   O  O     . ILE A 1 9   ? -6.390  -6.256  2.996   1.00 48.66  ? 9   ILE A O     1 
ATOM   52   C  CB    . ILE A 1 9   ? -5.422  -3.953  4.932   1.00 51.71  ? 9   ILE A CB    1 
ATOM   53   C  CG1   . ILE A 1 9   ? -5.453  -2.433  5.046   1.00 51.81  ? 9   ILE A CG1   1 
ATOM   54   C  CG2   . ILE A 1 9   ? -4.330  -4.481  4.016   1.00 52.03  ? 9   ILE A CG2   1 
ATOM   55   C  CD1   . ILE A 1 9   ? -5.140  -1.960  6.433   1.00 52.89  ? 9   ILE A CD1   1 
ATOM   56   N  N     . LYS A 1 10  ? -7.313  -6.938  4.944   1.00 44.02  ? 10  LYS A N     1 
ATOM   57   C  CA    . LYS A 1 10  ? -7.130  -8.394  4.726   1.00 39.81  ? 10  LYS A CA    1 
ATOM   58   C  C     . LYS A 1 10  ? -5.640  -8.740  4.623   1.00 38.22  ? 10  LYS A C     1 
ATOM   59   O  O     . LYS A 1 10  ? -5.164  -9.360  3.683   1.00 36.66  ? 10  LYS A O     1 
ATOM   60   C  CB    . LYS A 1 10  ? -7.929  -8.908  3.529   1.00 40.03  ? 10  LYS A CB    1 
ATOM   61   C  CG    . LYS A 1 10  ? -9.455  -8.836  3.737   1.00 41.08  ? 10  LYS A CG    1 
ATOM   62   C  CD    . LYS A 1 10  ? -10.185 -9.679  2.718   1.00 41.66  ? 10  LYS A CD    1 
ATOM   63   C  CE    . LYS A 1 10  ? -11.703 -9.440  2.732   1.00 44.94  ? 10  LYS A CE    1 
ATOM   64   N  NZ    . LYS A 1 10  ? -12.295 -9.532  1.313   1.00 44.97  ? 10  LYS A NZ    1 
ATOM   65   N  N     . ILE A 1 11  ? -4.909  -8.269  5.620   1.00 38.60  ? 11  ILE A N     1 
ATOM   66   C  CA    . ILE A 1 11  ? -3.484  -8.499  5.767   1.00 39.76  ? 11  ILE A CA    1 
ATOM   67   C  C     . ILE A 1 11  ? -3.186  -9.989  5.847   1.00 39.99  ? 11  ILE A C     1 
ATOM   68   O  O     . ILE A 1 11  ? -3.822  -10.715 6.619   1.00 40.13  ? 11  ILE A O     1 
ATOM   69   C  CB    . ILE A 1 11  ? -2.976  -7.781  7.047   1.00 40.78  ? 11  ILE A CB    1 
ATOM   70   C  CG1   . ILE A 1 11  ? -2.843  -6.289  6.745   1.00 41.60  ? 11  ILE A CG1   1 
ATOM   71   C  CG2   . ILE A 1 11  ? -1.657  -8.388  7.541   1.00 41.74  ? 11  ILE A CG2   1 
ATOM   72   C  CD1   . ILE A 1 11  ? -2.717  -5.393  7.981   1.00 41.85  ? 11  ILE A CD1   1 
ATOM   73   N  N     . ASP A 1 12  ? -2.239  -10.444 5.037   1.00 39.60  ? 12  ASP A N     1 
ATOM   74   C  CA    . ASP A 1 12  ? -1.720  -11.802 5.173   1.00 41.60  ? 12  ASP A CA    1 
ATOM   75   C  C     . ASP A 1 12  ? -0.804  -11.878 6.430   1.00 41.73  ? 12  ASP A C     1 
ATOM   76   O  O     . ASP A 1 12  ? 0.240   -11.217 6.481   1.00 41.82  ? 12  ASP A O     1 
ATOM   77   C  CB    . ASP A 1 12  ? -0.952  -12.155 3.901   1.00 42.56  ? 12  ASP A CB    1 
ATOM   78   C  CG    . ASP A 1 12  ? -0.523  -13.590 3.845   1.00 43.03  ? 12  ASP A CG    1 
ATOM   79   O  OD1   . ASP A 1 12  ? -0.705  -14.336 4.834   1.00 43.75  ? 12  ASP A OD1   1 
ATOM   80   O  OD2   . ASP A 1 12  ? 0.026   -13.968 2.783   1.00 45.23  ? 12  ASP A OD2   1 
ATOM   81   N  N     . THR A 1 13  ? -1.219  -12.649 7.436   1.00 41.66  ? 13  THR A N     1 
ATOM   82   C  CA    . THR A 1 13  ? -0.485  -12.709 8.737   1.00 41.52  ? 13  THR A CA    1 
ATOM   83   C  C     . THR A 1 13  ? 0.458   -13.934 8.894   1.00 42.18  ? 13  THR A C     1 
ATOM   84   O  O     . THR A 1 13  ? 1.048   -14.148 9.972   1.00 42.62  ? 13  THR A O     1 
ATOM   85   C  CB    . THR A 1 13  ? -1.442  -12.645 9.939   1.00 41.20  ? 13  THR A CB    1 
ATOM   86   O  OG1   . THR A 1 13  ? -2.316  -13.778 9.916   1.00 40.27  ? 13  THR A OG1   1 
ATOM   87   C  CG2   . THR A 1 13  ? -2.261  -11.363 9.931   1.00 40.99  ? 13  THR A CG2   1 
ATOM   88   N  N     . SER A 1 14  ? 0.594   -14.714 7.819   1.00 41.40  ? 14  SER A N     1 
ATOM   89   C  CA    . SER A 1 14  ? 1.401   -15.935 7.784   1.00 42.27  ? 14  SER A CA    1 
ATOM   90   C  C     . SER A 1 14  ? 2.892   -15.633 7.932   1.00 41.55  ? 14  SER A C     1 
ATOM   91   O  O     . SER A 1 14  ? 3.677   -16.479 8.379   1.00 40.95  ? 14  SER A O     1 
ATOM   92   C  CB    . SER A 1 14  ? 1.191   -16.649 6.441   1.00 41.50  ? 14  SER A CB    1 
ATOM   93   O  OG    . SER A 1 14  ? 1.689   -15.831 5.382   1.00 44.00  ? 14  SER A OG    1 
ATOM   94   N  N     . HIS A 1 15  ? 3.268   -14.441 7.495   1.00 39.80  ? 15  HIS A N     1 
ATOM   95   C  CA    . HIS A 1 15  ? 4.643   -13.945 7.577   1.00 40.73  ? 15  HIS A CA    1 
ATOM   96   C  C     . HIS A 1 15  ? 4.594   -12.417 7.544   1.00 41.02  ? 15  HIS A C     1 
ATOM   97   O  O     . HIS A 1 15  ? 3.511   -11.821 7.332   1.00 39.14  ? 15  HIS A O     1 
ATOM   98   C  CB    . HIS A 1 15  ? 5.486   -14.459 6.397   1.00 40.58  ? 15  HIS A CB    1 
ATOM   99   C  CG    . HIS A 1 15  ? 5.019   -13.951 5.057   1.00 43.33  ? 15  HIS A CG    1 
ATOM   100  N  ND1   . HIS A 1 15  ? 3.861   -14.401 4.458   1.00 43.42  ? 15  HIS A ND1   1 
ATOM   101  C  CD2   . HIS A 1 15  ? 5.536   -13.014 4.224   1.00 42.51  ? 15  HIS A CD2   1 
ATOM   102  C  CE1   . HIS A 1 15  ? 3.699   -13.786 3.301   1.00 43.40  ? 15  HIS A CE1   1 
ATOM   103  N  NE2   . HIS A 1 15  ? 4.699   -12.938 3.135   1.00 43.72  ? 15  HIS A NE2   1 
ATOM   104  N  N     . TYR A 1 16  ? 5.750   -11.790 7.749   1.00 40.11  ? 16  TYR A N     1 
ATOM   105  C  CA    . TYR A 1 16  ? 5.834   -10.331 7.708   1.00 40.53  ? 16  TYR A CA    1 
ATOM   106  C  C     . TYR A 1 16  ? 7.272   -9.963  7.379   1.00 40.44  ? 16  TYR A C     1 
ATOM   107  O  O     . TYR A 1 16  ? 8.114   -10.875 7.206   1.00 40.16  ? 16  TYR A O     1 
ATOM   108  C  CB    . TYR A 1 16  ? 5.369   -9.741  9.046   1.00 40.39  ? 16  TYR A CB    1 
ATOM   109  C  CG    . TYR A 1 16  ? 6.227   -10.122 10.236  1.00 41.16  ? 16  TYR A CG    1 
ATOM   110  C  CD1   . TYR A 1 16  ? 7.245   -9.273  10.664  1.00 41.35  ? 16  TYR A CD1   1 
ATOM   111  C  CD2   . TYR A 1 16  ? 6.004   -11.299 10.950  1.00 40.55  ? 16  TYR A CD2   1 
ATOM   112  C  CE1   . TYR A 1 16  ? 8.038   -9.579  11.746  1.00 40.73  ? 16  TYR A CE1   1 
ATOM   113  C  CE2   . TYR A 1 16  ? 6.781   -11.620 12.044  1.00 42.34  ? 16  TYR A CE2   1 
ATOM   114  C  CZ    . TYR A 1 16  ? 7.806   -10.766 12.436  1.00 42.01  ? 16  TYR A CZ    1 
ATOM   115  O  OH    . TYR A 1 16  ? 8.585   -11.079 13.527  1.00 40.72  ? 16  TYR A OH    1 
ATOM   116  N  N     . PHE A 1 17  ? 7.528   -8.657  7.251   1.00 38.62  ? 17  PHE A N     1 
ATOM   117  C  CA    . PHE A 1 17  ? 8.849   -8.143  6.899   1.00 39.56  ? 17  PHE A CA    1 
ATOM   118  C  C     . PHE A 1 17  ? 9.241   -7.147  7.964   1.00 39.37  ? 17  PHE A C     1 
ATOM   119  O  O     . PHE A 1 17  ? 8.412   -6.348  8.350   1.00 40.16  ? 17  PHE A O     1 
ATOM   120  C  CB    . PHE A 1 17  ? 8.872   -7.507  5.511   1.00 39.60  ? 17  PHE A CB    1 
ATOM   121  C  CG    . PHE A 1 17  ? 8.557   -8.487  4.418   1.00 41.39  ? 17  PHE A CG    1 
ATOM   122  C  CD1   . PHE A 1 17  ? 9.587   -9.062  3.654   1.00 42.28  ? 17  PHE A CD1   1 
ATOM   123  C  CD2   . PHE A 1 17  ? 7.233   -8.869  4.179   1.00 40.54  ? 17  PHE A CD2   1 
ATOM   124  C  CE1   . PHE A 1 17  ? 9.290   -10.012 2.616   1.00 42.02  ? 17  PHE A CE1   1 
ATOM   125  C  CE2   . PHE A 1 17  ? 6.921   -9.822  3.158   1.00 43.27  ? 17  PHE A CE2   1 
ATOM   126  C  CZ    . PHE A 1 17  ? 7.946   -10.413 2.401   1.00 42.18  ? 17  PHE A CZ    1 
ATOM   127  N  N     . GLU A 1 18  ? 10.502  -7.194  8.399   1.00 37.94  ? 18  GLU A N     1 
ATOM   128  C  CA    . GLU A 1 18  ? 11.001  -6.303  9.432   1.00 39.88  ? 18  GLU A CA    1 
ATOM   129  C  C     . GLU A 1 18  ? 12.084  -5.383  8.863   1.00 38.94  ? 18  GLU A C     1 
ATOM   130  O  O     . GLU A 1 18  ? 13.009  -5.827  8.180   1.00 39.31  ? 18  GLU A O     1 
ATOM   131  C  CB    . GLU A 1 18  ? 11.553  -7.120  10.626  1.00 40.01  ? 18  GLU A CB    1 
ATOM   132  C  CG    . GLU A 1 18  ? 12.058  -6.284  11.772  1.00 41.56  ? 18  GLU A CG    1 
ATOM   133  C  CD    . GLU A 1 18  ? 12.664  -7.120  12.901  1.00 43.44  ? 18  GLU A CD    1 
ATOM   134  O  OE1   . GLU A 1 18  ? 12.446  -8.348  12.921  1.00 46.84  ? 18  GLU A OE1   1 
ATOM   135  O  OE2   . GLU A 1 18  ? 13.364  -6.553  13.762  1.00 43.60  ? 18  GLU A OE2   1 
ATOM   136  N  N     . LYS A 1 19  ? 11.987  -4.093  9.130   1.00 37.71  ? 19  LYS A N     1 
ATOM   137  C  CA    . LYS A 1 19  ? 13.040  -3.241  8.640   1.00 38.68  ? 19  LYS A CA    1 
ATOM   138  C  C     . LYS A 1 19  ? 14.280  -3.365  9.516   1.00 38.27  ? 19  LYS A C     1 
ATOM   139  O  O     . LYS A 1 19  ? 14.209  -3.383  10.775  1.00 36.93  ? 19  LYS A O     1 
ATOM   140  C  CB    . LYS A 1 19  ? 12.636  -1.789  8.519   1.00 40.88  ? 19  LYS A CB    1 
ATOM   141  C  CG    . LYS A 1 19  ? 13.541  -1.057  7.538   1.00 42.82  ? 19  LYS A CG    1 
ATOM   142  C  CD    . LYS A 1 19  ? 13.426  0.408   7.686   1.00 42.90  ? 19  LYS A CD    1 
ATOM   143  C  CE    . LYS A 1 19  ? 13.429  1.025   6.320   1.00 41.95  ? 19  LYS A CE    1 
ATOM   144  N  NZ    . LYS A 1 19  ? 13.424  2.505   6.456   1.00 41.38  ? 19  LYS A NZ    1 
ATOM   145  N  N     . LYS A 1 20  ? 15.406  -3.453  8.821   1.00 38.99  ? 20  LYS A N     1 
ATOM   146  C  CA    . LYS A 1 20  ? 16.732  -3.605  9.455   1.00 40.60  ? 20  LYS A CA    1 
ATOM   147  C  C     . LYS A 1 20  ? 17.618  -2.374  9.166   1.00 42.06  ? 20  LYS A C     1 
ATOM   148  O  O     . LYS A 1 20  ? 17.483  -1.727  8.097   1.00 40.95  ? 20  LYS A O     1 
ATOM   149  C  CB    . LYS A 1 20  ? 17.388  -4.892  8.952   1.00 42.25  ? 20  LYS A CB    1 
ATOM   150  C  CG    . LYS A 1 20  ? 16.691  -6.162  9.439   1.00 44.61  ? 20  LYS A CG    1 
ATOM   151  C  CD    . LYS A 1 20  ? 16.654  -6.147  10.968  1.00 48.63  ? 20  LYS A CD    1 
ATOM   152  C  CE    . LYS A 1 20  ? 16.080  -7.420  11.545  1.00 51.18  ? 20  LYS A CE    1 
ATOM   153  N  NZ    . LYS A 1 20  ? 17.048  -8.538  11.361  1.00 52.47  ? 20  LYS A NZ    1 
ATOM   154  N  N     . PRO A 1 21  ? 18.519  -2.028  10.103  1.00 43.32  ? 21  PRO A N     1 
ATOM   155  C  CA    . PRO A 1 21  ? 19.433  -0.895  9.856   1.00 45.16  ? 21  PRO A CA    1 
ATOM   156  C  C     . PRO A 1 21  ? 20.356  -1.106  8.648   1.00 47.03  ? 21  PRO A C     1 
ATOM   157  O  O     . PRO A 1 21  ? 20.587  -2.277  8.239   1.00 48.37  ? 21  PRO A O     1 
ATOM   158  C  CB    . PRO A 1 21  ? 20.238  -0.818  11.144  1.00 44.66  ? 21  PRO A CB    1 
ATOM   159  C  CG    . PRO A 1 21  ? 19.343  -1.475  12.178  1.00 44.26  ? 21  PRO A CG    1 
ATOM   160  C  CD    . PRO A 1 21  ? 18.738  -2.613  11.442  1.00 43.82  ? 21  PRO A CD    1 
ATOM   161  N  N     . GLY A 1 22  ? 20.847  0.016   8.066   1.00 47.19  ? 22  GLY A N     1 
ATOM   162  C  CA    . GLY A 1 22  ? 21.672  -0.065  6.848   1.00 50.13  ? 22  GLY A CA    1 
ATOM   163  C  C     . GLY A 1 22  ? 21.083  0.655   5.633   1.00 51.02  ? 22  GLY A C     1 
ATOM   164  O  O     . GLY A 1 22  ? 19.877  0.932   5.609   1.00 50.77  ? 22  GLY A O     1 
ATOM   165  N  N     . LEU A 1 23  ? 21.832  0.804   4.539   1.00 51.46  ? 23  LEU A N     1 
ATOM   166  C  CA    . LEU A 1 23  ? 22.554  -0.266  3.847   1.00 51.75  ? 23  LEU A CA    1 
ATOM   167  C  C     . LEU A 1 23  ? 21.482  -0.981  3.019   1.00 50.64  ? 23  LEU A C     1 
ATOM   168  O  O     . LEU A 1 23  ? 20.924  -0.423  2.046   1.00 51.63  ? 23  LEU A O     1 
ATOM   169  C  CB    . LEU A 1 23  ? 23.278  -1.240  4.797   1.00 53.40  ? 23  LEU A CB    1 
ATOM   170  C  CG    . LEU A 1 23  ? 24.769  -1.072  5.185   1.00 52.91  ? 23  LEU A CG    1 
ATOM   171  C  CD1   . LEU A 1 23  ? 25.726  -1.490  4.051   1.00 54.01  ? 23  LEU A CD1   1 
ATOM   172  C  CD2   . LEU A 1 23  ? 25.085  0.329   5.653   1.00 54.07  ? 23  LEU A CD2   1 
ATOM   173  N  N     . GLY A 1 24  ? 21.136  -2.190  3.445   1.00 48.71  ? 24  GLY A N     1 
ATOM   174  C  CA    . GLY A 1 24  ? 20.202  -2.999  2.712   1.00 47.40  ? 24  GLY A CA    1 
ATOM   175  C  C     . GLY A 1 24  ? 20.990  -3.910  1.811   1.00 47.06  ? 24  GLY A C     1 
ATOM   176  O  O     . GLY A 1 24  ? 22.125  -3.573  1.413   1.00 46.98  ? 24  GLY A O     1 
ATOM   177  N  N     . GLU A 1 25  ? 20.415  -5.073  1.524   1.00 45.58  ? 25  GLU A N     1 
ATOM   178  C  CA    . GLU A 1 25  ? 21.075  -6.075  0.696   1.00 47.28  ? 25  GLU A CA    1 
ATOM   179  C  C     . GLU A 1 25  ? 20.867  -5.768  -0.776  1.00 43.60  ? 25  GLU A C     1 
ATOM   180  O  O     . GLU A 1 25  ? 19.697  -5.493  -1.217  1.00 40.03  ? 25  GLU A O     1 
ATOM   181  C  CB    . GLU A 1 25  ? 20.574  -7.492  1.029   1.00 50.36  ? 25  GLU A CB    1 
ATOM   182  C  CG    . GLU A 1 25  ? 21.386  -8.622  0.336   1.00 54.72  ? 25  GLU A CG    1 
ATOM   183  C  CD    . GLU A 1 25  ? 20.872  -10.045 0.612   1.00 54.42  ? 25  GLU A CD    1 
ATOM   184  O  OE1   . GLU A 1 25  ? 21.606  -10.793 1.297   1.00 57.59  ? 25  GLU A OE1   1 
ATOM   185  O  OE2   . GLU A 1 25  ? 19.755  -10.399 0.147   1.00 58.48  ? 25  GLU A OE2   1 
ATOM   186  N  N     . ARG A 1 26  ? 21.963  -5.812  -1.550  1.00 39.18  ? 26  ARG A N     1 
ATOM   187  C  CA    . ARG A 1 26  ? 21.829  -5.534  -2.981  1.00 39.73  ? 26  ARG A CA    1 
ATOM   188  C  C     . ARG A 1 26  ? 20.942  -6.592  -3.660  1.00 38.23  ? 26  ARG A C     1 
ATOM   189  O  O     . ARG A 1 26  ? 21.108  -7.805  -3.414  1.00 36.89  ? 26  ARG A O     1 
ATOM   190  C  CB    . ARG A 1 26  ? 23.192  -5.437  -3.689  1.00 39.25  ? 26  ARG A CB    1 
ATOM   191  C  CG    . ARG A 1 26  ? 23.034  -5.279  -5.207  1.00 39.46  ? 26  ARG A CG    1 
ATOM   192  C  CD    . ARG A 1 26  ? 24.268  -4.734  -5.852  1.00 44.13  ? 26  ARG A CD    1 
ATOM   193  N  NE    . ARG A 1 26  ? 24.165  -4.831  -7.304  1.00 45.16  ? 26  ARG A NE    1 
ATOM   194  C  CZ    . ARG A 1 26  ? 25.165  -4.543  -8.125  1.00 45.72  ? 26  ARG A CZ    1 
ATOM   195  N  NH1   . ARG A 1 26  ? 26.332  -4.127  -7.654  1.00 47.08  ? 26  ARG A NH1   1 
ATOM   196  N  NH2   . ARG A 1 26  ? 25.002  -4.665  -9.418  1.00 46.02  ? 26  ARG A NH2   1 
ATOM   197  N  N     . VAL A 1 27  ? 20.016  -6.130  -4.509  1.00 39.92  ? 27  VAL A N     1 
ATOM   198  C  CA    . VAL A 1 27  ? 19.202  -6.991  -5.359  1.00 40.79  ? 27  VAL A CA    1 
ATOM   199  C  C     . VAL A 1 27  ? 19.326  -6.409  -6.765  1.00 39.55  ? 27  VAL A C     1 
ATOM   200  O  O     . VAL A 1 27  ? 19.098  -5.219  -6.936  1.00 40.44  ? 27  VAL A O     1 
ATOM   201  C  CB    . VAL A 1 27  ? 17.673  -6.953  -4.980  1.00 43.75  ? 27  VAL A CB    1 
ATOM   202  C  CG1   . VAL A 1 27  ? 16.886  -7.996  -5.832  1.00 45.96  ? 27  VAL A CG1   1 
ATOM   203  C  CG2   . VAL A 1 27  ? 17.472  -7.177  -3.488  1.00 44.20  ? 27  VAL A CG2   1 
ATOM   204  N  N     . ASP A 1 28  ? 19.698  -7.219  -7.760  1.00 36.11  ? 28  ASP A N     1 
ATOM   205  C  CA    . ASP A 1 28  ? 19.606  -6.759  -9.153  1.00 34.49  ? 28  ASP A CA    1 
ATOM   206  C  C     . ASP A 1 28  ? 18.271  -7.242  -9.741  1.00 34.82  ? 28  ASP A C     1 
ATOM   207  O  O     . ASP A 1 28  ? 17.932  -8.411  -9.594  1.00 32.44  ? 28  ASP A O     1 
ATOM   208  C  CB    . ASP A 1 28  ? 20.734  -7.333  -9.972  1.00 34.31  ? 28  ASP A CB    1 
ATOM   209  C  CG    . ASP A 1 28  ? 22.091  -6.829  -9.543  1.00 38.57  ? 28  ASP A CG    1 
ATOM   210  O  OD1   . ASP A 1 28  ? 22.245  -5.638  -9.226  1.00 38.74  ? 28  ASP A OD1   1 
ATOM   211  O  OD2   . ASP A 1 28  ? 23.013  -7.657  -9.550  1.00 39.77  ? 28  ASP A OD2   1 
ATOM   212  N  N     . TYR A 1 29  ? 17.550  -6.370  -10.444 1.00 32.13  ? 29  TYR A N     1 
ATOM   213  C  CA    . TYR A 1 29  ? 16.244  -6.739  -10.934 1.00 34.07  ? 29  TYR A CA    1 
ATOM   214  C  C     . TYR A 1 29  ? 16.042  -5.940  -12.245 1.00 32.79  ? 29  TYR A C     1 
ATOM   215  O  O     . TYR A 1 29  ? 16.140  -4.712  -12.239 1.00 31.58  ? 29  TYR A O     1 
ATOM   216  C  CB    . TYR A 1 29  ? 15.175  -6.345  -9.867  1.00 33.38  ? 29  TYR A CB    1 
ATOM   217  C  CG    . TYR A 1 29  ? 13.744  -6.487  -10.341 1.00 33.76  ? 29  TYR A CG    1 
ATOM   218  C  CD1   . TYR A 1 29  ? 13.097  -7.718  -10.259 1.00 34.88  ? 29  TYR A CD1   1 
ATOM   219  C  CD2   . TYR A 1 29  ? 13.033  -5.370  -10.811 1.00 33.02  ? 29  TYR A CD2   1 
ATOM   220  C  CE1   . TYR A 1 29  ? 11.748  -7.837  -10.718 1.00 32.77  ? 29  TYR A CE1   1 
ATOM   221  C  CE2   . TYR A 1 29  ? 11.759  -5.469  -11.266 1.00 31.89  ? 29  TYR A CE2   1 
ATOM   222  C  CZ    . TYR A 1 29  ? 11.127  -6.705  -11.208 1.00 32.72  ? 29  TYR A CZ    1 
ATOM   223  O  OH    . TYR A 1 29  ? 9.862   -6.820  -11.647 1.00 32.23  ? 29  TYR A OH    1 
ATOM   224  N  N     . ALA A 1 30  ? 15.735  -6.620  -13.328 1.00 32.75  ? 30  ALA A N     1 
ATOM   225  C  CA    . ALA A 1 30  ? 15.461  -5.970  -14.637 1.00 33.81  ? 30  ALA A CA    1 
ATOM   226  C  C     . ALA A 1 30  ? 16.518  -4.918  -15.043 1.00 36.22  ? 30  ALA A C     1 
ATOM   227  O  O     . ALA A 1 30  ? 16.170  -3.878  -15.571 1.00 37.94  ? 30  ALA A O     1 
ATOM   228  C  CB    . ALA A 1 30  ? 14.011  -5.369  -14.667 1.00 36.05  ? 30  ALA A CB    1 
ATOM   229  N  N     . GLY A 1 31  ? 17.794  -5.184  -14.736 1.00 35.64  ? 31  GLY A N     1 
ATOM   230  C  CA    . GLY A 1 31  ? 18.943  -4.367  -15.191 1.00 37.53  ? 31  GLY A CA    1 
ATOM   231  C  C     . GLY A 1 31  ? 19.284  -3.216  -14.285 1.00 37.94  ? 31  GLY A C     1 
ATOM   232  O  O     . GLY A 1 31  ? 20.240  -2.471  -14.548 1.00 39.40  ? 31  GLY A O     1 
ATOM   233  N  N     . ARG A 1 32  ? 18.510  -3.097  -13.201 1.00 37.60  ? 32  ARG A N     1 
ATOM   234  C  CA    . ARG A 1 32  ? 18.611  -2.026  -12.213 1.00 40.10  ? 32  ARG A CA    1 
ATOM   235  C  C     . ARG A 1 32  ? 18.988  -2.612  -10.847 1.00 40.82  ? 32  ARG A C     1 
ATOM   236  O  O     . ARG A 1 32  ? 18.794  -3.823  -10.573 1.00 36.13  ? 32  ARG A O     1 
ATOM   237  C  CB    . ARG A 1 32  ? 17.255  -1.318  -12.044 1.00 42.05  ? 32  ARG A CB    1 
ATOM   238  C  CG    . ARG A 1 32  ? 16.731  -0.520  -13.252 1.00 45.40  ? 32  ARG A CG    1 
ATOM   239  C  CD    . ARG A 1 32  ? 17.056  0.974   -13.097 1.00 50.04  ? 32  ARG A CD    1 
ATOM   240  N  NE    . ARG A 1 32  ? 17.373  1.670   -14.362 1.00 51.29  ? 32  ARG A NE    1 
ATOM   241  C  CZ    . ARG A 1 32  ? 17.589  2.973   -14.437 1.00 52.86  ? 32  ARG A CZ    1 
ATOM   242  N  NH1   . ARG A 1 32  ? 17.554  3.703   -13.324 1.00 53.17  ? 32  ARG A NH1   1 
ATOM   243  N  NH2   . ARG A 1 32  ? 17.873  3.549   -15.609 1.00 54.63  ? 32  ARG A NH2   1 
ATOM   244  N  N     . CYS A 1 33  ? 19.505  -1.727  -10.005 1.00 38.98  ? 33  CYS A N     1 
ATOM   245  C  CA    . CYS A 1 33  ? 19.930  -2.039  -8.663  1.00 42.39  ? 33  CYS A CA    1 
ATOM   246  C  C     . CYS A 1 33  ? 18.988  -1.646  -7.572  1.00 42.06  ? 33  CYS A C     1 
ATOM   247  O  O     . CYS A 1 33  ? 18.509  -0.508  -7.544  1.00 41.37  ? 33  CYS A O     1 
ATOM   248  C  CB    . CYS A 1 33  ? 21.213  -1.281  -8.362  1.00 46.45  ? 33  CYS A CB    1 
ATOM   249  S  SG    . CYS A 1 33  ? 22.474  -2.408  -8.384  1.00 54.61  ? 33  CYS A SG    1 
ATOM   250  N  N     . PHE A 1 34  ? 18.776  -2.559  -6.625  1.00 43.07  ? 34  PHE A N     1 
ATOM   251  C  CA    . PHE A 1 34  ? 17.945  -2.241  -5.470  1.00 44.13  ? 34  PHE A CA    1 
ATOM   252  C  C     . PHE A 1 34  ? 18.664  -2.573  -4.199  1.00 43.51  ? 34  PHE A C     1 
ATOM   253  O  O     . PHE A 1 34  ? 19.448  -3.522  -4.160  1.00 43.21  ? 34  PHE A O     1 
ATOM   254  C  CB    . PHE A 1 34  ? 16.572  -2.956  -5.557  1.00 45.17  ? 34  PHE A CB    1 
ATOM   255  C  CG    . PHE A 1 34  ? 15.735  -2.479  -6.708  1.00 46.14  ? 34  PHE A CG    1 
ATOM   256  C  CD1   . PHE A 1 34  ? 14.777  -1.478  -6.515  1.00 46.63  ? 34  PHE A CD1   1 
ATOM   257  C  CD2   . PHE A 1 34  ? 15.908  -3.024  -7.993  1.00 43.55  ? 34  PHE A CD2   1 
ATOM   258  C  CE1   . PHE A 1 34  ? 13.984  -1.017  -7.611  1.00 46.75  ? 34  PHE A CE1   1 
ATOM   259  C  CE2   . PHE A 1 34  ? 15.188  -2.538  -9.072  1.00 43.33  ? 34  PHE A CE2   1 
ATOM   260  C  CZ    . PHE A 1 34  ? 14.203  -1.536  -8.870  1.00 43.99  ? 34  PHE A CZ    1 
ATOM   261  N  N     . TYR A 1 35  ? 18.441  -1.762  -3.161  1.00 41.37  ? 35  TYR A N     1 
ATOM   262  C  CA    . TYR A 1 35  ? 18.932  -2.120  -1.845  1.00 41.02  ? 35  TYR A CA    1 
ATOM   263  C  C     . TYR A 1 35  ? 17.803  -2.422  -0.922  1.00 40.26  ? 35  TYR A C     1 
ATOM   264  O  O     . TYR A 1 35  ? 17.006  -1.553  -0.617  1.00 44.26  ? 35  TYR A O     1 
ATOM   265  C  CB    . TYR A 1 35  ? 19.869  -1.031  -1.284  1.00 41.29  ? 35  TYR A CB    1 
ATOM   266  C  CG    . TYR A 1 35  ? 21.140  -1.062  -2.076  1.00 41.67  ? 35  TYR A CG    1 
ATOM   267  C  CD1   . TYR A 1 35  ? 22.200  -1.851  -1.666  1.00 41.08  ? 35  TYR A CD1   1 
ATOM   268  C  CD2   . TYR A 1 35  ? 21.236  -0.404  -3.310  1.00 42.24  ? 35  TYR A CD2   1 
ATOM   269  C  CE1   . TYR A 1 35  ? 23.364  -1.924  -2.419  1.00 43.17  ? 35  TYR A CE1   1 
ATOM   270  C  CE2   . TYR A 1 35  ? 22.409  -0.478  -4.085  1.00 42.84  ? 35  TYR A CE2   1 
ATOM   271  C  CZ    . TYR A 1 35  ? 23.461  -1.234  -3.614  1.00 42.90  ? 35  TYR A CZ    1 
ATOM   272  O  OH    . TYR A 1 35  ? 24.626  -1.342  -4.324  1.00 43.14  ? 35  TYR A OH    1 
ATOM   273  N  N     . ASN A 1 36  ? 17.733  -3.664  -0.499  1.00 39.57  ? 36  ASN A N     1 
ATOM   274  C  CA    . ASN A 1 36  ? 16.607  -4.151  0.276   1.00 39.31  ? 36  ASN A CA    1 
ATOM   275  C  C     . ASN A 1 36  ? 16.889  -3.998  1.765   1.00 38.68  ? 36  ASN A C     1 
ATOM   276  O  O     . ASN A 1 36  ? 17.775  -4.694  2.313   1.00 39.90  ? 36  ASN A O     1 
ATOM   277  C  CB    . ASN A 1 36  ? 16.431  -5.617  0.021   1.00 36.33  ? 36  ASN A CB    1 
ATOM   278  C  CG    . ASN A 1 36  ? 15.149  -6.167  0.582   1.00 39.50  ? 36  ASN A CG    1 
ATOM   279  O  OD1   . ASN A 1 36  ? 14.331  -5.466  1.164   1.00 39.80  ? 36  ASN A OD1   1 
ATOM   280  N  ND2   . ASN A 1 36  ? 14.935  -7.440  0.343   1.00 44.76  ? 36  ASN A ND2   1 
ATOM   281  N  N     . LYS A 1 37  ? 16.138  -3.112  2.409   1.00 41.20  ? 37  LYS A N     1 
ATOM   282  C  CA    . LYS A 1 37  ? 16.332  -2.756  3.832   1.00 39.85  ? 37  LYS A CA    1 
ATOM   283  C  C     . LYS A 1 37  ? 15.394  -3.549  4.757   1.00 41.44  ? 37  LYS A C     1 
ATOM   284  O  O     . LYS A 1 37  ? 15.438  -3.375  6.004   1.00 40.83  ? 37  LYS A O     1 
ATOM   285  C  CB    . LYS A 1 37  ? 16.117  -1.255  4.010   1.00 42.20  ? 37  LYS A CB    1 
ATOM   286  C  CG    . LYS A 1 37  ? 17.177  -0.429  3.328   1.00 44.35  ? 37  LYS A CG    1 
ATOM   287  C  CD    . LYS A 1 37  ? 16.965  1.076   3.506   1.00 46.06  ? 37  LYS A CD    1 
ATOM   288  C  CE    . LYS A 1 37  ? 18.064  1.883   2.763   1.00 47.82  ? 37  LYS A CE    1 
ATOM   289  N  NZ    . LYS A 1 37  ? 18.137  1.427   1.285   1.00 49.82  ? 37  LYS A NZ    1 
ATOM   290  N  N     . PHE A 1 38  ? 14.549  -4.404  4.153   1.00 40.36  ? 38  PHE A N     1 
ATOM   291  C  CA    . PHE A 1 38  ? 13.563  -5.251  4.878   1.00 42.00  ? 38  PHE A CA    1 
ATOM   292  C  C     . PHE A 1 38  ? 13.905  -6.721  4.838   1.00 43.58  ? 38  PHE A C     1 
ATOM   293  O  O     . PHE A 1 38  ? 14.205  -7.274  3.780   1.00 46.38  ? 38  PHE A O     1 
ATOM   294  C  CB    . PHE A 1 38  ? 12.097  -5.103  4.327   1.00 40.26  ? 38  PHE A CB    1 
ATOM   295  C  CG    . PHE A 1 38  ? 11.388  -3.902  4.835   1.00 38.02  ? 38  PHE A CG    1 
ATOM   296  C  CD1   . PHE A 1 38  ? 10.465  -4.011  5.872   1.00 35.83  ? 38  PHE A CD1   1 
ATOM   297  C  CD2   . PHE A 1 38  ? 11.648  -2.652  4.282   1.00 36.82  ? 38  PHE A CD2   1 
ATOM   298  C  CE1   . PHE A 1 38  ? 9.772   -2.887  6.316   1.00 36.75  ? 38  PHE A CE1   1 
ATOM   299  C  CE2   . PHE A 1 38  ? 11.009  -1.535  4.747   1.00 36.02  ? 38  PHE A CE2   1 
ATOM   300  C  CZ    . PHE A 1 38  ? 10.050  -1.644  5.780   1.00 37.23  ? 38  PHE A CZ    1 
ATOM   301  N  N     . GLN A 1 39  ? 13.819  -7.361  6.000   1.00 44.94  ? 39  GLN A N     1 
ATOM   302  C  CA    . GLN A 1 39  ? 14.058  -8.800  6.099   1.00 45.20  ? 39  GLN A CA    1 
ATOM   303  C  C     . GLN A 1 39  ? 12.743  -9.554  6.261   1.00 43.66  ? 39  GLN A C     1 
ATOM   304  O  O     . GLN A 1 39  ? 11.940  -9.248  7.143   1.00 41.87  ? 39  GLN A O     1 
ATOM   305  C  CB    . GLN A 1 39  ? 15.006  -9.113  7.267   1.00 45.59  ? 39  GLN A CB    1 
ATOM   306  C  CG    . GLN A 1 39  ? 15.605  -10.494 7.190   1.00 48.68  ? 39  GLN A CG    1 
ATOM   307  C  CD    . GLN A 1 39  ? 16.982  -10.557 7.773   1.00 50.42  ? 39  GLN A CD    1 
ATOM   308  O  OE1   . GLN A 1 39  ? 17.288  -9.917  8.798   1.00 48.29  ? 39  GLN A OE1   1 
ATOM   309  N  NE2   . GLN A 1 39  ? 17.844  -11.339 7.124   1.00 52.30  ? 39  GLN A NE2   1 
ATOM   310  N  N     . ARG A 1 40  ? 12.531  -10.546 5.399   1.00 43.33  ? 40  ARG A N     1 
ATOM   311  C  CA    . ARG A 1 40  ? 11.381  -11.408 5.538   1.00 42.31  ? 40  ARG A CA    1 
ATOM   312  C  C     . ARG A 1 40  ? 11.515  -12.222 6.819   1.00 42.65  ? 40  ARG A C     1 
ATOM   313  O  O     . ARG A 1 40  ? 12.589  -12.765 7.122   1.00 41.52  ? 40  ARG A O     1 
ATOM   314  C  CB    . ARG A 1 40  ? 11.236  -12.291 4.299   1.00 44.64  ? 40  ARG A CB    1 
ATOM   315  C  CG    . ARG A 1 40  ? 10.168  -13.352 4.421   1.00 47.02  ? 40  ARG A CG    1 
ATOM   316  C  CD    . ARG A 1 40  ? 9.728   -13.830 3.081   1.00 49.86  ? 40  ARG A CD    1 
ATOM   317  N  NE    . ARG A 1 40  ? 8.674   -14.830 3.211   1.00 52.40  ? 40  ARG A NE    1 
ATOM   318  C  CZ    . ARG A 1 40  ? 7.705   -15.012 2.317   1.00 53.08  ? 40  ARG A CZ    1 
ATOM   319  N  NH1   . ARG A 1 40  ? 7.655   -14.235 1.225   1.00 53.22  ? 40  ARG A NH1   1 
ATOM   320  N  NH2   . ARG A 1 40  ? 6.779   -15.960 2.531   1.00 53.02  ? 40  ARG A NH2   1 
ATOM   321  N  N     . VAL A 1 41  ? 10.424  -12.287 7.580   1.00 42.78  ? 41  VAL A N     1 
ATOM   322  C  CA    . VAL A 1 41  ? 10.369  -13.118 8.782   1.00 43.65  ? 41  VAL A CA    1 
ATOM   323  C  C     . VAL A 1 41  ? 9.270   -14.152 8.611   1.00 43.93  ? 41  VAL A C     1 
ATOM   324  O  O     . VAL A 1 41  ? 8.075   -13.822 8.509   1.00 44.51  ? 41  VAL A O     1 
ATOM   325  C  CB    . VAL A 1 41  ? 10.133  -12.313 10.073  1.00 43.10  ? 41  VAL A CB    1 
ATOM   326  C  CG1   . VAL A 1 41  ? 10.259  -13.233 11.273  1.00 43.66  ? 41  VAL A CG1   1 
ATOM   327  C  CG2   . VAL A 1 41  ? 11.151  -11.178 10.184  1.00 43.59  ? 41  VAL A CG2   1 
ATOM   328  N  N     . ASN A 1 42  ? 9.709   -15.401 8.545   1.00 43.42  ? 42  ASN A N     1 
ATOM   329  C  CA    . ASN A 1 42  ? 8.852   -16.549 8.347   1.00 43.86  ? 42  ASN A CA    1 
ATOM   330  C  C     . ASN A 1 42  ? 8.212   -17.018 9.666   1.00 44.40  ? 42  ASN A C     1 
ATOM   331  O  O     . ASN A 1 42  ? 8.424   -18.149 10.136  1.00 39.92  ? 42  ASN A O     1 
ATOM   332  C  CB    . ASN A 1 42  ? 9.658   -17.662 7.647   1.00 45.84  ? 42  ASN A CB    1 
ATOM   333  C  CG    . ASN A 1 42  ? 10.380  -17.159 6.362   1.00 47.19  ? 42  ASN A CG    1 
ATOM   334  O  OD1   . ASN A 1 42  ? 9.762   -16.602 5.446   1.00 48.77  ? 42  ASN A OD1   1 
ATOM   335  N  ND2   . ASN A 1 42  ? 11.688  -17.362 6.311   1.00 49.23  ? 42  ASN A ND2   1 
ATOM   336  N  N     . ALA A 1 43  ? 7.436   -16.113 10.262  1.00 44.82  ? 43  ALA A N     1 
ATOM   337  C  CA    . ALA A 1 43  ? 6.650   -16.380 11.458  1.00 45.94  ? 43  ALA A CA    1 
ATOM   338  C  C     . ALA A 1 43  ? 5.443   -15.473 11.414  1.00 47.42  ? 43  ALA A C     1 
ATOM   339  O  O     . ALA A 1 43  ? 5.442   -14.466 10.703  1.00 46.04  ? 43  ALA A O     1 
ATOM   340  C  CB    . ALA A 1 43  ? 7.472   -16.127 12.733  1.00 46.32  ? 43  ALA A CB    1 
HETATM 341  N  N     . MSE A 1 44  ? 4.421   -15.823 12.178  1.00 50.08  ? 44  MSE A N     1 
HETATM 342  C  CA    . MSE A 1 44  ? 3.173   -15.106 12.129  1.00 54.79  ? 44  MSE A CA    1 
HETATM 343  C  C     . MSE A 1 44  ? 3.272   -13.665 12.588  1.00 51.61  ? 44  MSE A C     1 
HETATM 344  O  O     . MSE A 1 44  ? 3.973   -13.336 13.554  1.00 49.09  ? 44  MSE A O     1 
HETATM 345  C  CB    . MSE A 1 44  ? 2.100   -15.828 12.935  1.00 57.88  ? 44  MSE A CB    1 
HETATM 346  C  CG    . MSE A 1 44  ? 0.886   -14.968 13.251  1.00 60.74  ? 44  MSE A CG    1 
HETATM 347  SE SE    . MSE A 1 44  ? -0.465  -16.013 14.152  1.00 67.14  ? 44  MSE A SE    1 
HETATM 348  C  CE    . MSE A 1 44  ? -1.196  -14.713 15.589  1.00 62.31  ? 44  MSE A CE    1 
ATOM   349  N  N     . LEU A 1 45  ? 2.540   -12.813 11.879  1.00 49.02  ? 45  LEU A N     1 
ATOM   350  C  CA    . LEU A 1 45  ? 2.321   -11.432 12.289  1.00 47.91  ? 45  LEU A CA    1 
ATOM   351  C  C     . LEU A 1 45  ? 1.236   -11.426 13.369  1.00 48.03  ? 45  LEU A C     1 
ATOM   352  O  O     . LEU A 1 45  ? 0.033   -11.480 13.070  1.00 49.86  ? 45  LEU A O     1 
ATOM   353  C  CB    . LEU A 1 45  ? 1.930   -10.582 11.079  1.00 46.21  ? 45  LEU A CB    1 
ATOM   354  C  CG    . LEU A 1 45  ? 1.731   -9.060  11.218  1.00 45.68  ? 45  LEU A CG    1 
ATOM   355  C  CD1   . LEU A 1 45  ? 2.768   -8.397  12.112  1.00 45.41  ? 45  LEU A CD1   1 
ATOM   356  C  CD2   . LEU A 1 45  ? 1.768   -8.472  9.845   1.00 46.35  ? 45  LEU A CD2   1 
ATOM   357  N  N     . THR A 1 46  ? 1.678   -11.389 14.624  1.00 45.64  ? 46  THR A N     1 
ATOM   358  C  CA    . THR A 1 46  ? 0.795   -11.469 15.775  1.00 45.18  ? 46  THR A CA    1 
ATOM   359  C  C     . THR A 1 46  ? 0.278   -10.108 16.231  1.00 44.37  ? 46  THR A C     1 
ATOM   360  O  O     . THR A 1 46  ? 0.821   -9.073  15.875  1.00 42.39  ? 46  THR A O     1 
ATOM   361  C  CB    . THR A 1 46  ? 1.539   -12.064 16.984  1.00 44.96  ? 46  THR A CB    1 
ATOM   362  O  OG1   . THR A 1 46  ? 2.642   -11.207 17.303  1.00 44.94  ? 46  THR A OG1   1 
ATOM   363  C  CG2   . THR A 1 46  ? 2.056   -13.484 16.703  1.00 44.81  ? 46  THR A CG2   1 
ATOM   364  N  N     . SER A 1 47  ? -0.732  -10.134 17.100  1.00 45.17  ? 47  SER A N     1 
ATOM   365  C  CA    . SER A 1 47  ? -1.274  -8.925  17.714  1.00 44.71  ? 47  SER A CA    1 
ATOM   366  C  C     . SER A 1 47  ? -0.185  -8.183  18.487  1.00 43.49  ? 47  SER A C     1 
ATOM   367  O  O     . SER A 1 47  ? -0.086  -6.958  18.416  1.00 41.71  ? 47  SER A O     1 
ATOM   368  C  CB    . SER A 1 47  ? -2.438  -9.284  18.635  1.00 45.76  ? 47  SER A CB    1 
ATOM   369  O  OG    . SER A 1 47  ? -3.511  -8.390  18.409  1.00 47.31  ? 47  SER A OG    1 
ATOM   370  N  N     . SER A 1 48  ? 0.634   -8.956  19.202  1.00 42.95  ? 48  SER A N     1 
ATOM   371  C  CA    . SER A 1 48  ? 1.795   -8.462  19.953  1.00 42.97  ? 48  SER A CA    1 
ATOM   372  C  C     . SER A 1 48  ? 2.743   -7.613  19.067  1.00 42.07  ? 48  SER A C     1 
ATOM   373  O  O     . SER A 1 48  ? 3.126   -6.483  19.427  1.00 39.85  ? 48  SER A O     1 
ATOM   374  C  CB    . SER A 1 48  ? 2.522   -9.664  20.582  1.00 43.72  ? 48  SER A CB    1 
ATOM   375  O  OG    . SER A 1 48  ? 3.702   -9.288  21.258  1.00 44.58  ? 48  SER A OG    1 
ATOM   376  N  N     . LEU A 1 49  ? 3.091   -8.169  17.910  1.00 40.39  ? 49  LEU A N     1 
ATOM   377  C  CA    . LEU A 1 49  ? 3.966   -7.508  16.937  1.00 41.82  ? 49  LEU A CA    1 
ATOM   378  C  C     . LEU A 1 49  ? 3.423   -6.196  16.350  1.00 41.37  ? 49  LEU A C     1 
ATOM   379  O  O     . LEU A 1 49  ? 4.183   -5.233  16.157  1.00 41.52  ? 49  LEU A O     1 
ATOM   380  C  CB    . LEU A 1 49  ? 4.323   -8.482  15.797  1.00 41.52  ? 49  LEU A CB    1 
ATOM   381  C  CG    . LEU A 1 49  ? 5.336   -9.547  16.197  1.00 41.46  ? 49  LEU A CG    1 
ATOM   382  C  CD1   . LEU A 1 49  ? 5.490   -10.551 15.058  1.00 43.09  ? 49  LEU A CD1   1 
ATOM   383  C  CD2   . LEU A 1 49  ? 6.690   -8.941  16.606  1.00 41.77  ? 49  LEU A CD2   1 
ATOM   384  N  N     . ILE A 1 50  ? 2.120   -6.173  16.051  1.00 41.10  ? 50  ILE A N     1 
ATOM   385  C  CA    . ILE A 1 50  ? 1.460   -4.973  15.542  1.00 41.64  ? 50  ILE A CA    1 
ATOM   386  C  C     . ILE A 1 50  ? 1.499   -3.825  16.576  1.00 40.71  ? 50  ILE A C     1 
ATOM   387  O  O     . ILE A 1 50  ? 1.747   -2.671  16.229  1.00 39.20  ? 50  ILE A O     1 
ATOM   388  C  CB    . ILE A 1 50  ? -0.010  -5.274  15.116  1.00 43.32  ? 50  ILE A CB    1 
ATOM   389  C  CG1   . ILE A 1 50  ? -0.063  -6.289  13.939  1.00 44.43  ? 50  ILE A CG1   1 
ATOM   390  C  CG2   . ILE A 1 50  ? -0.739  -3.957  14.767  1.00 44.16  ? 50  ILE A CG2   1 
ATOM   391  C  CD1   . ILE A 1 50  ? -1.379  -7.075  13.818  1.00 42.33  ? 50  ILE A CD1   1 
ATOM   392  N  N     . GLN A 1 51  ? 1.261   -4.152  17.851  1.00 40.18  ? 51  GLN A N     1 
ATOM   393  C  CA    . GLN A 1 51  ? 1.265   -3.147  18.916  1.00 39.83  ? 51  GLN A CA    1 
ATOM   394  C  C     . GLN A 1 51  ? 2.653   -2.559  19.034  1.00 38.73  ? 51  GLN A C     1 
ATOM   395  O  O     . GLN A 1 51  ? 2.816   -1.388  19.347  1.00 37.94  ? 51  GLN A O     1 
ATOM   396  C  CB    . GLN A 1 51  ? 0.866   -3.755  20.270  1.00 42.01  ? 51  GLN A CB    1 
ATOM   397  C  CG    . GLN A 1 51  ? -0.452  -4.519  20.270  1.00 43.62  ? 51  GLN A CG    1 
ATOM   398  C  CD    . GLN A 1 51  ? -1.671  -3.618  20.213  1.00 44.61  ? 51  GLN A CD    1 
ATOM   399  O  OE1   . GLN A 1 51  ? -1.840  -2.832  19.276  1.00 45.71  ? 51  GLN A OE1   1 
ATOM   400  N  NE2   . GLN A 1 51  ? -2.547  -3.748  21.212  1.00 45.18  ? 51  GLN A NE2   1 
ATOM   401  N  N     . LYS A 1 52  ? 3.650   -3.396  18.781  1.00 38.07  ? 52  LYS A N     1 
ATOM   402  C  CA    . LYS A 1 52  ? 5.038   -3.031  18.923  1.00 37.72  ? 52  LYS A CA    1 
ATOM   403  C  C     . LYS A 1 52  ? 5.345   -2.062  17.802  1.00 38.05  ? 52  LYS A C     1 
ATOM   404  O  O     . LYS A 1 52  ? 5.992   -1.019  18.040  1.00 38.19  ? 52  LYS A O     1 
ATOM   405  C  CB    . LYS A 1 52  ? 5.896   -4.272  18.783  1.00 39.42  ? 52  LYS A CB    1 
ATOM   406  C  CG    . LYS A 1 52  ? 7.161   -4.228  19.567  1.00 40.98  ? 52  LYS A CG    1 
ATOM   407  C  CD    . LYS A 1 52  ? 7.593   -5.635  19.943  1.00 42.36  ? 52  LYS A CD    1 
ATOM   408  C  CE    . LYS A 1 52  ? 9.117   -5.750  19.946  1.00 43.64  ? 52  LYS A CE    1 
ATOM   409  N  NZ    . LYS A 1 52  ? 9.577   -6.851  20.833  1.00 43.84  ? 52  LYS A NZ    1 
ATOM   410  N  N     . HIS A 1 53  ? 4.851   -2.409  16.591  1.00 34.80  ? 53  HIS A N     1 
ATOM   411  C  CA    . HIS A 1 53  ? 4.884   -1.512  15.460  1.00 34.36  ? 53  HIS A CA    1 
ATOM   412  C  C     . HIS A 1 53  ? 4.197   -0.147  15.745  1.00 33.11  ? 53  HIS A C     1 
ATOM   413  O  O     . HIS A 1 53  ? 4.779   0.923   15.534  1.00 35.00  ? 53  HIS A O     1 
ATOM   414  C  CB    . HIS A 1 53  ? 4.329   -2.218  14.203  1.00 32.31  ? 53  HIS A CB    1 
ATOM   415  C  CG    . HIS A 1 53  ? 4.411   -1.356  12.991  1.00 34.61  ? 53  HIS A CG    1 
ATOM   416  N  ND1   . HIS A 1 53  ? 3.400   -0.502  12.611  1.00 35.84  ? 53  HIS A ND1   1 
ATOM   417  C  CD2   . HIS A 1 53  ? 5.404   -1.200  12.094  1.00 32.84  ? 53  HIS A CD2   1 
ATOM   418  C  CE1   . HIS A 1 53  ? 3.782   0.171   11.540  1.00 34.89  ? 53  HIS A CE1   1 
ATOM   419  N  NE2   . HIS A 1 53  ? 4.990   -0.250  11.199  1.00 35.35  ? 53  HIS A NE2   1 
ATOM   420  N  N     . LEU A 1 54  ? 2.988   -0.172  16.283  1.00 32.43  ? 54  LEU A N     1 
ATOM   421  C  CA    . LEU A 1 54  ? 2.307   1.076   16.614  1.00 34.62  ? 54  LEU A CA    1 
ATOM   422  C  C     . LEU A 1 54  ? 2.995   1.915   17.690  1.00 35.44  ? 54  LEU A C     1 
ATOM   423  O  O     . LEU A 1 54  ? 2.761   3.128   17.782  1.00 33.15  ? 54  LEU A O     1 
ATOM   424  C  CB    . LEU A 1 54  ? 0.849   0.801   17.017  1.00 36.72  ? 54  LEU A CB    1 
ATOM   425  C  CG    . LEU A 1 54  ? 0.062   0.141   15.869  1.00 36.22  ? 54  LEU A CG    1 
ATOM   426  C  CD1   . LEU A 1 54  ? -1.277  -0.236  16.406  1.00 36.17  ? 54  LEU A CD1   1 
ATOM   427  C  CD2   . LEU A 1 54  ? -0.064  1.098   14.685  1.00 35.94  ? 54  LEU A CD2   1 
ATOM   428  N  N     . LYS A 1 55  ? 3.843   1.256   18.480  1.00 35.88  ? 55  LYS A N     1 
ATOM   429  C  CA    . LYS A 1 55  ? 4.597   1.904   19.540  1.00 38.16  ? 55  LYS A CA    1 
ATOM   430  C  C     . LYS A 1 55  ? 5.916   2.435   18.990  1.00 38.75  ? 55  LYS A C     1 
ATOM   431  O  O     . LYS A 1 55  ? 6.674   3.095   19.699  1.00 39.01  ? 55  LYS A O     1 
ATOM   432  C  CB    . LYS A 1 55  ? 4.856   0.900   20.676  1.00 37.92  ? 55  LYS A CB    1 
ATOM   433  C  CG    . LYS A 1 55  ? 3.633   0.676   21.578  1.00 40.19  ? 55  LYS A CG    1 
ATOM   434  C  CD    . LYS A 1 55  ? 3.764   -0.559  22.473  1.00 40.52  ? 55  LYS A CD    1 
ATOM   435  C  CE    . LYS A 1 55  ? 2.679   -0.583  23.548  1.00 42.80  ? 55  LYS A CE    1 
ATOM   436  N  NZ    . LYS A 1 55  ? 1.295   -0.591  22.978  1.00 43.82  ? 55  LYS A NZ    1 
ATOM   437  N  N     . ARG A 1 56  ? 6.182   2.128   17.720  1.00 40.05  ? 56  ARG A N     1 
ATOM   438  C  CA    . ARG A 1 56  ? 7.472   2.400   17.052  1.00 41.54  ? 56  ARG A CA    1 
ATOM   439  C  C     . ARG A 1 56  ? 8.692   1.736   17.719  1.00 40.10  ? 56  ARG A C     1 
ATOM   440  O  O     . ARG A 1 56  ? 9.794   2.283   17.696  1.00 40.86  ? 56  ARG A O     1 
ATOM   441  C  CB    . ARG A 1 56  ? 7.744   3.908   16.871  1.00 44.70  ? 56  ARG A CB    1 
ATOM   442  C  CG    . ARG A 1 56  ? 6.537   4.841   16.835  1.00 47.15  ? 56  ARG A CG    1 
ATOM   443  C  CD    . ARG A 1 56  ? 5.796   4.697   15.522  1.00 48.69  ? 56  ARG A CD    1 
ATOM   444  N  NE    . ARG A 1 56  ? 5.307   5.995   15.055  1.00 51.14  ? 56  ARG A NE    1 
ATOM   445  C  CZ    . ARG A 1 56  ? 5.958   6.735   14.166  1.00 51.98  ? 56  ARG A CZ    1 
ATOM   446  N  NH1   . ARG A 1 56  ? 7.116   6.301   13.661  1.00 52.14  ? 56  ARG A NH1   1 
ATOM   447  N  NH2   . ARG A 1 56  ? 5.451   7.891   13.771  1.00 52.50  ? 56  ARG A NH2   1 
ATOM   448  N  N     . GLU A 1 57  ? 8.493   0.563   18.299  1.00 38.05  ? 57  GLU A N     1 
ATOM   449  C  CA    . GLU A 1 57  ? 9.613   -0.224  18.824  1.00 38.83  ? 57  GLU A CA    1 
ATOM   450  C  C     . GLU A 1 57  ? 10.208  -1.104  17.712  1.00 37.61  ? 57  GLU A C     1 
ATOM   451  O  O     . GLU A 1 57  ? 11.370  -1.538  17.783  1.00 35.11  ? 57  GLU A O     1 
ATOM   452  C  CB    . GLU A 1 57  ? 9.168   -1.071  20.017  1.00 38.56  ? 57  GLU A CB    1 
ATOM   453  C  CG    . GLU A 1 57  ? 8.801   -0.248  21.266  1.00 41.50  ? 57  GLU A CG    1 
ATOM   454  C  CD    . GLU A 1 57  ? 8.336   -1.115  22.422  1.00 42.28  ? 57  GLU A CD    1 
ATOM   455  O  OE1   . GLU A 1 57  ? 8.598   -2.341  22.390  1.00 45.88  ? 57  GLU A OE1   1 
ATOM   456  O  OE2   . GLU A 1 57  ? 7.713   -0.584  23.368  1.00 43.28  ? 57  GLU A OE2   1 
ATOM   457  N  N     . ILE A 1 58  ? 9.390   -1.346  16.687  1.00 36.58  ? 58  ILE A N     1 
ATOM   458  C  CA    . ILE A 1 58  ? 9.757   -2.140  15.524  1.00 37.57  ? 58  ILE A CA    1 
ATOM   459  C  C     . ILE A 1 58  ? 9.055   -1.541  14.304  1.00 37.61  ? 58  ILE A C     1 
ATOM   460  O  O     . ILE A 1 58  ? 8.086   -0.776  14.437  1.00 36.97  ? 58  ILE A O     1 
ATOM   461  C  CB    . ILE A 1 58  ? 9.381   -3.657  15.680  1.00 37.90  ? 58  ILE A CB    1 
ATOM   462  C  CG1   . ILE A 1 58  ? 10.074  -4.518  14.619  1.00 38.73  ? 58  ILE A CG1   1 
ATOM   463  C  CG2   . ILE A 1 58  ? 7.855   -3.888  15.638  1.00 35.61  ? 58  ILE A CG2   1 
ATOM   464  C  CD1   . ILE A 1 58  ? 10.209  -5.993  14.983  1.00 39.49  ? 58  ILE A CD1   1 
ATOM   465  N  N     . GLU A 1 59  ? 9.563   -1.881  13.123  1.00 37.93  ? 59  GLU A N     1 
ATOM   466  C  CA    . GLU A 1 59  ? 9.009   -1.397  11.852  1.00 37.50  ? 59  GLU A CA    1 
ATOM   467  C  C     . GLU A 1 59  ? 8.762   -2.614  10.959  1.00 37.81  ? 59  GLU A C     1 
ATOM   468  O  O     . GLU A 1 59  ? 9.671   -3.205  10.413  1.00 34.83  ? 59  GLU A O     1 
ATOM   469  C  CB    . GLU A 1 59  ? 9.904   -0.340  11.211  1.00 39.33  ? 59  GLU A CB    1 
ATOM   470  C  CG    . GLU A 1 59  ? 9.604   -0.092  9.724   1.00 42.61  ? 59  GLU A CG    1 
ATOM   471  C  CD    . GLU A 1 59  ? 9.878   1.331   9.246   1.00 44.10  ? 59  GLU A CD    1 
ATOM   472  O  OE1   . GLU A 1 59  ? 9.145   1.729   8.272   1.00 41.18  ? 59  GLU A OE1   1 
ATOM   473  O  OE2   . GLU A 1 59  ? 10.798  2.022   9.824   1.00 42.71  ? 59  GLU A OE2   1 
ATOM   474  N  N     . ILE A 1 60  ? 7.490   -2.991  10.894  1.00 39.33  ? 60  ILE A N     1 
ATOM   475  C  CA    . ILE A 1 60  ? 7.007   -4.168  10.169  1.00 40.24  ? 60  ILE A CA    1 
ATOM   476  C  C     . ILE A 1 60  ? 6.144   -3.789  8.968   1.00 39.99  ? 60  ILE A C     1 
ATOM   477  O  O     . ILE A 1 60  ? 5.362   -2.875  9.056   1.00 37.43  ? 60  ILE A O     1 
ATOM   478  C  CB    . ILE A 1 60  ? 6.180   -5.083  11.104  1.00 42.54  ? 60  ILE A CB    1 
ATOM   479  C  CG1   . ILE A 1 60  ? 7.108   -5.636  12.202  1.00 45.34  ? 60  ILE A CG1   1 
ATOM   480  C  CG2   . ILE A 1 60  ? 5.539   -6.251  10.309  1.00 46.05  ? 60  ILE A CG2   1 
ATOM   481  C  CD1   . ILE A 1 60  ? 6.426   -6.491  13.142  1.00 48.11  ? 60  ILE A CD1   1 
ATOM   482  N  N     . ALA A 1 61  ? 6.259   -4.599  7.898   1.00 40.22  ? 61  ALA A N     1 
ATOM   483  C  CA    . ALA A 1 61  ? 5.499   -4.481  6.659   1.00 41.81  ? 61  ALA A CA    1 
ATOM   484  C  C     . ALA A 1 61  ? 4.756   -5.779  6.409   1.00 41.90  ? 61  ALA A C     1 
ATOM   485  O  O     . ALA A 1 61  ? 5.243   -6.858  6.788   1.00 42.29  ? 61  ALA A O     1 
ATOM   486  C  CB    . ALA A 1 61  ? 6.433   -4.163  5.451   1.00 39.20  ? 61  ALA A CB    1 
ATOM   487  N  N     . HIS A 1 62  ? 3.563   -5.671  5.809   1.00 40.34  ? 62  HIS A N     1 
ATOM   488  C  CA    . HIS A 1 62  ? 2.848   -6.860  5.334   1.00 40.06  ? 62  HIS A CA    1 
ATOM   489  C  C     . HIS A 1 62  ? 2.992   -7.060  3.802   1.00 41.46  ? 62  HIS A C     1 
ATOM   490  O  O     . HIS A 1 62  ? 3.298   -6.124  3.053   1.00 39.26  ? 62  HIS A O     1 
ATOM   491  C  CB    . HIS A 1 62  ? 1.369   -6.784  5.790   1.00 41.90  ? 62  HIS A CB    1 
ATOM   492  C  CG    . HIS A 1 62  ? 0.532   -5.834  4.967   1.00 42.12  ? 62  HIS A CG    1 
ATOM   493  N  ND1   . HIS A 1 62  ? 0.534   -4.458  5.151   1.00 44.85  ? 62  HIS A ND1   1 
ATOM   494  C  CD2   . HIS A 1 62  ? -0.351  -6.078  3.987   1.00 40.90  ? 62  HIS A CD2   1 
ATOM   495  C  CE1   . HIS A 1 62  ? -0.301  -3.900  4.282   1.00 40.25  ? 62  HIS A CE1   1 
ATOM   496  N  NE2   . HIS A 1 62  ? -0.843  -4.866  3.559   1.00 44.84  ? 62  HIS A NE2   1 
ATOM   497  N  N     . ASN A 1 63  ? 2.814   -8.290  3.346   1.00 42.31  ? 63  ASN A N     1 
ATOM   498  C  CA    . ASN A 1 63  ? 3.011   -8.616  1.929   1.00 43.24  ? 63  ASN A CA    1 
ATOM   499  C  C     . ASN A 1 63  ? 1.743   -8.365  1.147   1.00 42.64  ? 63  ASN A C     1 
ATOM   500  O  O     . ASN A 1 63  ? 0.731   -9.043  1.350   1.00 41.92  ? 63  ASN A O     1 
ATOM   501  C  CB    . ASN A 1 63  ? 3.420   -10.084 1.796   1.00 41.85  ? 63  ASN A CB    1 
ATOM   502  C  CG    . ASN A 1 63  ? 4.053   -10.411 0.478   1.00 42.10  ? 63  ASN A CG    1 
ATOM   503  O  OD1   . ASN A 1 63  ? 3.882   -9.687  -0.506  1.00 42.21  ? 63  ASN A OD1   1 
ATOM   504  N  ND2   . ASN A 1 63  ? 4.749   -11.563 0.419   1.00 42.27  ? 63  ASN A ND2   1 
ATOM   505  N  N     . LEU A 1 64  ? 1.800   -7.388  0.240   1.00 42.85  ? 64  LEU A N     1 
ATOM   506  C  CA    . LEU A 1 64  ? 0.664   -7.138  -0.629  1.00 44.45  ? 64  LEU A CA    1 
ATOM   507  C  C     . LEU A 1 64  ? 0.313   -8.338  -1.555  1.00 41.05  ? 64  LEU A C     1 
ATOM   508  O  O     . LEU A 1 64  ? -0.828  -8.486  -1.974  1.00 39.94  ? 64  LEU A O     1 
ATOM   509  C  CB    . LEU A 1 64  ? 0.814   -5.823  -1.411  1.00 46.71  ? 64  LEU A CB    1 
ATOM   510  C  CG    . LEU A 1 64  ? -0.478  -5.287  -2.099  1.00 51.37  ? 64  LEU A CG    1 
ATOM   511  C  CD1   . LEU A 1 64  ? -1.579  -4.769  -1.112  1.00 50.34  ? 64  LEU A CD1   1 
ATOM   512  C  CD2   . LEU A 1 64  ? -0.144  -4.160  -3.112  1.00 49.11  ? 64  LEU A CD2   1 
ATOM   513  N  N     . ILE A 1 65  ? 1.281   -9.176  -1.861  1.00 37.85  ? 65  ILE A N     1 
ATOM   514  C  CA    . ILE A 1 65  ? 1.039   -10.211 -2.842  1.00 40.70  ? 65  ILE A CA    1 
ATOM   515  C  C     . ILE A 1 65  ? 0.703   -11.499 -2.151  1.00 42.93  ? 65  ILE A C     1 
ATOM   516  O  O     . ILE A 1 65  ? 1.540   -12.057 -1.429  1.00 39.96  ? 65  ILE A O     1 
ATOM   517  C  CB    . ILE A 1 65  ? 2.203   -10.368 -3.809  1.00 44.01  ? 65  ILE A CB    1 
ATOM   518  C  CG1   . ILE A 1 65  ? 2.509   -8.991  -4.512  1.00 42.21  ? 65  ILE A CG1   1 
ATOM   519  C  CG2   . ILE A 1 65  ? 1.941   -11.537 -4.855  1.00 41.52  ? 65  ILE A CG2   1 
ATOM   520  C  CD1   . ILE A 1 65  ? 3.763   -9.010  -5.465  1.00 42.55  ? 65  ILE A CD1   1 
ATOM   521  N  N     . LEU A 1 66  ? -0.527  -11.975 -2.371  1.00 41.82  ? 66  LEU A N     1 
ATOM   522  C  CA    . LEU A 1 66  ? -1.001  -13.187 -1.663  1.00 42.80  ? 66  LEU A CA    1 
ATOM   523  C  C     . LEU A 1 66  ? -0.571  -14.433 -2.406  1.00 42.17  ? 66  LEU A C     1 
ATOM   524  O  O     . LEU A 1 66  ? -0.121  -14.353 -3.545  1.00 43.62  ? 66  LEU A O     1 
ATOM   525  C  CB    . LEU A 1 66  ? -2.515  -13.141 -1.492  1.00 42.25  ? 66  LEU A CB    1 
ATOM   526  C  CG    . LEU A 1 66  ? -3.037  -11.808 -0.936  1.00 42.86  ? 66  LEU A CG    1 
ATOM   527  C  CD1   . LEU A 1 66  ? -4.558  -11.843 -1.057  1.00 44.43  ? 66  LEU A CD1   1 
ATOM   528  C  CD2   . LEU A 1 66  ? -2.619  -11.636 0.529   1.00 39.89  ? 66  LEU A CD2   1 
ATOM   529  N  N     . ARG A 1 67  ? -0.740  -15.592 -1.797  1.00 43.67  ? 67  ARG A N     1 
ATOM   530  C  CA    . ARG A 1 67  ? -0.465  -16.857 -2.477  1.00 43.77  ? 67  ARG A CA    1 
ATOM   531  C  C     . ARG A 1 67  ? -1.319  -16.888 -3.747  1.00 42.61  ? 67  ARG A C     1 
ATOM   532  O  O     . ARG A 1 67  ? -2.411  -16.288 -3.779  1.00 38.76  ? 67  ARG A O     1 
ATOM   533  C  CB    . ARG A 1 67  ? -0.805  -18.051 -1.560  1.00 45.03  ? 67  ARG A CB    1 
ATOM   534  C  CG    . ARG A 1 67  ? -0.414  -19.448 -2.089  1.00 49.03  ? 67  ARG A CG    1 
ATOM   535  C  CD    . ARG A 1 67  ? -0.888  -20.593 -1.106  1.00 50.73  ? 67  ARG A CD    1 
ATOM   536  N  NE    . ARG A 1 67  ? -1.031  -20.003 0.229   1.00 56.52  ? 67  ARG A NE    1 
ATOM   537  C  CZ    . ARG A 1 67  ? -0.362  -20.368 1.317   1.00 59.43  ? 67  ARG A CZ    1 
ATOM   538  N  NH1   . ARG A 1 67  ? 0.485   -21.403 1.294   1.00 60.27  ? 67  ARG A NH1   1 
ATOM   539  N  NH2   . ARG A 1 67  ? -0.580  -19.713 2.456   1.00 61.09  ? 67  ARG A NH2   1 
ATOM   540  N  N     . ASN A 1 68  ? -0.811  -17.593 -4.759  1.00 42.64  ? 68  ASN A N     1 
ATOM   541  C  CA    . ASN A 1 68  ? -1.427  -17.653 -6.079  1.00 45.40  ? 68  ASN A CA    1 
ATOM   542  C  C     . ASN A 1 68  ? -1.366  -16.316 -6.831  1.00 46.49  ? 68  ASN A C     1 
ATOM   543  O  O     . ASN A 1 68  ? -2.188  -16.095 -7.731  1.00 44.46  ? 68  ASN A O     1 
ATOM   544  C  CB    . ASN A 1 68  ? -2.900  -18.052 -5.933  1.00 46.83  ? 68  ASN A CB    1 
ATOM   545  C  CG    . ASN A 1 68  ? -3.196  -19.410 -6.472  1.00 49.56  ? 68  ASN A CG    1 
ATOM   546  O  OD1   . ASN A 1 68  ? -4.188  -19.570 -7.173  1.00 50.07  ? 68  ASN A OD1   1 
ATOM   547  N  ND2   . ASN A 1 68  ? -2.371  -20.405 -6.131  1.00 48.83  ? 68  ASN A ND2   1 
ATOM   548  N  N     . ASP A 1 69  ? -0.415  -15.449 -6.475  1.00 43.94  ? 69  ASP A N     1 
ATOM   549  C  CA    . ASP A 1 69  ? -0.288  -14.083 -7.046  1.00 46.40  ? 69  ASP A CA    1 
ATOM   550  C  C     . ASP A 1 69  ? -1.628  -13.335 -7.236  1.00 43.26  ? 69  ASP A C     1 
ATOM   551  O  O     . ASP A 1 69  ? -2.025  -12.990 -8.360  1.00 42.27  ? 69  ASP A O     1 
ATOM   552  C  CB    . ASP A 1 69  ? 0.535   -14.066 -8.342  1.00 50.14  ? 69  ASP A CB    1 
ATOM   553  C  CG    . ASP A 1 69  ? 2.006   -14.476 -8.115  1.00 53.32  ? 69  ASP A CG    1 
ATOM   554  O  OD1   . ASP A 1 69  ? 2.570   -14.284 -6.994  1.00 53.34  ? 69  ASP A OD1   1 
ATOM   555  O  OD2   . ASP A 1 69  ? 2.594   -14.994 -9.082  1.00 55.73  ? 69  ASP A OD2   1 
ATOM   556  N  N     . LYS A 1 70  ? -2.327  -13.163 -6.121  1.00 40.94  ? 70  LYS A N     1 
ATOM   557  C  CA    . LYS A 1 70  ? -3.535  -12.325 -6.087  1.00 42.02  ? 70  LYS A CA    1 
ATOM   558  C  C     . LYS A 1 70  ? -3.170  -11.172 -5.180  1.00 40.61  ? 70  LYS A C     1 
ATOM   559  O  O     . LYS A 1 70  ? -2.237  -11.301 -4.359  1.00 40.58  ? 70  LYS A O     1 
ATOM   560  C  CB    . LYS A 1 70  ? -4.732  -13.115 -5.508  1.00 39.38  ? 70  LYS A CB    1 
ATOM   561  C  CG    . LYS A 1 70  ? -5.033  -14.422 -6.230  1.00 40.75  ? 70  LYS A CG    1 
ATOM   562  C  CD    . LYS A 1 70  ? -5.470  -14.209 -7.709  1.00 40.38  ? 70  LYS A CD    1 
ATOM   563  C  CE    . LYS A 1 70  ? -6.009  -15.502 -8.330  1.00 39.23  ? 70  LYS A CE    1 
ATOM   564  N  NZ    . LYS A 1 70  ? -6.129  -15.309 -9.801  1.00 41.22  ? 70  LYS A NZ    1 
ATOM   565  N  N     . VAL A 1 71  ? -3.886  -10.054 -5.318  1.00 40.81  ? 71  VAL A N     1 
ATOM   566  C  CA    . VAL A 1 71  ? -3.819  -8.947  -4.364  1.00 40.66  ? 71  VAL A CA    1 
ATOM   567  C  C     . VAL A 1 71  ? -5.273  -8.666  -3.948  1.00 41.59  ? 71  VAL A C     1 
ATOM   568  O  O     . VAL A 1 71  ? -6.186  -8.792  -4.747  1.00 42.25  ? 71  VAL A O     1 
ATOM   569  C  CB    . VAL A 1 71  ? -3.157  -7.665  -4.923  1.00 41.12  ? 71  VAL A CB    1 
ATOM   570  C  CG1   . VAL A 1 71  ? -1.625  -7.870  -5.207  1.00 41.03  ? 71  VAL A CG1   1 
ATOM   571  C  CG2   . VAL A 1 71  ? -3.967  -7.096  -6.136  1.00 41.40  ? 71  VAL A CG2   1 
ATOM   572  N  N     . GLU A 1 72  ? -5.475  -8.314  -2.696  1.00 41.96  ? 72  GLU A N     1 
ATOM   573  C  CA    . GLU A 1 72  ? -6.794  -7.863  -2.175  1.00 44.28  ? 72  GLU A CA    1 
ATOM   574  C  C     . GLU A 1 72  ? -7.004  -6.336  -2.365  1.00 43.37  ? 72  GLU A C     1 
ATOM   575  O  O     . GLU A 1 72  ? -8.148  -5.856  -2.382  1.00 44.12  ? 72  GLU A O     1 
ATOM   576  C  CB    . GLU A 1 72  ? -6.880  -8.150  -0.657  1.00 47.00  ? 72  GLU A CB    1 
ATOM   577  C  CG    . GLU A 1 72  ? -7.780  -9.336  -0.244  1.00 55.23  ? 72  GLU A CG    1 
ATOM   578  C  CD    . GLU A 1 72  ? -9.291  -9.107  -0.378  1.00 56.78  ? 72  GLU A CD    1 
ATOM   579  O  OE1   . GLU A 1 72  ? -9.781  -7.958  -0.562  1.00 58.54  ? 72  GLU A OE1   1 
ATOM   580  O  OE2   . GLU A 1 72  ? -10.024 -10.116 -0.254  1.00 62.34  ? 72  GLU A OE2   1 
ATOM   581  N  N     . ASN A 1 73  ? -5.915  -5.586  -2.430  1.00 41.42  ? 73  ASN A N     1 
ATOM   582  C  CA    . ASN A 1 73  ? -5.956  -4.106  -2.517  1.00 41.82  ? 73  ASN A CA    1 
ATOM   583  C  C     . ASN A 1 73  ? -4.997  -3.598  -3.597  1.00 42.00  ? 73  ASN A C     1 
ATOM   584  O  O     . ASN A 1 73  ? -3.958  -4.187  -3.855  1.00 39.87  ? 73  ASN A O     1 
ATOM   585  C  CB    . ASN A 1 73  ? -5.586  -3.450  -1.167  1.00 45.14  ? 73  ASN A CB    1 
ATOM   586  C  CG    . ASN A 1 73  ? -6.535  -3.863  -0.007  1.00 43.59  ? 73  ASN A CG    1 
ATOM   587  O  OD1   . ASN A 1 73  ? -6.156  -4.610  0.891   1.00 47.49  ? 73  ASN A OD1   1 
ATOM   588  N  ND2   . ASN A 1 73  ? -7.758  -3.428  -0.064  1.00 43.05  ? 73  ASN A ND2   1 
ATOM   589  N  N     . ILE A 1 74  ? -5.344  -2.495  -4.258  1.00 40.74  ? 74  ILE A N     1 
ATOM   590  C  CA    . ILE A 1 74  ? -4.285  -1.758  -4.968  1.00 39.38  ? 74  ILE A CA    1 
ATOM   591  C  C     . ILE A 1 74  ? -4.101  -0.492  -4.131  1.00 39.92  ? 74  ILE A C     1 
ATOM   592  O  O     . ILE A 1 74  ? -5.034  -0.061  -3.433  1.00 37.94  ? 74  ILE A O     1 
ATOM   593  C  CB    . ILE A 1 74  ? -4.669  -1.454  -6.421  1.00 39.32  ? 74  ILE A CB    1 
ATOM   594  C  CG1   . ILE A 1 74  ? -6.036  -0.707  -6.510  1.00 38.99  ? 74  ILE A CG1   1 
ATOM   595  C  CG2   . ILE A 1 74  ? -4.776  -2.844  -7.199  1.00 39.31  ? 74  ILE A CG2   1 
ATOM   596  C  CD1   . ILE A 1 74  ? -6.441  -0.235  -7.963  1.00 41.01  ? 74  ILE A CD1   1 
ATOM   597  N  N     . VAL A 1 75  ? -2.903  0.075   -4.195  1.00 37.78  ? 75  VAL A N     1 
ATOM   598  C  CA    . VAL A 1 75  ? -2.545  1.096   -3.206  1.00 39.27  ? 75  VAL A CA    1 
ATOM   599  C  C     . VAL A 1 75  ? -1.786  2.265   -3.791  1.00 38.48  ? 75  VAL A C     1 
ATOM   600  O  O     . VAL A 1 75  ? -0.850  2.071   -4.557  1.00 38.69  ? 75  VAL A O     1 
ATOM   601  C  CB    . VAL A 1 75  ? -1.677  0.498   -2.052  1.00 38.68  ? 75  VAL A CB    1 
ATOM   602  C  CG1   . VAL A 1 75  ? -1.358  1.577   -0.936  1.00 39.75  ? 75  VAL A CG1   1 
ATOM   603  C  CG2   . VAL A 1 75  ? -2.343  -0.784  -1.390  1.00 39.63  ? 75  VAL A CG2   1 
ATOM   604  N  N     . PHE A 1 76  ? -2.156  3.477   -3.378  1.00 38.81  ? 76  PHE A N     1 
ATOM   605  C  CA    . PHE A 1 76  ? -1.346  4.631   -3.701  1.00 40.02  ? 76  PHE A CA    1 
ATOM   606  C  C     . PHE A 1 76  ? -0.469  4.999   -2.508  1.00 40.39  ? 76  PHE A C     1 
ATOM   607  O  O     . PHE A 1 76  ? -0.970  5.199   -1.417  1.00 37.77  ? 76  PHE A O     1 
ATOM   608  C  CB    . PHE A 1 76  ? -2.255  5.808   -4.067  1.00 41.83  ? 76  PHE A CB    1 
ATOM   609  C  CG    . PHE A 1 76  ? -2.879  5.707   -5.437  1.00 44.44  ? 76  PHE A CG    1 
ATOM   610  C  CD1   . PHE A 1 76  ? -2.387  6.471   -6.478  1.00 44.40  ? 76  PHE A CD1   1 
ATOM   611  C  CD2   . PHE A 1 76  ? -3.991  4.909   -5.664  1.00 44.66  ? 76  PHE A CD2   1 
ATOM   612  C  CE1   . PHE A 1 76  ? -2.969  6.400   -7.734  1.00 43.71  ? 76  PHE A CE1   1 
ATOM   613  C  CE2   . PHE A 1 76  ? -4.571  4.833   -6.945  1.00 45.35  ? 76  PHE A CE2   1 
ATOM   614  C  CZ    . PHE A 1 76  ? -4.057  5.577   -7.954  1.00 43.37  ? 76  PHE A CZ    1 
ATOM   615  N  N     . ASP A 1 77  ? 0.836   5.115   -2.736  1.00 39.12  ? 77  ASP A N     1 
ATOM   616  C  CA    . ASP A 1 77  ? 1.766   5.434   -1.672  1.00 40.49  ? 77  ASP A CA    1 
ATOM   617  C  C     . ASP A 1 77  ? 2.134   6.890   -1.911  1.00 39.14  ? 77  ASP A C     1 
ATOM   618  O  O     . ASP A 1 77  ? 2.971   7.191   -2.742  1.00 38.90  ? 77  ASP A O     1 
ATOM   619  C  CB    . ASP A 1 77  ? 2.982   4.439   -1.709  1.00 40.08  ? 77  ASP A CB    1 
ATOM   620  C  CG    . ASP A 1 77  ? 4.222   4.980   -0.978  1.00 40.76  ? 77  ASP A CG    1 
ATOM   621  O  OD1   . ASP A 1 77  ? 4.047   5.451   0.152   1.00 39.42  ? 77  ASP A OD1   1 
ATOM   622  O  OD2   . ASP A 1 77  ? 5.361   4.924   -1.520  1.00 40.14  ? 77  ASP A OD2   1 
ATOM   623  N  N     . TYR A 1 78  ? 1.466   7.799   -1.189  1.00 38.04  ? 78  TYR A N     1 
ATOM   624  C  CA    . TYR A 1 78  ? 1.652   9.217   -1.393  1.00 36.94  ? 78  TYR A CA    1 
ATOM   625  C  C     . TYR A 1 78  ? 2.804   9.727   -0.537  1.00 37.74  ? 78  TYR A C     1 
ATOM   626  O  O     . TYR A 1 78  ? 2.765   9.622   0.688   1.00 34.73  ? 78  TYR A O     1 
ATOM   627  C  CB    . TYR A 1 78  ? 0.375   9.992   -1.097  1.00 35.20  ? 78  TYR A CB    1 
ATOM   628  C  CG    . TYR A 1 78  ? 0.539   11.495  -1.180  1.00 37.42  ? 78  TYR A CG    1 
ATOM   629  C  CD1   . TYR A 1 78  ? 0.622   12.144  -2.421  1.00 36.12  ? 78  TYR A CD1   1 
ATOM   630  C  CD2   . TYR A 1 78  ? 0.589   12.286  -0.005  1.00 35.99  ? 78  TYR A CD2   1 
ATOM   631  C  CE1   . TYR A 1 78  ? 0.778   13.523  -2.522  1.00 36.24  ? 78  TYR A CE1   1 
ATOM   632  C  CE2   . TYR A 1 78  ? 0.749   13.669  -0.091  1.00 35.14  ? 78  TYR A CE2   1 
ATOM   633  C  CZ    . TYR A 1 78  ? 0.826   14.281  -1.360  1.00 35.74  ? 78  TYR A CZ    1 
ATOM   634  O  OH    . TYR A 1 78  ? 0.974   15.634  -1.461  1.00 34.21  ? 78  TYR A OH    1 
ATOM   635  N  N     . ASN A 1 79  ? 3.803   10.305  -1.199  1.00 38.04  ? 79  ASN A N     1 
ATOM   636  C  CA    . ASN A 1 79  ? 4.981   10.827  -0.518  1.00 38.49  ? 79  ASN A CA    1 
ATOM   637  C  C     . ASN A 1 79  ? 5.143   12.330  -0.646  1.00 37.24  ? 79  ASN A C     1 
ATOM   638  O  O     . ASN A 1 79  ? 6.265   12.840  -0.681  1.00 40.47  ? 79  ASN A O     1 
ATOM   639  C  CB    . ASN A 1 79  ? 6.211   10.062  -1.035  1.00 38.80  ? 79  ASN A CB    1 
ATOM   640  C  CG    . ASN A 1 79  ? 6.032   8.553   -0.884  1.00 37.38  ? 79  ASN A CG    1 
ATOM   641  O  OD1   . ASN A 1 79  ? 6.077   7.793   -1.883  1.00 41.33  ? 79  ASN A OD1   1 
ATOM   642  N  ND2   . ASN A 1 79  ? 5.694   8.119   0.334   1.00 34.64  ? 79  ASN A ND2   1 
ATOM   643  N  N     . GLY A 1 80  ? 4.041   13.067  -0.670  1.00 36.98  ? 80  GLY A N     1 
ATOM   644  C  CA    . GLY A 1 80  ? 4.146   14.556  -0.742  1.00 38.51  ? 80  GLY A CA    1 
ATOM   645  C  C     . GLY A 1 80  ? 3.863   15.277  0.570   1.00 38.56  ? 80  GLY A C     1 
ATOM   646  O  O     . GLY A 1 80  ? 3.829   14.670  1.636   1.00 40.39  ? 80  GLY A O     1 
ATOM   647  N  N     . ARG A 1 81  ? 3.587   16.559  0.508   1.00 39.29  ? 81  ARG A N     1 
ATOM   648  C  CA    . ARG A 1 81  ? 3.256   17.236  1.751   1.00 41.32  ? 81  ARG A CA    1 
ATOM   649  C  C     . ARG A 1 81  ? 1.874   17.849  1.698   1.00 40.02  ? 81  ARG A C     1 
ATOM   650  O  O     . ARG A 1 81  ? 1.500   18.619  2.553   1.00 37.78  ? 81  ARG A O     1 
ATOM   651  C  CB    . ARG A 1 81  ? 4.366   18.200  2.188   1.00 42.61  ? 81  ARG A CB    1 
ATOM   652  C  CG    . ARG A 1 81  ? 5.093   19.000  1.114   1.00 44.16  ? 81  ARG A CG    1 
ATOM   653  C  CD    . ARG A 1 81  ? 6.418   19.528  1.676   1.00 46.54  ? 81  ARG A CD    1 
ATOM   654  N  NE    . ARG A 1 81  ? 6.193   20.599  2.638   1.00 47.55  ? 81  ARG A NE    1 
ATOM   655  C  CZ    . ARG A 1 81  ? 6.606   21.866  2.511   1.00 48.54  ? 81  ARG A CZ    1 
ATOM   656  N  NH1   . ARG A 1 81  ? 6.306   22.730  3.459   1.00 48.25  ? 81  ARG A NH1   1 
ATOM   657  N  NH2   . ARG A 1 81  ? 7.307   22.287  1.460   1.00 48.78  ? 81  ARG A NH2   1 
ATOM   658  N  N     . ASN A 1 82  ? 1.071   17.449  0.714   1.00 39.83  ? 82  ASN A N     1 
ATOM   659  C  CA    . ASN A 1 82  ? -0.329  17.899  0.700   1.00 40.68  ? 82  ASN A CA    1 
ATOM   660  C  C     . ASN A 1 82  ? -1.277  16.724  0.606   1.00 39.26  ? 82  ASN A C     1 
ATOM   661  O  O     . ASN A 1 82  ? -1.877  16.531  -0.441  1.00 39.06  ? 82  ASN A O     1 
ATOM   662  C  CB    . ASN A 1 82  ? -0.620  18.886  -0.420  1.00 43.45  ? 82  ASN A CB    1 
ATOM   663  C  CG    . ASN A 1 82  ? -1.861  19.746  -0.132  1.00 47.10  ? 82  ASN A CG    1 
ATOM   664  O  OD1   . ASN A 1 82  ? -2.784  19.345  0.593   1.00 48.37  ? 82  ASN A OD1   1 
ATOM   665  N  ND2   . ASN A 1 82  ? -1.872  20.946  -0.689  1.00 48.36  ? 82  ASN A ND2   1 
ATOM   666  N  N     . PRO A 1 83  ? -1.418  15.935  1.701   1.00 37.00  ? 83  PRO A N     1 
ATOM   667  C  CA    . PRO A 1 83  ? -2.285  14.735  1.639   1.00 37.63  ? 83  PRO A CA    1 
ATOM   668  C  C     . PRO A 1 83  ? -3.753  15.035  1.426   1.00 37.05  ? 83  PRO A C     1 
ATOM   669  O  O     . PRO A 1 83  ? -4.418  14.271  0.762   1.00 40.25  ? 83  PRO A O     1 
ATOM   670  C  CB    . PRO A 1 83  ? -2.049  14.064  3.006   1.00 36.45  ? 83  PRO A CB    1 
ATOM   671  C  CG    . PRO A 1 83  ? -1.635  15.244  3.903   1.00 36.77  ? 83  PRO A CG    1 
ATOM   672  C  CD    . PRO A 1 83  ? -0.758  16.055  3.012   1.00 35.99  ? 83  PRO A CD    1 
ATOM   673  N  N     . GLU A 1 84  ? -4.252  16.158  1.937   1.00 39.80  ? 84  GLU A N     1 
ATOM   674  C  CA    . GLU A 1 84  ? -5.648  16.556  1.705   1.00 40.04  ? 84  GLU A CA    1 
ATOM   675  C  C     . GLU A 1 84  ? -5.940  16.820  0.243   1.00 40.58  ? 84  GLU A C     1 
ATOM   676  O  O     . GLU A 1 84  ? -7.022  16.497  -0.235  1.00 40.35  ? 84  GLU A O     1 
ATOM   677  C  CB    . GLU A 1 84  ? -6.032  17.833  2.495   1.00 43.11  ? 84  GLU A CB    1 
ATOM   678  C  CG    . GLU A 1 84  ? -5.766  17.757  3.964   1.00 46.04  ? 84  GLU A CG    1 
ATOM   679  C  CD    . GLU A 1 84  ? -4.315  18.065  4.353   1.00 48.99  ? 84  GLU A CD    1 
ATOM   680  O  OE1   . GLU A 1 84  ? -3.441  18.307  3.480   1.00 48.19  ? 84  GLU A OE1   1 
ATOM   681  O  OE2   . GLU A 1 84  ? -4.053  18.074  5.580   1.00 53.28  ? 84  GLU A OE2   1 
ATOM   682  N  N     . ARG A 1 85  ? -4.994  17.437  -0.458  1.00 41.24  ? 85  ARG A N     1 
ATOM   683  C  CA    . ARG A 1 85  ? -5.192  17.777  -1.877  1.00 41.69  ? 85  ARG A CA    1 
ATOM   684  C  C     . ARG A 1 85  ? -5.091  16.488  -2.665  1.00 40.48  ? 85  ARG A C     1 
ATOM   685  O  O     . ARG A 1 85  ? -5.961  16.206  -3.487  1.00 40.12  ? 85  ARG A O     1 
ATOM   686  C  CB    . ARG A 1 85  ? -4.139  18.776  -2.357  1.00 43.87  ? 85  ARG A CB    1 
ATOM   687  C  CG    . ARG A 1 85  ? -4.143  19.089  -3.826  1.00 46.57  ? 85  ARG A CG    1 
ATOM   688  C  CD    . ARG A 1 85  ? -5.282  20.015  -4.166  1.00 49.80  ? 85  ARG A CD    1 
ATOM   689  N  NE    . ARG A 1 85  ? -5.275  20.395  -5.579  1.00 51.61  ? 85  ARG A NE    1 
ATOM   690  C  CZ    . ARG A 1 85  ? -6.256  21.077  -6.153  1.00 53.49  ? 85  ARG A CZ    1 
ATOM   691  N  NH1   . ARG A 1 85  ? -7.310  21.432  -5.431  1.00 54.65  ? 85  ARG A NH1   1 
ATOM   692  N  NH2   . ARG A 1 85  ? -6.187  21.417  -7.439  1.00 53.98  ? 85  ARG A NH2   1 
ATOM   693  N  N     . PHE A 1 86  ? -4.052  15.707  -2.391  1.00 40.31  ? 86  PHE A N     1 
ATOM   694  C  CA    . PHE A 1 86  ? -3.931  14.375  -2.964  1.00 39.29  ? 86  PHE A CA    1 
ATOM   695  C  C     . PHE A 1 86  ? -5.207  13.535  -2.793  1.00 39.70  ? 86  PHE A C     1 
ATOM   696  O  O     . PHE A 1 86  ? -5.712  12.968  -3.780  1.00 41.04  ? 86  PHE A O     1 
ATOM   697  C  CB    . PHE A 1 86  ? -2.692  13.587  -2.455  1.00 38.09  ? 86  PHE A CB    1 
ATOM   698  C  CG    . PHE A 1 86  ? -2.720  12.115  -2.884  1.00 38.25  ? 86  PHE A CG    1 
ATOM   699  C  CD1   . PHE A 1 86  ? -2.417  11.739  -4.220  1.00 38.28  ? 86  PHE A CD1   1 
ATOM   700  C  CD2   . PHE A 1 86  ? -3.145  11.132  -2.010  1.00 37.68  ? 86  PHE A CD2   1 
ATOM   701  C  CE1   . PHE A 1 86  ? -2.495  10.385  -4.614  1.00 38.92  ? 86  PHE A CE1   1 
ATOM   702  C  CE2   . PHE A 1 86  ? -3.225  9.790   -2.409  1.00 39.38  ? 86  PHE A CE2   1 
ATOM   703  C  CZ    . PHE A 1 86  ? -2.891  9.427   -3.715  1.00 39.08  ? 86  PHE A CZ    1 
ATOM   704  N  N     . TYR A 1 87  ? -5.699  13.440  -1.554  1.00 39.03  ? 87  TYR A N     1 
ATOM   705  C  CA    . TYR A 1 87  ? -6.823  12.580  -1.247  1.00 39.32  ? 87  TYR A CA    1 
ATOM   706  C  C     . TYR A 1 87  ? -8.099  13.046  -1.944  1.00 39.05  ? 87  TYR A C     1 
ATOM   707  O  O     . TYR A 1 87  ? -8.880  12.232  -2.446  1.00 39.13  ? 87  TYR A O     1 
ATOM   708  C  CB    . TYR A 1 87  ? -7.091  12.495  0.253   1.00 39.67  ? 87  TYR A CB    1 
ATOM   709  C  CG    . TYR A 1 87  ? -8.267  11.581  0.584   1.00 40.44  ? 87  TYR A CG    1 
ATOM   710  C  CD1   . TYR A 1 87  ? -8.158  10.183  0.449   1.00 41.61  ? 87  TYR A CD1   1 
ATOM   711  C  CD2   . TYR A 1 87  ? -9.513  12.114  0.978   1.00 41.92  ? 87  TYR A CD2   1 
ATOM   712  C  CE1   . TYR A 1 87  ? -9.246  9.336   0.763   1.00 42.42  ? 87  TYR A CE1   1 
ATOM   713  C  CE2   . TYR A 1 87  ? -10.616 11.281  1.276   1.00 41.69  ? 87  TYR A CE2   1 
ATOM   714  C  CZ    . TYR A 1 87  ? -10.460 9.900   1.169   1.00 42.28  ? 87  TYR A CZ    1 
ATOM   715  O  OH    . TYR A 1 87  ? -11.522 9.073   1.468   1.00 43.51  ? 87  TYR A OH    1 
ATOM   716  N  N     . HIS A 1 88  ? -8.317  14.351  -1.961  1.00 38.84  ? 88  HIS A N     1 
ATOM   717  C  CA    . HIS A 1 88  ? -9.475  14.875  -2.701  1.00 40.02  ? 88  HIS A CA    1 
ATOM   718  C  C     . HIS A 1 88  ? -9.512  14.489  -4.186  1.00 38.42  ? 88  HIS A C     1 
ATOM   719  O  O     . HIS A 1 88  ? -10.539 13.997  -4.688  1.00 36.11  ? 88  HIS A O     1 
ATOM   720  C  CB    . HIS A 1 88  ? -9.631  16.390  -2.518  1.00 41.74  ? 88  HIS A CB    1 
ATOM   721  C  CG    . HIS A 1 88  ? -10.948 16.904  -3.010  1.00 44.56  ? 88  HIS A CG    1 
ATOM   722  N  ND1   . HIS A 1 88  ? -11.108 17.483  -4.251  1.00 45.35  ? 88  HIS A ND1   1 
ATOM   723  C  CD2   . HIS A 1 88  ? -12.174 16.905  -2.434  1.00 45.34  ? 88  HIS A CD2   1 
ATOM   724  C  CE1   . HIS A 1 88  ? -12.369 17.832  -4.411  1.00 45.83  ? 88  HIS A CE1   1 
ATOM   725  N  NE2   . HIS A 1 88  ? -13.034 17.511  -3.315  1.00 46.19  ? 88  HIS A NE2   1 
ATOM   726  N  N     . LYS A 1 89  ? -8.402  14.688  -4.884  1.00 38.04  ? 89  LYS A N     1 
ATOM   727  C  CA    . LYS A 1 89  ? -8.356  14.360  -6.322  1.00 40.69  ? 89  LYS A CA    1 
ATOM   728  C  C     . LYS A 1 89  ? -8.389  12.843  -6.599  1.00 40.89  ? 89  LYS A C     1 
ATOM   729  O  O     . LYS A 1 89  ? -9.006  12.378  -7.587  1.00 40.47  ? 89  LYS A O     1 
ATOM   730  C  CB    . LYS A 1 89  ? -7.118  14.994  -6.940  1.00 42.23  ? 89  LYS A CB    1 
ATOM   731  C  CG    . LYS A 1 89  ? -7.068  16.451  -6.627  1.00 45.96  ? 89  LYS A CG    1 
ATOM   732  C  CD    . LYS A 1 89  ? -6.001  17.181  -7.371  1.00 47.51  ? 89  LYS A CD    1 
ATOM   733  C  CE    . LYS A 1 89  ? -6.582  17.845  -8.577  1.00 48.21  ? 89  LYS A CE    1 
ATOM   734  N  NZ    . LYS A 1 89  ? -7.606  18.891  -8.211  1.00 47.76  ? 89  LYS A NZ    1 
ATOM   735  N  N     . ALA A 1 90  ? -7.716  12.074  -5.742  1.00 38.21  ? 90  ALA A N     1 
ATOM   736  C  CA    . ALA A 1 90  ? -7.786  10.618  -5.787  1.00 38.59  ? 90  ALA A CA    1 
ATOM   737  C  C     . ALA A 1 90  ? -9.215  10.105  -5.565  1.00 39.95  ? 90  ALA A C     1 
ATOM   738  O  O     . ALA A 1 90  ? -9.694  9.293   -6.330  1.00 37.84  ? 90  ALA A O     1 
ATOM   739  C  CB    . ALA A 1 90  ? -6.813  9.988   -4.791  1.00 36.60  ? 90  ALA A CB    1 
ATOM   740  N  N     . GLN A 1 91  ? -9.905  10.557  -4.524  1.00 40.81  ? 91  GLN A N     1 
ATOM   741  C  CA    . GLN A 1 91  ? -11.276 10.053  -4.294  1.00 43.98  ? 91  GLN A CA    1 
ATOM   742  C  C     . GLN A 1 91  ? -12.252 10.375  -5.473  1.00 44.97  ? 91  GLN A C     1 
ATOM   743  O  O     . GLN A 1 91  ? -13.115 9.550   -5.781  1.00 44.11  ? 91  GLN A O     1 
ATOM   744  C  CB    . GLN A 1 91  ? -11.826 10.561  -2.938  1.00 48.27  ? 91  GLN A CB    1 
ATOM   745  C  CG    . GLN A 1 91  ? -12.120 12.008  -2.975  1.00 50.29  ? 91  GLN A CG    1 
ATOM   746  C  CD    . GLN A 1 91  ? -12.182 12.665  -1.601  1.00 53.81  ? 91  GLN A CD    1 
ATOM   747  O  OE1   . GLN A 1 91  ? -11.615 13.741  -1.406  1.00 54.81  ? 91  GLN A OE1   1 
ATOM   748  N  NE2   . GLN A 1 91  ? -12.920 12.058  -0.660  1.00 54.76  ? 91  GLN A NE2   1 
ATOM   749  N  N     . LEU A 1 92  ? -12.102 11.543  -6.129  1.00 43.77  ? 92  LEU A N     1 
ATOM   750  C  CA    . LEU A 1 92  ? -12.938 11.916  -7.281  1.00 44.71  ? 92  LEU A CA    1 
ATOM   751  C  C     . LEU A 1 92  ? -12.685 10.935  -8.415  1.00 43.97  ? 92  LEU A C     1 
ATOM   752  O  O     . LEU A 1 92  ? -13.619 10.504  -9.089  1.00 43.27  ? 92  LEU A O     1 
ATOM   753  C  CB    . LEU A 1 92  ? -12.595 13.312  -7.819  1.00 45.00  ? 92  LEU A CB    1 
ATOM   754  C  CG    . LEU A 1 92  ? -12.867 14.710  -7.227  1.00 44.79  ? 92  LEU A CG    1 
ATOM   755  C  CD1   . LEU A 1 92  ? -12.647 15.735  -8.357  1.00 44.80  ? 92  LEU A CD1   1 
ATOM   756  C  CD2   . LEU A 1 92  ? -14.265 14.860  -6.680  1.00 44.05  ? 92  LEU A CD2   1 
ATOM   757  N  N     . LEU A 1 93  ? -11.407 10.623  -8.631  1.00 42.38  ? 93  LEU A N     1 
ATOM   758  C  CA    . LEU A 1 93  ? -10.971 9.694   -9.679  1.00 41.57  ? 93  LEU A CA    1 
ATOM   759  C  C     . LEU A 1 93  ? -11.519 8.295   -9.421  1.00 39.55  ? 93  LEU A C     1 
ATOM   760  O  O     . LEU A 1 93  ? -12.047 7.664   -10.329 1.00 40.80  ? 93  LEU A O     1 
ATOM   761  C  CB    . LEU A 1 93  ? -9.423  9.631   -9.715  1.00 43.33  ? 93  LEU A CB    1 
ATOM   762  C  CG    . LEU A 1 93  ? -8.628  9.063   -10.934 1.00 42.87  ? 93  LEU A CG    1 
ATOM   763  C  CD1   . LEU A 1 93  ? -7.342  8.471   -10.537 1.00 43.33  ? 93  LEU A CD1   1 
ATOM   764  C  CD2   . LEU A 1 93  ? -9.386  8.088   -11.746 1.00 46.61  ? 93  LEU A CD2   1 
ATOM   765  N  N     . LEU A 1 94  ? -11.283 7.773   -8.215  1.00 37.83  ? 94  LEU A N     1 
ATOM   766  C  CA    . LEU A 1 94  ? -11.752 6.440   -7.820  1.00 36.77  ? 94  LEU A CA    1 
ATOM   767  C  C     . LEU A 1 94  ? -13.260 6.196   -7.965  1.00 38.09  ? 94  LEU A C     1 
ATOM   768  O  O     . LEU A 1 94  ? -13.669 5.253   -8.641  1.00 37.42  ? 94  LEU A O     1 
ATOM   769  C  CB    . LEU A 1 94  ? -11.285 6.115   -6.395  1.00 34.44  ? 94  LEU A CB    1 
ATOM   770  C  CG    . LEU A 1 94  ? -9.755  5.865   -6.246  1.00 34.16  ? 94  LEU A CG    1 
ATOM   771  C  CD1   . LEU A 1 94  ? -9.329  5.749   -4.687  1.00 35.38  ? 94  LEU A CD1   1 
ATOM   772  C  CD2   . LEU A 1 94  ? -9.312  4.665   -6.996  1.00 35.03  ? 94  LEU A CD2   1 
ATOM   773  N  N     . ARG A 1 95  ? -14.094 7.058   -7.375  1.00 39.56  ? 95  ARG A N     1 
ATOM   774  C  CA    . ARG A 1 95  ? -15.552 6.826   -7.427  1.00 41.45  ? 95  ARG A CA    1 
ATOM   775  C  C     . ARG A 1 95  ? -16.056 6.781   -8.862  1.00 40.80  ? 95  ARG A C     1 
ATOM   776  O  O     . ARG A 1 95  ? -16.994 6.037   -9.206  1.00 40.25  ? 95  ARG A O     1 
ATOM   777  C  CB    . ARG A 1 95  ? -16.343 7.879   -6.641  1.00 42.04  ? 95  ARG A CB    1 
ATOM   778  C  CG    . ARG A 1 95  ? -15.707 8.475   -5.403  1.00 44.25  ? 95  ARG A CG    1 
ATOM   779  C  CD    . ARG A 1 95  ? -16.661 9.608   -4.876  1.00 45.03  ? 95  ARG A CD    1 
ATOM   780  N  NE    . ARG A 1 95  ? -16.036 10.906  -4.555  1.00 47.66  ? 95  ARG A NE    1 
ATOM   781  C  CZ    . ARG A 1 95  ? -16.180 12.024  -5.275  1.00 49.87  ? 95  ARG A CZ    1 
ATOM   782  N  NH1   . ARG A 1 95  ? -16.929 12.050  -6.390  1.00 51.50  ? 95  ARG A NH1   1 
ATOM   783  N  NH2   . ARG A 1 95  ? -15.594 13.140  -4.888  1.00 49.10  ? 95  ARG A NH2   1 
ATOM   784  N  N     . GLU A 1 96  ? -15.420 7.608   -9.680  1.00 40.59  ? 96  GLU A N     1 
ATOM   785  C  CA    . GLU A 1 96  ? -15.728 7.764   -11.076 1.00 43.65  ? 96  GLU A CA    1 
ATOM   786  C  C     . GLU A 1 96  ? -15.343 6.545   -11.909 1.00 44.59  ? 96  GLU A C     1 
ATOM   787  O  O     . GLU A 1 96  ? -16.018 6.203   -12.879 1.00 43.20  ? 96  GLU A O     1 
ATOM   788  C  CB    . GLU A 1 96  ? -14.925 8.949   -11.564 1.00 47.41  ? 96  GLU A CB    1 
ATOM   789  C  CG    . GLU A 1 96  ? -14.434 8.837   -12.962 1.00 52.80  ? 96  GLU A CG    1 
ATOM   790  C  CD    . GLU A 1 96  ? -14.486 10.143  -13.683 1.00 55.67  ? 96  GLU A CD    1 
ATOM   791  O  OE1   . GLU A 1 96  ? -13.971 11.155  -13.131 1.00 58.82  ? 96  GLU A OE1   1 
ATOM   792  O  OE2   . GLU A 1 96  ? -15.060 10.161  -14.796 1.00 58.48  ? 96  GLU A OE2   1 
ATOM   793  N  N     . GLU A 1 97  ? -14.240 5.914   -11.534 1.00 45.40  ? 97  GLU A N     1 
ATOM   794  C  CA    . GLU A 1 97  ? -13.759 4.726   -12.236 1.00 48.16  ? 97  GLU A CA    1 
ATOM   795  C  C     . GLU A 1 97  ? -14.444 3.487   -11.659 1.00 47.65  ? 97  GLU A C     1 
ATOM   796  O  O     . GLU A 1 97  ? -14.081 2.359   -11.996 1.00 49.08  ? 97  GLU A O     1 
ATOM   797  C  CB    . GLU A 1 97  ? -12.223 4.637   -12.137 1.00 48.47  ? 97  GLU A CB    1 
ATOM   798  C  CG    . GLU A 1 97  ? -11.464 5.756   -12.890 1.00 51.07  ? 97  GLU A CG    1 
ATOM   799  C  CD    . GLU A 1 97  ? -11.565 5.704   -14.433 1.00 54.13  ? 97  GLU A CD    1 
ATOM   800  O  OE1   . GLU A 1 97  ? -11.587 6.803   -15.057 1.00 55.18  ? 97  GLU A OE1   1 
ATOM   801  O  OE2   . GLU A 1 97  ? -11.616 4.587   -15.022 1.00 54.28  ? 97  GLU A OE2   1 
ATOM   802  N  N     . GLY A 1 98  ? -15.411 3.707   -10.770 1.00 45.37  ? 98  GLY A N     1 
ATOM   803  C  CA    . GLY A 1 98  ? -16.191 2.624   -10.179 1.00 46.21  ? 98  GLY A CA    1 
ATOM   804  C  C     . GLY A 1 98  ? -15.818 2.120   -8.773  1.00 46.19  ? 98  GLY A C     1 
ATOM   805  O  O     . GLY A 1 98  ? -16.438 1.169   -8.275  1.00 45.89  ? 98  GLY A O     1 
ATOM   806  N  N     . PHE A 1 99  ? -14.812 2.732   -8.139  1.00 45.05  ? 99  PHE A N     1 
ATOM   807  C  CA    . PHE A 1 99  ? -14.304 2.273   -6.843  1.00 46.44  ? 99  PHE A CA    1 
ATOM   808  C  C     . PHE A 1 99  ? -14.830 3.132   -5.729  1.00 46.78  ? 99  PHE A C     1 
ATOM   809  O  O     . PHE A 1 99  ? -14.354 4.254   -5.549  1.00 49.03  ? 99  PHE A O     1 
ATOM   810  C  CB    . PHE A 1 99  ? -12.757 2.281   -6.806  1.00 47.82  ? 99  PHE A CB    1 
ATOM   811  C  CG    . PHE A 1 99  ? -12.155 1.462   -7.888  1.00 47.82  ? 99  PHE A CG    1 
ATOM   812  C  CD1   . PHE A 1 99  ? -11.725 2.067   -9.074  1.00 48.47  ? 99  PHE A CD1   1 
ATOM   813  C  CD2   . PHE A 1 99  ? -12.097 0.093   -7.768  1.00 47.95  ? 99  PHE A CD2   1 
ATOM   814  C  CE1   . PHE A 1 99  ? -11.208 1.326   -10.104 1.00 49.25  ? 99  PHE A CE1   1 
ATOM   815  C  CE2   . PHE A 1 99  ? -11.596 -0.664  -8.799  1.00 51.26  ? 99  PHE A CE2   1 
ATOM   816  C  CZ    . PHE A 1 99  ? -11.164 -0.040  -9.993  1.00 49.82  ? 99  PHE A CZ    1 
HETATM 817  N  N     . MSE A 1 100 ? -15.770 2.604   -4.956  1.00 43.30  ? 100 MSE A N     1 
HETATM 818  C  CA    . MSE A 1 100 ? -16.409 3.410   -3.931  1.00 44.82  ? 100 MSE A CA    1 
HETATM 819  C  C     . MSE A 1 100 ? -15.943 3.087   -2.501  1.00 42.92  ? 100 MSE A C     1 
HETATM 820  O  O     . MSE A 1 100 ? -16.327 3.762   -1.563  1.00 40.55  ? 100 MSE A O     1 
HETATM 821  C  CB    . MSE A 1 100 ? -17.922 3.292   -4.087  1.00 45.75  ? 100 MSE A CB    1 
HETATM 822  C  CG    . MSE A 1 100 ? -18.426 3.668   -5.480  1.00 46.67  ? 100 MSE A CG    1 
HETATM 823  SE SE    . MSE A 1 100 ? -20.293 3.121   -5.425  1.00 56.62  ? 100 MSE A SE    1 
HETATM 824  C  CE    . MSE A 1 100 ? -19.710 1.067   -5.439  1.00 52.91  ? 100 MSE A CE    1 
ATOM   825  N  N     . ASN A 1 101 ? -15.058 2.087   -2.378  1.00 41.62  ? 101 ASN A N     1 
ATOM   826  C  CA    . ASN A 1 101 ? -14.568 1.566   -1.114  1.00 40.73  ? 101 ASN A CA    1 
ATOM   827  C  C     . ASN A 1 101 ? -13.065 1.700   -1.019  1.00 40.02  ? 101 ASN A C     1 
ATOM   828  O  O     . ASN A 1 101 ? -12.289 0.957   -1.684  1.00 40.55  ? 101 ASN A O     1 
ATOM   829  C  CB    . ASN A 1 101 ? -15.001 0.111   -0.926  1.00 41.25  ? 101 ASN A CB    1 
ATOM   830  C  CG    . ASN A 1 101 ? -16.534 -0.035  -0.878  1.00 42.55  ? 101 ASN A CG    1 
ATOM   831  O  OD1   . ASN A 1 101 ? -17.121 -0.839  -1.602  1.00 45.52  ? 101 ASN A OD1   1 
ATOM   832  N  ND2   . ASN A 1 101 ? -17.169 0.752   -0.057  1.00 37.39  ? 101 ASN A ND2   1 
ATOM   833  N  N     . PHE A 1 102 ? -12.640 2.689   -0.234  1.00 39.83  ? 102 PHE A N     1 
ATOM   834  C  CA    . PHE A 1 102 ? -11.207 2.916   -0.012  1.00 38.96  ? 102 PHE A CA    1 
ATOM   835  C  C     . PHE A 1 102 ? -10.904 3.571   1.325   1.00 38.71  ? 102 PHE A C     1 
ATOM   836  O  O     . PHE A 1 102 ? -11.784 4.182   1.947   1.00 37.84  ? 102 PHE A O     1 
ATOM   837  C  CB    . PHE A 1 102 ? -10.591 3.684   -1.177  1.00 40.39  ? 102 PHE A CB    1 
ATOM   838  C  CG    . PHE A 1 102 ? -11.394 4.869   -1.631  1.00 41.86  ? 102 PHE A CG    1 
ATOM   839  C  CD1   . PHE A 1 102 ? -12.311 4.760   -2.688  1.00 42.22  ? 102 PHE A CD1   1 
ATOM   840  C  CD2   . PHE A 1 102 ? -11.186 6.118   -1.062  1.00 42.75  ? 102 PHE A CD2   1 
ATOM   841  C  CE1   . PHE A 1 102 ? -13.059 5.879   -3.108  1.00 41.77  ? 102 PHE A CE1   1 
ATOM   842  C  CE2   . PHE A 1 102 ? -11.926 7.245   -1.497  1.00 42.98  ? 102 PHE A CE2   1 
ATOM   843  C  CZ    . PHE A 1 102 ? -12.835 7.117   -2.522  1.00 41.54  ? 102 PHE A CZ    1 
ATOM   844  N  N     . THR A 1 103 ? -9.666  3.403   1.779   1.00 38.83  ? 103 THR A N     1 
ATOM   845  C  CA    . THR A 1 103 ? -9.232  3.857   3.099   1.00 38.40  ? 103 THR A CA    1 
ATOM   846  C  C     . THR A 1 103 ? -7.818  4.428   3.001   1.00 38.82  ? 103 THR A C     1 
ATOM   847  O  O     . THR A 1 103 ? -6.888  3.746   2.531   1.00 40.17  ? 103 THR A O     1 
ATOM   848  C  CB    . THR A 1 103 ? -9.236  2.702   4.140   1.00 38.95  ? 103 THR A CB    1 
ATOM   849  O  OG1   . THR A 1 103 ? -10.508 2.064   4.112   1.00 38.77  ? 103 THR A OG1   1 
ATOM   850  C  CG2   . THR A 1 103 ? -8.978  3.262   5.625   1.00 38.23  ? 103 THR A CG2   1 
ATOM   851  N  N     . ALA A 1 104 ? -7.655  5.676   3.436   1.00 40.09  ? 104 ALA A N     1 
ATOM   852  C  CA    . ALA A 1 104 ? -6.329  6.310   3.494   1.00 38.66  ? 104 ALA A CA    1 
ATOM   853  C  C     . ALA A 1 104 ? -5.789  6.232   4.918   1.00 38.21  ? 104 ALA A C     1 
ATOM   854  O  O     . ALA A 1 104 ? -6.501  6.573   5.892   1.00 37.96  ? 104 ALA A O     1 
ATOM   855  C  CB    . ALA A 1 104 ? -6.396  7.748   3.061   1.00 36.61  ? 104 ALA A CB    1 
ATOM   856  N  N     . TYR A 1 105 ? -4.529  5.826   5.048   1.00 38.15  ? 105 TYR A N     1 
ATOM   857  C  CA    . TYR A 1 105 ? -3.912  5.768   6.377   1.00 39.08  ? 105 TYR A CA    1 
ATOM   858  C  C     . TYR A 1 105 ? -2.687  6.613   6.429   1.00 40.08  ? 105 TYR A C     1 
ATOM   859  O  O     . TYR A 1 105 ? -1.932  6.667   5.453   1.00 37.93  ? 105 TYR A O     1 
ATOM   860  C  CB    . TYR A 1 105 ? -3.447  4.361   6.720   1.00 41.47  ? 105 TYR A CB    1 
ATOM   861  C  CG    . TYR A 1 105 ? -4.530  3.319   6.699   1.00 41.78  ? 105 TYR A CG    1 
ATOM   862  C  CD1   . TYR A 1 105 ? -5.216  2.974   7.880   1.00 44.20  ? 105 TYR A CD1   1 
ATOM   863  C  CD2   . TYR A 1 105 ? -4.850  2.658   5.511   1.00 42.46  ? 105 TYR A CD2   1 
ATOM   864  C  CE1   . TYR A 1 105 ? -6.241  1.996   7.852   1.00 44.26  ? 105 TYR A CE1   1 
ATOM   865  C  CE2   . TYR A 1 105 ? -5.856  1.671   5.475   1.00 43.26  ? 105 TYR A CE2   1 
ATOM   866  C  CZ    . TYR A 1 105 ? -6.539  1.360   6.668   1.00 42.48  ? 105 TYR A CZ    1 
ATOM   867  O  OH    . TYR A 1 105 ? -7.520  0.384   6.648   1.00 44.06  ? 105 TYR A OH    1 
ATOM   868  N  N     . ASN A 1 106 ? -2.432  7.190   7.607   1.00 36.60  ? 106 ASN A N     1 
ATOM   869  C  CA    . ASN A 1 106 ? -1.168  7.835   7.860   1.00 39.85  ? 106 ASN A CA    1 
ATOM   870  C  C     . ASN A 1 106 ? 0.000   6.853   7.971   1.00 37.87  ? 106 ASN A C     1 
ATOM   871  O  O     . ASN A 1 106 ? -0.087  5.798   8.620   1.00 36.97  ? 106 ASN A O     1 
ATOM   872  C  CB    . ASN A 1 106 ? -1.246  8.698   9.151   1.00 40.66  ? 106 ASN A CB    1 
ATOM   873  C  CG    . ASN A 1 106 ? -2.337  9.747   9.069   1.00 43.70  ? 106 ASN A CG    1 
ATOM   874  O  OD1   . ASN A 1 106 ? -2.406  10.530  8.127   1.00 45.04  ? 106 ASN A OD1   1 
ATOM   875  N  ND2   . ASN A 1 106 ? -3.178  9.780   10.060  1.00 47.59  ? 106 ASN A ND2   1 
ATOM   876  N  N     . THR A 1 107 ? 1.095   7.209   7.325   1.00 38.24  ? 107 THR A N     1 
ATOM   877  C  CA    . THR A 1 107 ? 2.312   6.394   7.406   1.00 37.08  ? 107 THR A CA    1 
ATOM   878  C  C     . THR A 1 107 ? 3.366   7.096   8.272   1.00 39.47  ? 107 THR A C     1 
ATOM   879  O  O     . THR A 1 107 ? 3.031   8.040   8.989   1.00 38.95  ? 107 THR A O     1 
ATOM   880  C  CB    . THR A 1 107 ? 2.804   5.984   6.001   1.00 39.16  ? 107 THR A CB    1 
ATOM   881  O  OG1   . THR A 1 107 ? 3.166   7.170   5.284   1.00 39.79  ? 107 THR A OG1   1 
ATOM   882  C  CG2   . THR A 1 107 ? 1.662   5.248   5.289   1.00 37.80  ? 107 THR A CG2   1 
ATOM   883  N  N     . LYS A 1 108 ? 4.613   6.626   8.278   1.00 40.17  ? 108 LYS A N     1 
ATOM   884  C  CA    . LYS A 1 108 ? 5.586   7.194   9.236   1.00 39.42  ? 108 LYS A CA    1 
ATOM   885  C  C     . LYS A 1 108 ? 5.949   8.691   9.104   1.00 39.22  ? 108 LYS A C     1 
ATOM   886  O  O     . LYS A 1 108 ? 6.187   9.342   10.115  1.00 37.13  ? 108 LYS A O     1 
ATOM   887  C  CB    . LYS A 1 108 ? 6.870   6.339   9.329   1.00 40.15  ? 108 LYS A CB    1 
ATOM   888  C  CG    . LYS A 1 108 ? 7.614   6.149   8.051   1.00 39.53  ? 108 LYS A CG    1 
ATOM   889  C  CD    . LYS A 1 108 ? 9.035   5.461   8.243   1.00 40.85  ? 108 LYS A CD    1 
ATOM   890  C  CE    . LYS A 1 108 ? 9.609   4.986   6.919   1.00 42.94  ? 108 LYS A CE    1 
ATOM   891  N  NZ    . LYS A 1 108 ? 9.985   6.172   6.044   1.00 43.36  ? 108 LYS A NZ    1 
ATOM   892  N  N     . THR A 1 109 ? 6.043   9.203   7.882   1.00 37.81  ? 109 THR A N     1 
ATOM   893  C  CA    . THR A 1 109 ? 6.385   10.627  7.644   1.00 38.64  ? 109 THR A CA    1 
ATOM   894  C  C     . THR A 1 109 ? 5.096   11.471  7.570   1.00 39.36  ? 109 THR A C     1 
ATOM   895  O  O     . THR A 1 109 ? 4.176   11.094  6.844   1.00 38.31  ? 109 THR A O     1 
ATOM   896  C  CB    . THR A 1 109 ? 7.207   10.782  6.340   1.00 37.16  ? 109 THR A CB    1 
ATOM   897  O  OG1   . THR A 1 109 ? 8.323   9.865   6.379   1.00 37.10  ? 109 THR A OG1   1 
ATOM   898  C  CG2   . THR A 1 109 ? 7.696   12.227  6.148   1.00 36.91  ? 109 THR A CG2   1 
ATOM   899  N  N     . PRO A 1 110 ? 4.992   12.535  8.414   1.00 39.74  ? 110 PRO A N     1 
ATOM   900  C  CA    . PRO A 1 110 ? 3.798   13.397  8.428   1.00 39.33  ? 110 PRO A CA    1 
ATOM   901  C  C     . PRO A 1 110 ? 3.534   13.955  7.028   1.00 38.76  ? 110 PRO A C     1 
ATOM   902  O  O     . PRO A 1 110 ? 4.466   14.310  6.328   1.00 39.40  ? 110 PRO A O     1 
ATOM   903  C  CB    . PRO A 1 110 ? 4.180   14.526  9.409   1.00 39.04  ? 110 PRO A CB    1 
ATOM   904  C  CG    . PRO A 1 110 ? 5.208   13.870  10.329  1.00 39.19  ? 110 PRO A CG    1 
ATOM   905  C  CD    . PRO A 1 110 ? 5.996   12.963  9.416   1.00 39.57  ? 110 PRO A CD    1 
ATOM   906  N  N     . GLY A 1 111 ? 2.280   13.991  6.613   1.00 39.22  ? 111 GLY A N     1 
ATOM   907  C  CA    . GLY A 1 111 ? 1.974   14.280  5.205   1.00 38.54  ? 111 GLY A CA    1 
ATOM   908  C  C     . GLY A 1 111 ? 1.802   13.062  4.314   1.00 38.13  ? 111 GLY A C     1 
ATOM   909  O  O     . GLY A 1 111 ? 1.019   13.118  3.372   1.00 37.62  ? 111 GLY A O     1 
ATOM   910  N  N     . HIS A 1 112 ? 2.545   11.968  4.577   1.00 39.11  ? 112 HIS A N     1 
ATOM   911  C  CA    . HIS A 1 112 ? 2.498   10.783  3.718   1.00 36.85  ? 112 HIS A CA    1 
ATOM   912  C  C     . HIS A 1 112 ? 1.318   9.857   4.056   1.00 39.24  ? 112 HIS A C     1 
ATOM   913  O  O     . HIS A 1 112 ? 0.833   9.809   5.192   1.00 39.40  ? 112 HIS A O     1 
ATOM   914  C  CB    . HIS A 1 112 ? 3.836   10.020  3.708   1.00 35.96  ? 112 HIS A CB    1 
ATOM   915  C  CG    . HIS A 1 112 ? 5.025   10.827  3.232   1.00 35.36  ? 112 HIS A CG    1 
ATOM   916  N  ND1   . HIS A 1 112 ? 6.211   10.228  2.849   1.00 34.45  ? 112 HIS A ND1   1 
ATOM   917  C  CD2   . HIS A 1 112 ? 5.199   12.158  3.025   1.00 36.45  ? 112 HIS A CD2   1 
ATOM   918  C  CE1   . HIS A 1 112 ? 7.066   11.157  2.458   1.00 35.62  ? 112 HIS A CE1   1 
ATOM   919  N  NE2   . HIS A 1 112 ? 6.489   12.337  2.578   1.00 35.57  ? 112 HIS A NE2   1 
ATOM   920  N  N     . LEU A 1 113 ? 0.809   9.152   3.045   1.00 37.62  ? 113 LEU A N     1 
ATOM   921  C  CA    . LEU A 1 113 ? -0.308  8.258   3.242   1.00 37.91  ? 113 LEU A CA    1 
ATOM   922  C  C     . LEU A 1 113 ? -0.133  6.965   2.484   1.00 38.24  ? 113 LEU A C     1 
ATOM   923  O  O     . LEU A 1 113 ? 0.559   6.924   1.452   1.00 38.35  ? 113 LEU A O     1 
ATOM   924  C  CB    . LEU A 1 113 ? -1.561  8.929   2.592   1.00 38.51  ? 113 LEU A CB    1 
ATOM   925  C  CG    . LEU A 1 113 ? -2.156  10.240  3.058   1.00 39.54  ? 113 LEU A CG    1 
ATOM   926  C  CD1   . LEU A 1 113 ? -3.276  10.680  2.090   1.00 39.84  ? 113 LEU A CD1   1 
ATOM   927  C  CD2   . LEU A 1 113 ? -2.678  10.225  4.544   1.00 39.59  ? 113 LEU A CD2   1 
ATOM   928  N  N     . HIS A 1 114 ? -0.815  5.922   2.937   1.00 38.42  ? 114 HIS A N     1 
ATOM   929  C  CA    . HIS A 1 114 ? -1.174  4.846   2.000   1.00 38.84  ? 114 HIS A CA    1 
ATOM   930  C  C     . HIS A 1 114 ? -2.683  4.823   1.803   1.00 38.95  ? 114 HIS A C     1 
ATOM   931  O  O     . HIS A 1 114 ? -3.462  4.697   2.761   1.00 38.29  ? 114 HIS A O     1 
ATOM   932  C  CB    . HIS A 1 114 ? -0.716  3.464   2.459   1.00 39.27  ? 114 HIS A CB    1 
ATOM   933  C  CG    . HIS A 1 114 ? 0.772   3.309   2.558   1.00 39.48  ? 114 HIS A CG    1 
ATOM   934  N  ND1   . HIS A 1 114 ? 1.357   2.377   3.388   1.00 41.48  ? 114 HIS A ND1   1 
ATOM   935  C  CD2   . HIS A 1 114 ? 1.789   3.958   1.941   1.00 39.37  ? 114 HIS A CD2   1 
ATOM   936  C  CE1   . HIS A 1 114 ? 2.672   2.452   3.276   1.00 40.96  ? 114 HIS A CE1   1 
ATOM   937  N  NE2   . HIS A 1 114 ? 2.955   3.404   2.398   1.00 40.29  ? 114 HIS A NE2   1 
ATOM   938  N  N     . LEU A 1 115 ? -3.085  4.949   0.542   1.00 38.46  ? 115 LEU A N     1 
ATOM   939  C  CA    . LEU A 1 115 ? -4.487  4.877   0.161   1.00 38.64  ? 115 LEU A CA    1 
ATOM   940  C  C     . LEU A 1 115 ? -4.804  3.470   -0.398  1.00 40.36  ? 115 LEU A C     1 
ATOM   941  O  O     . LEU A 1 115 ? -4.442  3.132   -1.557  1.00 39.02  ? 115 LEU A O     1 
ATOM   942  C  CB    . LEU A 1 115 ? -4.847  6.053   -0.803  1.00 38.06  ? 115 LEU A CB    1 
ATOM   943  C  CG    . LEU A 1 115 ? -6.193  6.095   -1.559  1.00 40.85  ? 115 LEU A CG    1 
ATOM   944  C  CD1   . LEU A 1 115 ? -7.298  6.041   -0.563  1.00 42.36  ? 115 LEU A CD1   1 
ATOM   945  C  CD2   . LEU A 1 115 ? -6.302  7.390   -2.389  1.00 41.97  ? 115 LEU A CD2   1 
ATOM   946  N  N     . TYR A 1 116 ? -5.451  2.632   0.416   1.00 39.22  ? 116 TYR A N     1 
ATOM   947  C  CA    . TYR A 1 116 ? -5.828  1.303   -0.060  1.00 40.34  ? 116 TYR A CA    1 
ATOM   948  C  C     . TYR A 1 116 ? -7.195  1.395   -0.755  1.00 41.94  ? 116 TYR A C     1 
ATOM   949  O  O     . TYR A 1 116 ? -8.124  1.967   -0.200  1.00 40.71  ? 116 TYR A O     1 
ATOM   950  C  CB    . TYR A 1 116 ? -5.963  0.337   1.093   1.00 41.24  ? 116 TYR A CB    1 
ATOM   951  C  CG    . TYR A 1 116 ? -4.691  -0.057  1.788   1.00 41.29  ? 116 TYR A CG    1 
ATOM   952  C  CD1   . TYR A 1 116 ? -4.273  -1.390  1.778   1.00 39.03  ? 116 TYR A CD1   1 
ATOM   953  C  CD2   . TYR A 1 116 ? -3.913  0.888   2.477   1.00 40.27  ? 116 TYR A CD2   1 
ATOM   954  C  CE1   . TYR A 1 116 ? -3.086  -1.775  2.440   1.00 41.50  ? 116 TYR A CE1   1 
ATOM   955  C  CE2   . TYR A 1 116 ? -2.687  0.500   3.149   1.00 41.61  ? 116 TYR A CE2   1 
ATOM   956  C  CZ    . TYR A 1 116 ? -2.316  -0.838  3.136   1.00 41.85  ? 116 TYR A CZ    1 
ATOM   957  O  OH    . TYR A 1 116 ? -1.178  -1.260  3.796   1.00 43.11  ? 116 TYR A OH    1 
ATOM   958  N  N     . VAL A 1 117 ? -7.275  0.847   -1.973  1.00 40.78  ? 117 VAL A N     1 
ATOM   959  C  CA    . VAL A 1 117 ? -8.508  0.727   -2.743  1.00 39.42  ? 117 VAL A CA    1 
ATOM   960  C  C     . VAL A 1 117 ? -8.920  -0.732  -2.611  1.00 39.24  ? 117 VAL A C     1 
ATOM   961  O  O     . VAL A 1 117 ? -8.215  -1.597  -3.096  1.00 38.30  ? 117 VAL A O     1 
ATOM   962  C  CB    . VAL A 1 117 ? -8.303  1.097   -4.242  1.00 39.00  ? 117 VAL A CB    1 
ATOM   963  C  CG1   . VAL A 1 117 ? -9.660  0.931   -5.044  1.00 41.46  ? 117 VAL A CG1   1 
ATOM   964  C  CG2   . VAL A 1 117 ? -7.672  2.504   -4.338  1.00 40.06  ? 117 VAL A CG2   1 
ATOM   965  N  N     . HIS A 1 118 ? -10.047 -0.955  -1.940  1.00 38.90  ? 118 HIS A N     1 
ATOM   966  C  CA    . HIS A 1 118 ? -10.549 -2.238  -1.474  1.00 41.43  ? 118 HIS A CA    1 
ATOM   967  C  C     . HIS A 1 118 ? -11.308 -2.972  -2.594  1.00 42.23  ? 118 HIS A C     1 
ATOM   968  O  O     . HIS A 1 118 ? -12.542 -3.034  -2.596  1.00 43.38  ? 118 HIS A O     1 
ATOM   969  C  CB    . HIS A 1 118 ? -11.481 -2.021  -0.264  1.00 40.81  ? 118 HIS A CB    1 
ATOM   970  C  CG    . HIS A 1 118 ? -10.806 -1.336  0.889   1.00 40.45  ? 118 HIS A CG    1 
ATOM   971  N  ND1   . HIS A 1 118 ? -9.553  -1.703  1.339   1.00 39.98  ? 118 HIS A ND1   1 
ATOM   972  C  CD2   . HIS A 1 118 ? -11.216 -0.331  1.700   1.00 41.97  ? 118 HIS A CD2   1 
ATOM   973  C  CE1   . HIS A 1 118 ? -9.198  -0.911  2.345   1.00 41.66  ? 118 HIS A CE1   1 
ATOM   974  N  NE2   . HIS A 1 118 ? -10.201 -0.090  2.601   1.00 42.51  ? 118 HIS A NE2   1 
ATOM   975  N  N     . LYS A 1 119 ? -10.538 -3.537  -3.512  1.00 43.32  ? 119 LYS A N     1 
ATOM   976  C  CA    . LYS A 1 119 ? -11.067 -4.111  -4.752  1.00 44.90  ? 119 LYS A CA    1 
ATOM   977  C  C     . LYS A 1 119 ? -11.519 -5.556  -4.552  1.00 44.58  ? 119 LYS A C     1 
ATOM   978  O  O     . LYS A 1 119 ? -12.486 -5.987  -5.171  1.00 43.44  ? 119 LYS A O     1 
ATOM   979  C  CB    . LYS A 1 119 ? -10.027 -4.015  -5.869  1.00 46.12  ? 119 LYS A CB    1 
ATOM   980  C  CG    . LYS A 1 119 ? -10.596 -4.335  -7.302  1.00 47.02  ? 119 LYS A CG    1 
ATOM   981  C  CD    . LYS A 1 119 ? -9.481  -4.210  -8.334  1.00 48.54  ? 119 LYS A CD    1 
ATOM   982  C  CE    . LYS A 1 119 ? -9.930  -4.821  -9.674  1.00 49.40  ? 119 LYS A CE    1 
ATOM   983  N  NZ    . LYS A 1 119 ? -10.356 -6.256  -9.553  1.00 50.68  ? 119 LYS A NZ    1 
ATOM   984  N  N     . GLY A 1 120 ? -10.859 -6.312  -3.677  1.00 43.06  ? 120 GLY A N     1 
ATOM   985  C  CA    . GLY A 1 120 ? -11.106 -7.760  -3.723  1.00 44.98  ? 120 GLY A CA    1 
ATOM   986  C  C     . GLY A 1 120 ? -10.028 -8.457  -4.552  1.00 44.30  ? 120 GLY A C     1 
ATOM   987  O  O     . GLY A 1 120 ? -9.250  -7.790  -5.288  1.00 42.33  ? 120 GLY A O     1 
ATOM   988  N  N     . HIS A 1 121 ? -9.986  -9.783  -4.428  1.00 44.15  ? 121 HIS A N     1 
ATOM   989  C  CA    . HIS A 1 121 ? -8.912  -10.595 -4.993  1.00 42.58  ? 121 HIS A CA    1 
ATOM   990  C  C     . HIS A 1 121 ? -8.832  -10.352 -6.506  1.00 41.11  ? 121 HIS A C     1 
ATOM   991  O  O     . HIS A 1 121 ? -9.801  -10.537 -7.233  1.00 38.64  ? 121 HIS A O     1 
ATOM   992  C  CB    . HIS A 1 121 ? -9.198  -12.077 -4.756  1.00 44.84  ? 121 HIS A CB    1 
ATOM   993  C  CG    . HIS A 1 121 ? -8.789  -12.590 -3.404  1.00 46.84  ? 121 HIS A CG    1 
ATOM   994  N  ND1   . HIS A 1 121 ? -8.444  -11.769 -2.347  1.00 46.55  ? 121 HIS A ND1   1 
ATOM   995  C  CD2   . HIS A 1 121 ? -8.737  -13.853 -2.923  1.00 48.29  ? 121 HIS A CD2   1 
ATOM   996  C  CE1   . HIS A 1 121 ? -8.163  -12.505 -1.290  1.00 46.91  ? 121 HIS A CE1   1 
ATOM   997  N  NE2   . HIS A 1 121 ? -8.333  -13.772 -1.608  1.00 48.98  ? 121 HIS A NE2   1 
ATOM   998  N  N     . THR A 1 122 ? -7.657  -9.980  -6.955  1.00 40.68  ? 122 THR A N     1 
ATOM   999  C  CA    . THR A 1 122 ? -7.435  -9.544  -8.322  1.00 40.90  ? 122 THR A CA    1 
ATOM   1000 C  C     . THR A 1 122 ? -6.126  -10.239 -8.728  1.00 37.37  ? 122 THR A C     1 
ATOM   1001 O  O     . THR A 1 122 ? -5.205  -10.280 -7.952  1.00 37.94  ? 122 THR A O     1 
ATOM   1002 C  CB    . THR A 1 122 ? -7.211  -7.979  -8.332  1.00 42.88  ? 122 THR A CB    1 
ATOM   1003 O  OG1   . THR A 1 122 ? -8.400  -7.334  -7.858  1.00 44.45  ? 122 THR A OG1   1 
ATOM   1004 C  CG2   . THR A 1 122 ? -6.910  -7.456  -9.770  1.00 44.64  ? 122 THR A CG2   1 
ATOM   1005 N  N     . GLU A 1 123 ? -6.039  -10.752 -9.939  1.00 37.73  ? 123 GLU A N     1 
ATOM   1006 C  CA    . GLU A 1 123 ? -4.813  -11.314 -10.468 1.00 38.29  ? 123 GLU A CA    1 
ATOM   1007 C  C     . GLU A 1 123 ? -3.704  -10.220 -10.430 1.00 38.73  ? 123 GLU A C     1 
ATOM   1008 O  O     . GLU A 1 123 ? -3.972  -9.062  -10.746 1.00 37.09  ? 123 GLU A O     1 
ATOM   1009 C  CB    . GLU A 1 123 ? -5.120  -11.813 -11.909 1.00 42.26  ? 123 GLU A CB    1 
ATOM   1010 C  CG    . GLU A 1 123 ? -3.937  -12.629 -12.529 1.00 47.68  ? 123 GLU A CG    1 
ATOM   1011 C  CD    . GLU A 1 123 ? -3.001  -11.752 -13.378 1.00 48.59  ? 123 GLU A CD    1 
ATOM   1012 O  OE1   . GLU A 1 123 ? -3.444  -10.943 -14.245 1.00 50.41  ? 123 GLU A OE1   1 
ATOM   1013 O  OE2   . GLU A 1 123 ? -1.798  -11.881 -13.202 1.00 51.32  ? 123 GLU A OE2   1 
ATOM   1014 N  N     . LEU A 1 124 ? -2.477  -10.597 -10.085 1.00 36.45  ? 124 LEU A N     1 
ATOM   1015 C  CA    . LEU A 1 124 ? -1.404  -9.640  -9.778  1.00 39.55  ? 124 LEU A CA    1 
ATOM   1016 C  C     . LEU A 1 124 ? -1.165  -8.674  -10.960 1.00 36.95  ? 124 LEU A C     1 
ATOM   1017 O  O     . LEU A 1 124 ? -1.133  -7.475  -10.744 1.00 38.84  ? 124 LEU A O     1 
ATOM   1018 C  CB    . LEU A 1 124 ? -0.088  -10.411 -9.466  1.00 38.93  ? 124 LEU A CB    1 
ATOM   1019 C  CG    . LEU A 1 124 ? 1.159   -9.569  -9.252  1.00 41.69  ? 124 LEU A CG    1 
ATOM   1020 C  CD1   . LEU A 1 124 ? 0.950   -8.511  -8.056  1.00 39.99  ? 124 LEU A CD1   1 
ATOM   1021 C  CD2   . LEU A 1 124 ? 2.324   -10.579 -8.940  1.00 40.88  ? 124 LEU A CD2   1 
ATOM   1022 N  N     . GLY A 1 125 ? -0.921  -9.239  -12.143 1.00 39.37  ? 125 GLY A N     1 
ATOM   1023 C  CA    . GLY A 1 125 ? -0.704  -8.488  -13.403 1.00 41.45  ? 125 GLY A CA    1 
ATOM   1024 C  C     . GLY A 1 125 ? -1.796  -7.463  -13.705 1.00 40.41  ? 125 GLY A C     1 
ATOM   1025 O  O     . GLY A 1 125 ? -1.533  -6.299  -14.059 1.00 39.18  ? 125 GLY A O     1 
ATOM   1026 N  N     . GLU A 1 126 ? -3.051  -7.896  -13.576 1.00 39.22  ? 126 GLU A N     1 
ATOM   1027 C  CA    . GLU A 1 126 ? -4.210  -7.017  -13.777 1.00 36.47  ? 126 GLU A CA    1 
ATOM   1028 C  C     . GLU A 1 126 ? -4.238  -5.912  -12.775 1.00 37.09  ? 126 GLU A C     1 
ATOM   1029 O  O     . GLU A 1 126 ? -4.547  -4.749  -13.123 1.00 36.32  ? 126 GLU A O     1 
ATOM   1030 C  CB    . GLU A 1 126 ? -5.558  -7.832  -13.719 1.00 37.14  ? 126 GLU A CB    1 
ATOM   1031 C  CG    . GLU A 1 126 ? -6.784  -6.980  -14.049 1.00 36.13  ? 126 GLU A CG    1 
ATOM   1032 C  CD    . GLU A 1 126 ? -8.053  -7.786  -14.274 1.00 39.20  ? 126 GLU A CD    1 
ATOM   1033 O  OE1   . GLU A 1 126 ? -7.978  -9.001  -14.200 1.00 43.35  ? 126 GLU A OE1   1 
ATOM   1034 O  OE2   . GLU A 1 126 ? -9.073  -7.206  -14.666 1.00 39.95  ? 126 GLU A OE2   1 
ATOM   1035 N  N     . GLY A 1 127 ? -3.948  -6.225  -11.508 1.00 37.72  ? 127 GLY A N     1 
ATOM   1036 C  CA    . GLY A 1 127 ? -3.887  -5.199  -10.502 1.00 38.65  ? 127 GLY A CA    1 
ATOM   1037 C  C     . GLY A 1 127 ? -2.753  -4.219  -10.736 1.00 39.61  ? 127 GLY A C     1 
ATOM   1038 O  O     . GLY A 1 127 ? -2.941  -3.021  -10.504 1.00 36.52  ? 127 GLY A O     1 
ATOM   1039 N  N     . GLU A 1 128 ? -1.569  -4.727  -11.165 1.00 36.54  ? 128 GLU A N     1 
ATOM   1040 C  CA    . GLU A 1 128 ? -0.450  -3.831  -11.566 1.00 36.28  ? 128 GLU A CA    1 
ATOM   1041 C  C     . GLU A 1 128 ? -0.883  -2.865  -12.648 1.00 35.43  ? 128 GLU A C     1 
ATOM   1042 O  O     . GLU A 1 128 ? -0.652  -1.662  -12.597 1.00 35.08  ? 128 GLU A O     1 
ATOM   1043 C  CB    . GLU A 1 128 ? 0.706   -4.681  -12.084 1.00 35.16  ? 128 GLU A CB    1 
ATOM   1044 C  CG    . GLU A 1 128 ? 1.359   -5.295  -10.916 1.00 37.90  ? 128 GLU A CG    1 
ATOM   1045 C  CD    . GLU A 1 128 ? 2.477   -6.210  -11.319 1.00 45.75  ? 128 GLU A CD    1 
ATOM   1046 O  OE1   . GLU A 1 128 ? 2.682   -6.431  -12.512 1.00 46.36  ? 128 GLU A OE1   1 
ATOM   1047 O  OE2   . GLU A 1 128 ? 3.121   -6.724  -10.415 1.00 49.66  ? 128 GLU A OE2   1 
ATOM   1048 N  N     . ARG A 1 129 ? -1.536  -3.397  -13.658 1.00 34.82  ? 129 ARG A N     1 
ATOM   1049 C  CA    . ARG A 1 129 ? -1.936  -2.600  -14.801 1.00 34.95  ? 129 ARG A CA    1 
ATOM   1050 C  C     . ARG A 1 129 ? -3.006  -1.546  -14.428 1.00 36.12  ? 129 ARG A C     1 
ATOM   1051 O  O     . ARG A 1 129 ? -2.915  -0.385  -14.828 1.00 36.97  ? 129 ARG A O     1 
ATOM   1052 C  CB    . ARG A 1 129 ? -2.540  -3.503  -15.891 1.00 33.21  ? 129 ARG A CB    1 
ATOM   1053 C  CG    . ARG A 1 129 ? -2.953  -2.722  -17.188 1.00 33.82  ? 129 ARG A CG    1 
ATOM   1054 C  CD    . ARG A 1 129 ? -1.802  -1.828  -17.669 1.00 37.41  ? 129 ARG A CD    1 
ATOM   1055 N  NE    . ARG A 1 129 ? -2.246  -1.024  -18.833 1.00 44.55  ? 129 ARG A NE    1 
ATOM   1056 C  CZ    . ARG A 1 129 ? -1.478  -0.122  -19.495 1.00 48.13  ? 129 ARG A CZ    1 
ATOM   1057 N  NH1   . ARG A 1 129 ? -0.199  0.145   -19.084 1.00 46.63  ? 129 ARG A NH1   1 
ATOM   1058 N  NH2   . ARG A 1 129 ? -1.993  0.528   -20.561 1.00 46.21  ? 129 ARG A NH2   1 
ATOM   1059 N  N     . LEU A 1 130 ? -4.015  -1.975  -13.673 1.00 35.29  ? 130 LEU A N     1 
ATOM   1060 C  CA    . LEU A 1 130 ? -5.159  -1.137  -13.321 1.00 37.71  ? 130 LEU A CA    1 
ATOM   1061 C  C     . LEU A 1 130 ? -4.647  0.029   -12.440 1.00 37.91  ? 130 LEU A C     1 
ATOM   1062 O  O     . LEU A 1 130 ? -4.903  1.168   -12.752 1.00 36.69  ? 130 LEU A O     1 
ATOM   1063 C  CB    . LEU A 1 130 ? -6.197  -1.953  -12.545 1.00 39.38  ? 130 LEU A CB    1 
ATOM   1064 C  CG    . LEU A 1 130 ? -7.330  -1.060  -11.937 1.00 41.80  ? 130 LEU A CG    1 
ATOM   1065 C  CD1   . LEU A 1 130 ? -8.177  -0.323  -12.975 1.00 40.70  ? 130 LEU A CD1   1 
ATOM   1066 C  CD2   . LEU A 1 130 ? -8.166  -1.836  -10.966 1.00 42.25  ? 130 LEU A CD2   1 
ATOM   1067 N  N     . VAL A 1 131 ? -3.833  -0.263  -11.432 1.00 36.69  ? 131 VAL A N     1 
ATOM   1068 C  CA    . VAL A 1 131 ? -3.304  0.808   -10.598 1.00 36.55  ? 131 VAL A CA    1 
ATOM   1069 C  C     . VAL A 1 131 ? -2.391  1.770   -11.366 1.00 36.62  ? 131 VAL A C     1 
ATOM   1070 O  O     . VAL A 1 131 ? -2.424  2.973   -11.077 1.00 36.39  ? 131 VAL A O     1 
ATOM   1071 C  CB    . VAL A 1 131 ? -2.689  0.301   -9.273  1.00 37.56  ? 131 VAL A CB    1 
ATOM   1072 C  CG1   . VAL A 1 131 ? -1.246  -0.242  -9.449  1.00 33.91  ? 131 VAL A CG1   1 
ATOM   1073 C  CG2   . VAL A 1 131 ? -2.710  1.407   -8.151  1.00 38.17  ? 131 VAL A CG2   1 
ATOM   1074 N  N     . LYS A 1 132 ? -1.582  1.264   -12.314 1.00 36.81  ? 132 LYS A N     1 
ATOM   1075 C  CA    . LYS A 1 132 ? -0.764  2.109   -13.192 1.00 37.53  ? 132 LYS A CA    1 
ATOM   1076 C  C     . LYS A 1 132 ? -1.643  3.040   -14.001 1.00 36.36  ? 132 LYS A C     1 
ATOM   1077 O  O     . LYS A 1 132 ? -1.310  4.174   -14.234 1.00 33.73  ? 132 LYS A O     1 
ATOM   1078 C  CB    . LYS A 1 132 ? 0.106   1.254   -14.133 1.00 40.22  ? 132 LYS A CB    1 
ATOM   1079 C  CG    . LYS A 1 132 ? 1.012   2.025   -15.189 1.00 41.51  ? 132 LYS A CG    1 
ATOM   1080 C  CD    . LYS A 1 132 ? 1.955   3.041   -14.479 1.00 45.52  ? 132 LYS A CD    1 
ATOM   1081 C  CE    . LYS A 1 132 ? 2.721   3.906   -15.506 1.00 46.71  ? 132 LYS A CE    1 
ATOM   1082 N  NZ    . LYS A 1 132 ? 3.716   4.707   -14.700 1.00 52.45  ? 132 LYS A NZ    1 
ATOM   1083 N  N     . THR A 1 133 ? -2.737  2.508   -14.536 1.00 36.53  ? 133 THR A N     1 
ATOM   1084 C  CA    . THR A 1 133 ? -3.612  3.301   -15.409 1.00 36.98  ? 133 THR A CA    1 
ATOM   1085 C  C     . THR A 1 133 ? -4.262  4.427   -14.595 1.00 36.80  ? 133 THR A C     1 
ATOM   1086 O  O     . THR A 1 133 ? -4.384  5.551   -15.051 1.00 37.42  ? 133 THR A O     1 
ATOM   1087 C  CB    . THR A 1 133 ? -4.665  2.367   -16.015 1.00 36.08  ? 133 THR A CB    1 
ATOM   1088 O  OG1   . THR A 1 133 ? -3.957  1.566   -17.006 1.00 41.41  ? 133 THR A OG1   1 
ATOM   1089 C  CG2   . THR A 1 133 ? -5.671  3.143   -16.805 1.00 43.09  ? 133 THR A CG2   1 
ATOM   1090 N  N     . LEU A 1 134 ? -4.681  4.097   -13.402 1.00 34.58  ? 134 LEU A N     1 
ATOM   1091 C  CA    . LEU A 1 134 ? -5.252  5.123   -12.481 1.00 37.96  ? 134 LEU A CA    1 
ATOM   1092 C  C     . LEU A 1 134 ? -4.217  6.205   -12.131 1.00 38.47  ? 134 LEU A C     1 
ATOM   1093 O  O     . LEU A 1 134 ? -4.503  7.413   -12.123 1.00 37.24  ? 134 LEU A O     1 
ATOM   1094 C  CB    . LEU A 1 134 ? -5.712  4.420   -11.195 1.00 36.80  ? 134 LEU A CB    1 
ATOM   1095 C  CG    . LEU A 1 134 ? -6.922  3.501   -11.402 1.00 38.04  ? 134 LEU A CG    1 
ATOM   1096 C  CD1   . LEU A 1 134 ? -7.237  2.791   -10.098 1.00 41.12  ? 134 LEU A CD1   1 
ATOM   1097 C  CD2   . LEU A 1 134 ? -8.190  4.320   -11.880 1.00 40.95  ? 134 LEU A CD2   1 
ATOM   1098 N  N     . SER A 1 135 ? -3.004  5.746   -11.824 1.00 36.47  ? 135 SER A N     1 
ATOM   1099 C  CA    . SER A 1 135 ? -1.876  6.633   -11.540 1.00 36.78  ? 135 SER A CA    1 
ATOM   1100 C  C     . SER A 1 135 ? -1.646  7.635   -12.691 1.00 37.49  ? 135 SER A C     1 
ATOM   1101 O  O     . SER A 1 135 ? -1.539  8.820   -12.447 1.00 36.13  ? 135 SER A O     1 
ATOM   1102 C  CB    . SER A 1 135 ? -0.590  5.835   -11.198 1.00 36.19  ? 135 SER A CB    1 
ATOM   1103 O  OG    . SER A 1 135 ? 0.468   6.764   -10.860 1.00 37.48  ? 135 SER A OG    1 
HETATM 1104 N  N     . MSE A 1 136 ? -1.605  7.149   -13.926 1.00 40.56  ? 136 MSE A N     1 
HETATM 1105 C  CA    . MSE A 1 136 ? -1.512  8.003   -15.122 1.00 46.24  ? 136 MSE A CA    1 
HETATM 1106 C  C     . MSE A 1 136 ? -2.640  9.030   -15.217 1.00 44.54  ? 136 MSE A C     1 
HETATM 1107 O  O     . MSE A 1 136 ? -2.404  10.212  -15.539 1.00 43.12  ? 136 MSE A O     1 
HETATM 1108 C  CB    . MSE A 1 136 ? -1.526  7.129   -16.395 1.00 53.43  ? 136 MSE A CB    1 
HETATM 1109 C  CG    . MSE A 1 136 ? -0.320  6.208   -16.565 1.00 63.02  ? 136 MSE A CG    1 
HETATM 1110 SE SE    . MSE A 1 136 ? 1.334   7.261   -16.669 1.00 76.63  ? 136 MSE A SE    1 
HETATM 1111 C  CE    . MSE A 1 136 ? 1.337   7.630   -18.751 1.00 72.32  ? 136 MSE A CE    1 
ATOM   1112 N  N     . LYS A 1 137 ? -3.867  8.569   -14.948 1.00 43.76  ? 137 LYS A N     1 
ATOM   1113 C  CA    . LYS A 1 137 ? -5.041  9.449   -15.004 1.00 43.29  ? 137 LYS A CA    1 
ATOM   1114 C  C     . LYS A 1 137 ? -4.842  10.500  -13.900 1.00 40.25  ? 137 LYS A C     1 
ATOM   1115 O  O     . LYS A 1 137 ? -5.034  11.671  -14.118 1.00 35.37  ? 137 LYS A O     1 
ATOM   1116 C  CB    . LYS A 1 137 ? -6.358  8.706   -14.732 1.00 46.59  ? 137 LYS A CB    1 
ATOM   1117 C  CG    . LYS A 1 137 ? -6.738  7.568   -15.707 1.00 51.38  ? 137 LYS A CG    1 
ATOM   1118 C  CD    . LYS A 1 137 ? -8.288  7.532   -15.892 1.00 54.22  ? 137 LYS A CD    1 
ATOM   1119 C  CE    . LYS A 1 137 ? -8.729  7.009   -17.270 1.00 55.44  ? 137 LYS A CE    1 
ATOM   1120 N  NZ    . LYS A 1 137 ? -8.411  5.559   -17.419 1.00 54.84  ? 137 LYS A NZ    1 
ATOM   1121 N  N     . LEU A 1 138 ? -4.453  10.075  -12.714 1.00 39.36  ? 138 LEU A N     1 
ATOM   1122 C  CA    . LEU A 1 138 ? -4.297  11.031  -11.625 1.00 38.98  ? 138 LEU A CA    1 
ATOM   1123 C  C     . LEU A 1 138 ? -3.200  12.060  -11.904 1.00 39.61  ? 138 LEU A C     1 
ATOM   1124 O  O     . LEU A 1 138 ? -3.364  13.218  -11.540 1.00 38.83  ? 138 LEU A O     1 
ATOM   1125 C  CB    . LEU A 1 138 ? -4.093  10.331  -10.286 1.00 40.28  ? 138 LEU A CB    1 
ATOM   1126 C  CG    . LEU A 1 138 ? -4.206  11.177  -9.007  1.00 39.52  ? 138 LEU A CG    1 
ATOM   1127 C  CD1   . LEU A 1 138 ? -5.568  11.894  -8.842  1.00 40.17  ? 138 LEU A CD1   1 
ATOM   1128 C  CD2   . LEU A 1 138 ? -3.923  10.320  -7.843  1.00 41.34  ? 138 LEU A CD2   1 
ATOM   1129 N  N     . ALA A 1 139 ? -2.092  11.638  -12.522 1.00 39.73  ? 139 ALA A N     1 
ATOM   1130 C  CA    . ALA A 1 139 ? -0.949  12.530  -12.843 1.00 41.28  ? 139 ALA A CA    1 
ATOM   1131 C  C     . ALA A 1 139 ? -1.265  13.638  -13.850 1.00 41.58  ? 139 ALA A C     1 
ATOM   1132 O  O     . ALA A 1 139 ? -0.493  14.602  -13.974 1.00 40.01  ? 139 ALA A O     1 
ATOM   1133 C  CB    . ALA A 1 139 ? 0.259   11.726  -13.343 1.00 42.75  ? 139 ALA A CB    1 
ATOM   1134 N  N     . GLN A 1 140 ? -2.374  13.506  -14.568 1.00 42.76  ? 140 GLN A N     1 
ATOM   1135 C  CA    . GLN A 1 140 ? -2.878  14.602  -15.407 1.00 44.97  ? 140 GLN A CA    1 
ATOM   1136 C  C     . GLN A 1 140 ? -3.397  15.809  -14.611 1.00 45.28  ? 140 GLN A C     1 
ATOM   1137 O  O     . GLN A 1 140 ? -3.380  16.921  -15.103 1.00 43.44  ? 140 GLN A O     1 
ATOM   1138 C  CB    . GLN A 1 140 ? -3.986  14.100  -16.309 1.00 47.66  ? 140 GLN A CB    1 
ATOM   1139 C  CG    . GLN A 1 140 ? -3.515  13.474  -17.582 1.00 50.80  ? 140 GLN A CG    1 
ATOM   1140 C  CD    . GLN A 1 140 ? -4.418  12.347  -17.962 1.00 54.25  ? 140 GLN A CD    1 
ATOM   1141 O  OE1   . GLN A 1 140 ? -5.219  11.882  -17.141 1.00 55.75  ? 140 GLN A OE1   1 
ATOM   1142 N  NE2   . GLN A 1 140 ? -4.297  11.871  -19.194 1.00 54.88  ? 140 GLN A NE2   1 
ATOM   1143 N  N     . GLY A 1 141 ? -3.873  15.574  -13.388 1.00 45.61  ? 141 GLY A N     1 
ATOM   1144 C  CA    . GLY A 1 141 ? -4.492  16.642  -12.611 1.00 48.33  ? 141 GLY A CA    1 
ATOM   1145 C  C     . GLY A 1 141 ? -3.691  17.085  -11.407 1.00 49.07  ? 141 GLY A C     1 
ATOM   1146 O  O     . GLY A 1 141 ? -3.970  18.148  -10.860 1.00 49.37  ? 141 GLY A O     1 
ATOM   1147 N  N     . LEU A 1 142 ? -2.722  16.252  -10.999 1.00 49.74  ? 142 LEU A N     1 
ATOM   1148 C  CA    . LEU A 1 142 ? -1.772  16.523  -9.892  1.00 51.18  ? 142 LEU A CA    1 
ATOM   1149 C  C     . LEU A 1 142 ? -0.332  16.189  -10.305 1.00 50.55  ? 142 LEU A C     1 
ATOM   1150 O  O     . LEU A 1 142 ? -0.112  15.208  -11.020 1.00 49.90  ? 142 LEU A O     1 
ATOM   1151 C  CB    . LEU A 1 142 ? -2.082  15.604  -8.704  1.00 51.64  ? 142 LEU A CB    1 
ATOM   1152 C  CG    . LEU A 1 142 ? -2.903  15.981  -7.484  1.00 53.64  ? 142 LEU A CG    1 
ATOM   1153 C  CD1   . LEU A 1 142 ? -3.255  14.717  -6.672  1.00 54.73  ? 142 LEU A CD1   1 
ATOM   1154 C  CD2   . LEU A 1 142 ? -2.160  17.017  -6.586  1.00 55.67  ? 142 LEU A CD2   1 
ATOM   1155 N  N     . PRO A 1 143 ? 0.663   16.985  -9.853  1.00 50.04  ? 143 PRO A N     1 
ATOM   1156 C  CA    . PRO A 1 143 ? 2.079   16.515  -9.938  1.00 48.71  ? 143 PRO A CA    1 
ATOM   1157 C  C     . PRO A 1 143 ? 2.336   15.188  -9.183  1.00 46.81  ? 143 PRO A C     1 
ATOM   1158 O  O     . PRO A 1 143 ? 1.856   15.017  -8.061  1.00 45.61  ? 143 PRO A O     1 
ATOM   1159 C  CB    . PRO A 1 143 ? 2.897   17.680  -9.335  1.00 49.67  ? 143 PRO A CB    1 
ATOM   1160 C  CG    . PRO A 1 143 ? 1.905   18.551  -8.636  1.00 50.31  ? 143 PRO A CG    1 
ATOM   1161 C  CD    . PRO A 1 143 ? 0.562   18.348  -9.306  1.00 50.02  ? 143 PRO A CD    1 
ATOM   1162 N  N     . LYS A 1 144 ? 3.038   14.248  -9.825  1.00 43.87  ? 144 LYS A N     1 
ATOM   1163 C  CA    . LYS A 1 144 ? 3.190   12.897  -9.282  1.00 43.09  ? 144 LYS A CA    1 
ATOM   1164 C  C     . LYS A 1 144 ? 4.143   12.854  -8.100  1.00 40.95  ? 144 LYS A C     1 
ATOM   1165 O  O     . LYS A 1 144 ? 5.327   13.030  -8.260  1.00 40.98  ? 144 LYS A O     1 
ATOM   1166 C  CB    . LYS A 1 144 ? 3.650   11.904  -10.338 1.00 42.42  ? 144 LYS A CB    1 
ATOM   1167 C  CG    . LYS A 1 144 ? 3.639   10.455  -9.839  1.00 44.80  ? 144 LYS A CG    1 
ATOM   1168 C  CD    . LYS A 1 144 ? 3.696   9.446   -10.986 1.00 47.56  ? 144 LYS A CD    1 
ATOM   1169 C  CE    . LYS A 1 144 ? 3.804   8.035   -10.486 1.00 50.05  ? 144 LYS A CE    1 
ATOM   1170 N  NZ    . LYS A 1 144 ? 5.115   7.778   -9.801  1.00 51.96  ? 144 LYS A NZ    1 
ATOM   1171 N  N     . GLU A 1 145 ? 3.605   12.589  -6.927  1.00 41.29  ? 145 GLU A N     1 
ATOM   1172 C  CA    . GLU A 1 145 ? 4.417   12.504  -5.709  1.00 41.23  ? 145 GLU A CA    1 
ATOM   1173 C  C     . GLU A 1 145 ? 3.991   11.262  -4.978  1.00 39.53  ? 145 GLU A C     1 
ATOM   1174 O  O     . GLU A 1 145 ? 3.950   11.262  -3.771  1.00 38.17  ? 145 GLU A O     1 
ATOM   1175 C  CB    . GLU A 1 145 ? 4.194   13.726  -4.813  1.00 42.16  ? 145 GLU A CB    1 
ATOM   1176 C  CG    . GLU A 1 145 ? 4.592   15.008  -5.436  1.00 46.20  ? 145 GLU A CG    1 
ATOM   1177 C  CD    . GLU A 1 145 ? 4.342   16.188  -4.513  1.00 48.12  ? 145 GLU A CD    1 
ATOM   1178 O  OE1   . GLU A 1 145 ? 3.171   16.645  -4.415  1.00 48.58  ? 145 GLU A OE1   1 
ATOM   1179 O  OE2   . GLU A 1 145 ? 5.323   16.643  -3.876  1.00 49.05  ? 145 GLU A OE2   1 
ATOM   1180 N  N     . TRP A 1 146 ? 3.611   10.215  -5.728  1.00 39.77  ? 146 TRP A N     1 
ATOM   1181 C  CA    . TRP A 1 146 ? 3.216   8.958   -5.154  1.00 39.50  ? 146 TRP A CA    1 
ATOM   1182 C  C     . TRP A 1 146 ? 3.870   7.817   -5.934  1.00 41.23  ? 146 TRP A C     1 
ATOM   1183 O  O     . TRP A 1 146 ? 4.393   8.015   -7.039  1.00 40.05  ? 146 TRP A O     1 
ATOM   1184 C  CB    . TRP A 1 146 ? 1.677   8.804   -5.153  1.00 41.41  ? 146 TRP A CB    1 
ATOM   1185 C  CG    . TRP A 1 146 ? 1.085   8.904   -6.519  1.00 41.63  ? 146 TRP A CG    1 
ATOM   1186 C  CD1   . TRP A 1 146 ? 0.910   7.892   -7.409  1.00 42.26  ? 146 TRP A CD1   1 
ATOM   1187 C  CD2   . TRP A 1 146 ? 0.593   10.095  -7.145  1.00 42.52  ? 146 TRP A CD2   1 
ATOM   1188 N  NE1   . TRP A 1 146 ? 0.345   8.375   -8.582  1.00 43.53  ? 146 TRP A NE1   1 
ATOM   1189 C  CE2   . TRP A 1 146 ? 0.152   9.729   -8.447  1.00 42.20  ? 146 TRP A CE2   1 
ATOM   1190 C  CE3   . TRP A 1 146 ? 0.482   11.441  -6.735  1.00 42.11  ? 146 TRP A CE3   1 
ATOM   1191 C  CZ2   . TRP A 1 146 ? -0.405  10.655  -9.332  1.00 42.33  ? 146 TRP A CZ2   1 
ATOM   1192 C  CZ3   . TRP A 1 146 ? -0.067  12.367  -7.626  1.00 43.00  ? 146 TRP A CZ3   1 
ATOM   1193 C  CH2   . TRP A 1 146 ? -0.506  11.963  -8.914  1.00 41.86  ? 146 TRP A CH2   1 
ATOM   1194 N  N     . LYS A 1 147 ? 3.829   6.629   -5.355  1.00 40.29  ? 147 LYS A N     1 
ATOM   1195 C  CA    . LYS A 1 147 ? 4.192   5.414   -6.072  1.00 42.33  ? 147 LYS A CA    1 
ATOM   1196 C  C     . LYS A 1 147 ? 2.905   4.615   -6.029  1.00 40.43  ? 147 LYS A C     1 
ATOM   1197 O  O     . LYS A 1 147 ? 2.012   4.897   -5.230  1.00 39.93  ? 147 LYS A O     1 
ATOM   1198 C  CB    . LYS A 1 147 ? 5.313   4.629   -5.318  1.00 43.49  ? 147 LYS A CB    1 
ATOM   1199 C  CG    . LYS A 1 147 ? 6.707   5.255   -5.396  1.00 47.11  ? 147 LYS A CG    1 
ATOM   1200 C  CD    . LYS A 1 147 ? 7.806   4.343   -4.777  1.00 49.20  ? 147 LYS A CD    1 
ATOM   1201 C  CE    . LYS A 1 147 ? 7.475   3.817   -3.403  1.00 49.36  ? 147 LYS A CE    1 
ATOM   1202 N  NZ    . LYS A 1 147 ? 8.157   4.648   -2.362  1.00 49.35  ? 147 LYS A NZ    1 
ATOM   1203 N  N     . VAL A 1 148 ? 2.774   3.633   -6.906  1.00 38.66  ? 148 VAL A N     1 
ATOM   1204 C  CA    . VAL A 1 148 ? 1.630   2.727   -6.839  1.00 39.22  ? 148 VAL A CA    1 
ATOM   1205 C  C     . VAL A 1 148 ? 2.031   1.258   -6.568  1.00 38.95  ? 148 VAL A C     1 
ATOM   1206 O  O     . VAL A 1 148 ? 3.101   0.837   -6.938  1.00 40.24  ? 148 VAL A O     1 
ATOM   1207 C  CB    . VAL A 1 148 ? 0.625   2.868   -8.038  1.00 38.93  ? 148 VAL A CB    1 
ATOM   1208 C  CG1   . VAL A 1 148 ? -0.036  4.207   -8.006  1.00 35.68  ? 148 VAL A CG1   1 
ATOM   1209 C  CG2   . VAL A 1 148 ? 1.266   2.632   -9.361  1.00 35.81  ? 148 VAL A CG2   1 
ATOM   1210 N  N     . PHE A 1 149 ? 1.152   0.528   -5.883  1.00 38.72  ? 149 PHE A N     1 
ATOM   1211 C  CA    . PHE A 1 149 ? 1.362   -0.868  -5.542  1.00 39.87  ? 149 PHE A CA    1 
ATOM   1212 C  C     . PHE A 1 149 ? 0.121   -1.679  -5.901  1.00 39.83  ? 149 PHE A C     1 
ATOM   1213 O  O     . PHE A 1 149 ? -1.014  -1.192  -5.743  1.00 41.84  ? 149 PHE A O     1 
ATOM   1214 C  CB    . PHE A 1 149 ? 1.625   -1.018  -4.027  1.00 40.53  ? 149 PHE A CB    1 
ATOM   1215 C  CG    . PHE A 1 149 ? 2.980   -0.453  -3.548  1.00 42.11  ? 149 PHE A CG    1 
ATOM   1216 C  CD1   . PHE A 1 149 ? 3.152   0.936   -3.281  1.00 42.08  ? 149 PHE A CD1   1 
ATOM   1217 C  CD2   . PHE A 1 149 ? 4.073   -1.316  -3.300  1.00 43.91  ? 149 PHE A CD2   1 
ATOM   1218 C  CE1   . PHE A 1 149 ? 4.369   1.421   -2.804  1.00 41.32  ? 149 PHE A CE1   1 
ATOM   1219 C  CE2   . PHE A 1 149 ? 5.278   -0.819  -2.825  1.00 44.08  ? 149 PHE A CE2   1 
ATOM   1220 C  CZ    . PHE A 1 149 ? 5.425   0.548   -2.567  1.00 43.52  ? 149 PHE A CZ    1 
ATOM   1221 N  N     . PRO A 1 150 ? 0.296   -2.907  -6.390  1.00 38.99  ? 150 PRO A N     1 
ATOM   1222 C  CA    . PRO A 1 150 ? 1.538   -3.583  -6.713  1.00 39.20  ? 150 PRO A CA    1 
ATOM   1223 C  C     . PRO A 1 150 ? 2.134   -3.062  -8.011  1.00 36.99  ? 150 PRO A C     1 
ATOM   1224 O  O     . PRO A 1 150 ? 1.432   -2.433  -8.802  1.00 38.54  ? 150 PRO A O     1 
ATOM   1225 C  CB    . PRO A 1 150 ? 1.114   -5.043  -6.893  1.00 37.45  ? 150 PRO A CB    1 
ATOM   1226 C  CG    . PRO A 1 150 ? -0.310  -4.958  -7.505  1.00 37.39  ? 150 PRO A CG    1 
ATOM   1227 C  CD    . PRO A 1 150 ? -0.912  -3.713  -6.761  1.00 40.45  ? 150 PRO A CD    1 
ATOM   1228 N  N     . SER A 1 151 ? 3.438   -3.276  -8.190  1.00 40.21  ? 151 SER A N     1 
ATOM   1229 C  CA    . SER A 1 151 ? 4.123   -2.870  -9.388  1.00 38.10  ? 151 SER A CA    1 
ATOM   1230 C  C     . SER A 1 151 ? 5.190   -3.887  -9.703  1.00 38.05  ? 151 SER A C     1 
ATOM   1231 O  O     . SER A 1 151 ? 5.858   -4.385  -8.800  1.00 39.14  ? 151 SER A O     1 
ATOM   1232 C  CB    . SER A 1 151 ? 4.793   -1.473  -9.179  1.00 38.07  ? 151 SER A CB    1 
ATOM   1233 O  OG    . SER A 1 151 ? 5.448   -1.075  -10.403 1.00 39.60  ? 151 SER A OG    1 
ATOM   1234 N  N     . ASN A 1 152 ? 5.424   -4.103  -10.981 1.00 34.52  ? 152 ASN A N     1 
ATOM   1235 C  CA    . ASN A 1 152 ? 6.624   -4.815  -11.452 1.00 35.70  ? 152 ASN A CA    1 
ATOM   1236 C  C     . ASN A 1 152 ? 7.873   -3.943  -11.654 1.00 34.25  ? 152 ASN A C     1 
ATOM   1237 O  O     . ASN A 1 152 ? 8.869   -4.428  -12.167 1.00 33.19  ? 152 ASN A O     1 
ATOM   1238 C  CB    . ASN A 1 152 ? 6.349   -5.699  -12.679 1.00 36.33  ? 152 ASN A CB    1 
ATOM   1239 C  CG    . ASN A 1 152 ? 5.987   -4.881  -13.933 1.00 41.06  ? 152 ASN A CG    1 
ATOM   1240 O  OD1   . ASN A 1 152 ? 6.372   -3.750  -14.036 1.00 40.13  ? 152 ASN A OD1   1 
ATOM   1241 N  ND2   . ASN A 1 152 ? 5.218   -5.458  -14.854 1.00 40.01  ? 152 ASN A ND2   1 
ATOM   1242 N  N     . GLU A 1 153 ? 7.806   -2.655  -11.289 1.00 35.74  ? 153 GLU A N     1 
ATOM   1243 C  CA    . GLU A 1 153 ? 8.949   -1.784  -11.402 1.00 37.04  ? 153 GLU A CA    1 
ATOM   1244 C  C     . GLU A 1 153 ? 10.070  -2.163  -10.412 1.00 36.94  ? 153 GLU A C     1 
ATOM   1245 O  O     . GLU A 1 153 ? 11.187  -1.809  -10.611 1.00 35.83  ? 153 GLU A O     1 
ATOM   1246 C  CB    . GLU A 1 153 ? 8.530   -0.373  -11.023 1.00 42.97  ? 153 GLU A CB    1 
ATOM   1247 C  CG    . GLU A 1 153 ? 8.096   0.501   -12.109 1.00 50.15  ? 153 GLU A CG    1 
ATOM   1248 C  CD    . GLU A 1 153 ? 8.415   1.977   -11.726 1.00 54.77  ? 153 GLU A CD    1 
ATOM   1249 O  OE1   . GLU A 1 153 ? 7.676   2.870   -12.155 1.00 58.94  ? 153 GLU A OE1   1 
ATOM   1250 O  OE2   . GLU A 1 153 ? 9.404   2.246   -10.997 1.00 58.81  ? 153 GLU A OE2   1 
ATOM   1251 N  N     . TRP A 1 154 ? 9.743   -2.864  -9.336  1.00 37.84  ? 154 TRP A N     1 
ATOM   1252 C  CA    . TRP A 1 154 ? 10.782  -3.237  -8.341  1.00 37.97  ? 154 TRP A CA    1 
ATOM   1253 C  C     . TRP A 1 154 ? 10.571  -4.749  -8.008  1.00 38.29  ? 154 TRP A C     1 
ATOM   1254 O  O     . TRP A 1 154 ? 9.549   -5.353  -8.419  1.00 36.27  ? 154 TRP A O     1 
ATOM   1255 C  CB    . TRP A 1 154 ? 10.590  -2.381  -7.066  1.00 39.45  ? 154 TRP A CB    1 
ATOM   1256 C  CG    . TRP A 1 154 ? 9.125   -2.120  -6.666  1.00 38.93  ? 154 TRP A CG    1 
ATOM   1257 C  CD1   . TRP A 1 154 ? 8.195   -3.020  -6.203  1.00 40.78  ? 154 TRP A CD1   1 
ATOM   1258 C  CD2   . TRP A 1 154 ? 8.449   -0.871  -6.783  1.00 40.03  ? 154 TRP A CD2   1 
ATOM   1259 N  NE1   . TRP A 1 154 ? 6.952   -2.385  -6.019  1.00 42.24  ? 154 TRP A NE1   1 
ATOM   1260 C  CE2   . TRP A 1 154 ? 7.116   -1.055  -6.331  1.00 42.09  ? 154 TRP A CE2   1 
ATOM   1261 C  CE3   . TRP A 1 154 ? 8.862   0.408   -7.193  1.00 42.63  ? 154 TRP A CE3   1 
ATOM   1262 C  CZ2   . TRP A 1 154 ? 6.169   0.001   -6.306  1.00 41.24  ? 154 TRP A CZ2   1 
ATOM   1263 C  CZ3   . TRP A 1 154 ? 7.911   1.463   -7.188  1.00 42.86  ? 154 TRP A CZ3   1 
ATOM   1264 C  CH2   . TRP A 1 154 ? 6.588   1.232   -6.745  1.00 41.59  ? 154 TRP A CH2   1 
ATOM   1265 N  N     . PRO A 1 155 ? 11.527  -5.373  -7.290  1.00 38.54  ? 155 PRO A N     1 
ATOM   1266 C  CA    . PRO A 1 155 ? 11.409  -6.816  -7.033  1.00 38.68  ? 155 PRO A CA    1 
ATOM   1267 C  C     . PRO A 1 155 ? 10.128  -7.198  -6.314  1.00 37.22  ? 155 PRO A C     1 
ATOM   1268 O  O     . PRO A 1 155 ? 9.501   -6.359  -5.636  1.00 36.58  ? 155 PRO A O     1 
ATOM   1269 C  CB    . PRO A 1 155 ? 12.672  -7.116  -6.239  1.00 39.68  ? 155 PRO A CB    1 
ATOM   1270 C  CG    . PRO A 1 155 ? 13.652  -6.063  -6.724  1.00 39.65  ? 155 PRO A CG    1 
ATOM   1271 C  CD    . PRO A 1 155 ? 12.803  -4.839  -6.772  1.00 39.38  ? 155 PRO A CD    1 
ATOM   1272 N  N     . LYS A 1 156 ? 9.716   -8.447  -6.435  1.00 37.62  ? 156 LYS A N     1 
ATOM   1273 C  CA    . LYS A 1 156 ? 8.409   -8.823  -5.857  1.00 40.81  ? 156 LYS A CA    1 
ATOM   1274 C  C     . LYS A 1 156 ? 8.329   -8.541  -4.369  1.00 39.73  ? 156 LYS A C     1 
ATOM   1275 O  O     . LYS A 1 156 ? 7.297   -8.111  -3.852  1.00 42.22  ? 156 LYS A O     1 
ATOM   1276 C  CB    . LYS A 1 156 ? 8.114   -10.309 -6.062  1.00 45.09  ? 156 LYS A CB    1 
ATOM   1277 C  CG    . LYS A 1 156 ? 7.374   -10.632 -7.339  1.00 50.85  ? 156 LYS A CG    1 
ATOM   1278 C  CD    . LYS A 1 156 ? 7.088   -12.082 -7.294  1.00 54.76  ? 156 LYS A CD    1 
ATOM   1279 C  CE    . LYS A 1 156 ? 5.599   -12.301 -7.070  1.00 58.36  ? 156 LYS A CE    1 
ATOM   1280 N  NZ    . LYS A 1 156 ? 5.112   -12.954 -8.294  1.00 60.50  ? 156 LYS A NZ    1 
ATOM   1281 N  N     . GLU A 1 157 ? 9.429   -8.794  -3.677  1.00 41.86  ? 157 GLU A N     1 
ATOM   1282 C  CA    . GLU A 1 157 ? 9.472   -8.561  -2.236  1.00 42.88  ? 157 GLU A CA    1 
ATOM   1283 C  C     . GLU A 1 157 ? 9.474   -7.078  -1.800  1.00 41.68  ? 157 GLU A C     1 
ATOM   1284 O  O     . GLU A 1 157 ? 9.485   -6.803  -0.624  1.00 40.34  ? 157 GLU A O     1 
ATOM   1285 C  CB    . GLU A 1 157 ? 10.643  -9.348  -1.622  1.00 45.39  ? 157 GLU A CB    1 
ATOM   1286 C  CG    . GLU A 1 157 ? 12.070  -8.887  -2.067  1.00 48.03  ? 157 GLU A CG    1 
ATOM   1287 C  CD    . GLU A 1 157 ? 12.601  -9.563  -3.364  1.00 49.68  ? 157 GLU A CD    1 
ATOM   1288 O  OE1   . GLU A 1 157 ? 11.793  -10.125 -4.175  1.00 46.78  ? 157 GLU A OE1   1 
ATOM   1289 O  OE2   . GLU A 1 157 ? 13.855  -9.512  -3.555  1.00 51.31  ? 157 GLU A OE2   1 
ATOM   1290 N  N     . PHE A 1 158 ? 9.507   -6.134  -2.746  1.00 40.38  ? 158 PHE A N     1 
ATOM   1291 C  CA    . PHE A 1 158 ? 9.383   -4.708  -2.432  1.00 38.97  ? 158 PHE A CA    1 
ATOM   1292 C  C     . PHE A 1 158 ? 7.912   -4.299  -2.550  1.00 39.64  ? 158 PHE A C     1 
ATOM   1293 O  O     . PHE A 1 158 ? 7.511   -3.171  -2.172  1.00 40.84  ? 158 PHE A O     1 
ATOM   1294 C  CB    . PHE A 1 158 ? 10.196  -3.842  -3.404  1.00 38.34  ? 158 PHE A CB    1 
ATOM   1295 C  CG    . PHE A 1 158 ? 11.672  -3.771  -3.085  1.00 38.51  ? 158 PHE A CG    1 
ATOM   1296 C  CD1   . PHE A 1 158 ? 12.487  -4.912  -3.182  1.00 36.51  ? 158 PHE A CD1   1 
ATOM   1297 C  CD2   . PHE A 1 158 ? 12.258  -2.542  -2.733  1.00 38.41  ? 158 PHE A CD2   1 
ATOM   1298 C  CE1   . PHE A 1 158 ? 13.884  -4.847  -2.888  1.00 37.65  ? 158 PHE A CE1   1 
ATOM   1299 C  CE2   . PHE A 1 158 ? 13.668  -2.475  -2.467  1.00 40.68  ? 158 PHE A CE2   1 
ATOM   1300 C  CZ    . PHE A 1 158 ? 14.464  -3.637  -2.552  1.00 38.77  ? 158 PHE A CZ    1 
ATOM   1301 N  N     . ASN A 1 159 ? 7.070   -5.240  -2.960  1.00 37.88  ? 159 ASN A N     1 
ATOM   1302 C  CA    . ASN A 1 159 ? 5.611   -5.053  -2.917  1.00 37.14  ? 159 ASN A CA    1 
ATOM   1303 C  C     . ASN A 1 159 ? 5.032   -5.393  -1.534  1.00 39.65  ? 159 ASN A C     1 
ATOM   1304 O  O     . ASN A 1 159 ? 4.189   -6.312  -1.370  1.00 38.36  ? 159 ASN A O     1 
ATOM   1305 C  CB    . ASN A 1 159 ? 4.932   -5.880  -4.036  1.00 37.42  ? 159 ASN A CB    1 
ATOM   1306 C  CG    . ASN A 1 159 ? 5.108   -5.229  -5.395  1.00 38.09  ? 159 ASN A CG    1 
ATOM   1307 O  OD1   . ASN A 1 159 ? 4.534   -4.186  -5.669  1.00 40.02  ? 159 ASN A OD1   1 
ATOM   1308 N  ND2   . ASN A 1 159 ? 5.917   -5.806  -6.207  1.00 37.34  ? 159 ASN A ND2   1 
ATOM   1309 N  N     . ILE A 1 160 ? 5.564   -4.662  -0.541  1.00 39.25  ? 160 ILE A N     1 
ATOM   1310 C  CA    . ILE A 1 160 ? 5.175   -4.786  0.850   1.00 39.20  ? 160 ILE A CA    1 
ATOM   1311 C  C     . ILE A 1 160 ? 4.886   -3.363  1.376   1.00 40.80  ? 160 ILE A C     1 
ATOM   1312 O  O     . ILE A 1 160 ? 5.412   -2.371  0.831   1.00 40.33  ? 160 ILE A O     1 
ATOM   1313 C  CB    . ILE A 1 160 ? 6.264   -5.481  1.649   1.00 37.97  ? 160 ILE A CB    1 
ATOM   1314 C  CG1   . ILE A 1 160 ? 7.559   -4.626  1.747   1.00 36.58  ? 160 ILE A CG1   1 
ATOM   1315 C  CG2   . ILE A 1 160 ? 6.577   -6.839  1.051   1.00 39.67  ? 160 ILE A CG2   1 
ATOM   1316 C  CD1   . ILE A 1 160 ? 8.630   -5.241  2.717   1.00 38.04  ? 160 ILE A CD1   1 
ATOM   1317 N  N     . LEU A 1 161 ? 4.049   -3.273  2.404   1.00 39.47  ? 161 LEU A N     1 
ATOM   1318 C  CA    . LEU A 1 161 ? 3.690   -1.991  3.022   1.00 39.37  ? 161 LEU A CA    1 
ATOM   1319 C  C     . LEU A 1 161 ? 3.824   -2.003  4.529   1.00 40.59  ? 161 LEU A C     1 
ATOM   1320 O  O     . LEU A 1 161 ? 3.241   -2.855  5.204   1.00 40.15  ? 161 LEU A O     1 
ATOM   1321 C  CB    . LEU A 1 161 ? 2.238   -1.578  2.642   1.00 39.10  ? 161 LEU A CB    1 
ATOM   1322 C  CG    . LEU A 1 161 ? 2.040   -1.482  1.117   1.00 42.51  ? 161 LEU A CG    1 
ATOM   1323 C  CD1   . LEU A 1 161 ? 0.542   -1.710  0.705   1.00 44.42  ? 161 LEU A CD1   1 
ATOM   1324 C  CD2   . LEU A 1 161 ? 2.597   -0.153  0.556   1.00 41.42  ? 161 LEU A CD2   1 
ATOM   1325 N  N     . ALA A 1 162 ? 4.589   -1.031  5.041   1.00 42.15  ? 162 ALA A N     1 
ATOM   1326 C  CA    . ALA A 1 162 ? 4.659   -0.764  6.459   1.00 41.17  ? 162 ALA A CA    1 
ATOM   1327 C  C     . ALA A 1 162 ? 3.246   -0.611  6.973   1.00 41.45  ? 162 ALA A C     1 
ATOM   1328 O  O     . ALA A 1 162 ? 2.372   0.067   6.335   1.00 40.64  ? 162 ALA A O     1 
ATOM   1329 C  CB    . ALA A 1 162 ? 5.490   0.503   6.737   1.00 41.93  ? 162 ALA A CB    1 
ATOM   1330 N  N     . LEU A 1 163 ? 3.013   -1.196  8.147   1.00 39.52  ? 163 LEU A N     1 
ATOM   1331 C  CA    . LEU A 1 163 ? 1.658   -1.248  8.712   1.00 39.47  ? 163 LEU A CA    1 
ATOM   1332 C  C     . LEU A 1 163 ? 1.230   0.186   8.933   1.00 39.90  ? 163 LEU A C     1 
ATOM   1333 O  O     . LEU A 1 163 ? 2.044   1.051   9.272   1.00 40.69  ? 163 LEU A O     1 
ATOM   1334 C  CB    . LEU A 1 163 ? 1.617   -2.070  10.042  1.00 38.67  ? 163 LEU A CB    1 
ATOM   1335 C  CG    . LEU A 1 163 ? 1.939   -3.573  9.973   1.00 39.04  ? 163 LEU A CG    1 
ATOM   1336 C  CD1   . LEU A 1 163 ? 1.911   -4.238  11.337  1.00 40.50  ? 163 LEU A CD1   1 
ATOM   1337 C  CD2   . LEU A 1 163 ? 1.003   -4.263  8.992   1.00 40.12  ? 163 LEU A CD2   1 
ATOM   1338 N  N     . PRO A 1 164 ? -0.043  0.466   8.678   1.00 41.38  ? 164 PRO A N     1 
ATOM   1339 C  CA    . PRO A 1 164 ? -0.542  1.826   8.895   1.00 43.20  ? 164 PRO A CA    1 
ATOM   1340 C  C     . PRO A 1 164 ? -0.630  2.209   10.378  1.00 43.40  ? 164 PRO A C     1 
ATOM   1341 O  O     . PRO A 1 164 ? -0.824  1.337   11.261  1.00 42.28  ? 164 PRO A O     1 
ATOM   1342 C  CB    . PRO A 1 164 ? -1.959  1.789   8.283   1.00 44.14  ? 164 PRO A CB    1 
ATOM   1343 C  CG    . PRO A 1 164 ? -2.308  0.349   8.265   1.00 43.86  ? 164 PRO A CG    1 
ATOM   1344 C  CD    . PRO A 1 164 ? -1.078  -0.470  8.214   1.00 41.36  ? 164 PRO A CD    1 
ATOM   1345 N  N     . TYR A 1 165 ? -0.514  3.499   10.629  1.00 43.04  ? 165 TYR A N     1 
ATOM   1346 C  CA    . TYR A 1 165 ? -0.507  4.054   11.981  1.00 43.54  ? 165 TYR A CA    1 
ATOM   1347 C  C     . TYR A 1 165 ? -1.829  4.653   12.446  1.00 45.07  ? 165 TYR A C     1 
ATOM   1348 O  O     . TYR A 1 165 ? -2.172  4.530   13.630  1.00 46.46  ? 165 TYR A O     1 
ATOM   1349 C  CB    . TYR A 1 165 ? 0.573   5.118   12.103  1.00 43.03  ? 165 TYR A CB    1 
ATOM   1350 C  CG    . TYR A 1 165 ? 1.968   4.564   11.988  1.00 43.35  ? 165 TYR A CG    1 
ATOM   1351 C  CD1   . TYR A 1 165 ? 2.560   3.893   13.069  1.00 43.02  ? 165 TYR A CD1   1 
ATOM   1352 C  CD2   . TYR A 1 165 ? 2.693   4.679   10.800  1.00 42.28  ? 165 TYR A CD2   1 
ATOM   1353 C  CE1   . TYR A 1 165 ? 3.842   3.376   12.975  1.00 43.43  ? 165 TYR A CE1   1 
ATOM   1354 C  CE2   . TYR A 1 165 ? 4.005   4.127   10.688  1.00 41.88  ? 165 TYR A CE2   1 
ATOM   1355 C  CZ    . TYR A 1 165 ? 4.576   3.501   11.781  1.00 42.77  ? 165 TYR A CZ    1 
ATOM   1356 O  OH    . TYR A 1 165 ? 5.883   2.987   11.706  1.00 42.14  ? 165 TYR A OH    1 
ATOM   1357 N  N     . GLU A 1 166 ? -2.525  5.368   11.567  1.00 44.91  ? 166 GLU A N     1 
ATOM   1358 C  CA    . GLU A 1 166 ? -3.823  6.029   11.903  1.00 45.05  ? 166 GLU A CA    1 
ATOM   1359 C  C     . GLU A 1 166 ? -4.669  6.047   10.641  1.00 42.82  ? 166 GLU A C     1 
ATOM   1360 O  O     . GLU A 1 166 ? -4.120  6.005   9.544   1.00 41.43  ? 166 GLU A O     1 
ATOM   1361 C  CB    . GLU A 1 166 ? -3.659  7.490   12.305  1.00 49.33  ? 166 GLU A CB    1 
ATOM   1362 C  CG    . GLU A 1 166 ? -2.551  7.795   13.241  1.00 54.72  ? 166 GLU A CG    1 
ATOM   1363 C  CD    . GLU A 1 166 ? -3.014  8.740   14.280  1.00 57.24  ? 166 GLU A CD    1 
ATOM   1364 O  OE1   . GLU A 1 166 ? -3.800  9.669   13.941  1.00 59.11  ? 166 GLU A OE1   1 
ATOM   1365 O  OE2   . GLU A 1 166 ? -2.608  8.544   15.438  1.00 60.48  ? 166 GLU A OE2   1 
ATOM   1366 N  N     . VAL A 1 167 ? -5.995  6.113   10.777  1.00 42.42  ? 167 VAL A N     1 
ATOM   1367 C  CA    . VAL A 1 167 ? -6.846  6.285   9.578   1.00 43.98  ? 167 VAL A CA    1 
ATOM   1368 C  C     . VAL A 1 167 ? -6.924  7.785   9.302   1.00 42.86  ? 167 VAL A C     1 
ATOM   1369 O  O     . VAL A 1 167 ? -7.227  8.582   10.209  1.00 41.81  ? 167 VAL A O     1 
ATOM   1370 C  CB    . VAL A 1 167 ? -8.261  5.711   9.795   1.00 45.75  ? 167 VAL A CB    1 
ATOM   1371 C  CG1   . VAL A 1 167 ? -9.117  5.914   8.547   1.00 45.73  ? 167 VAL A CG1   1 
ATOM   1372 C  CG2   . VAL A 1 167 ? -8.169  4.229   10.197  1.00 46.15  ? 167 VAL A CG2   1 
ATOM   1373 N  N     . PHE A 1 168 ? -6.606  8.168   8.073   1.00 40.63  ? 168 PHE A N     1 
ATOM   1374 C  CA    . PHE A 1 168 ? -6.701  9.566   7.611   1.00 38.89  ? 168 PHE A CA    1 
ATOM   1375 C  C     . PHE A 1 168 ? -8.112  9.888   7.097   1.00 38.02  ? 168 PHE A C     1 
ATOM   1376 O  O     . PHE A 1 168 ? -8.724  10.930  7.434   1.00 37.91  ? 168 PHE A O     1 
ATOM   1377 C  CB    . PHE A 1 168 ? -5.657  9.735   6.486   1.00 38.70  ? 168 PHE A CB    1 
ATOM   1378 C  CG    . PHE A 1 168 ? -5.612  11.127  5.876   1.00 39.42  ? 168 PHE A CG    1 
ATOM   1379 C  CD1   . PHE A 1 168 ? -4.939  12.170  6.525   1.00 39.77  ? 168 PHE A CD1   1 
ATOM   1380 C  CD2   . PHE A 1 168 ? -6.196  11.376  4.643   1.00 37.93  ? 168 PHE A CD2   1 
ATOM   1381 C  CE1   . PHE A 1 168 ? -4.904  13.468  5.960   1.00 40.63  ? 168 PHE A CE1   1 
ATOM   1382 C  CE2   . PHE A 1 168 ? -6.170  12.654  4.079   1.00 39.78  ? 168 PHE A CE2   1 
ATOM   1383 C  CZ    . PHE A 1 168 ? -5.487  13.697  4.735   1.00 38.95  ? 168 PHE A CZ    1 
ATOM   1384 N  N     . ALA A 1 169 ? -8.629  9.015   6.226   1.00 36.07  ? 169 ALA A N     1 
ATOM   1385 C  CA    . ALA A 1 169 ? -9.985  9.189   5.724   1.00 36.64  ? 169 ALA A CA    1 
ATOM   1386 C  C     . ALA A 1 169 ? -10.539 7.878   5.233   1.00 36.38  ? 169 ALA A C     1 
ATOM   1387 O  O     . ALA A 1 169 ? -9.812  6.923   5.025   1.00 35.59  ? 169 ALA A O     1 
ATOM   1388 C  CB    . ALA A 1 169 ? -10.044 10.258  4.578   1.00 36.68  ? 169 ALA A CB    1 
ATOM   1389 N  N     . LYS A 1 170 ? -11.834 7.840   4.957   1.00 36.11  ? 170 LYS A N     1 
ATOM   1390 C  CA    . LYS A 1 170 ? -12.405 6.582   4.545   1.00 38.79  ? 170 LYS A CA    1 
ATOM   1391 C  C     . LYS A 1 170 ? -13.722 6.870   3.852   1.00 37.05  ? 170 LYS A C     1 
ATOM   1392 O  O     . LYS A 1 170 ? -14.454 7.792   4.251   1.00 34.32  ? 170 LYS A O     1 
ATOM   1393 C  CB    . LYS A 1 170 ? -12.479 5.674   5.784   1.00 42.19  ? 170 LYS A CB    1 
ATOM   1394 C  CG    . LYS A 1 170 ? -13.628 4.713   5.939   1.00 47.26  ? 170 LYS A CG    1 
ATOM   1395 C  CD    . LYS A 1 170 ? -13.664 4.266   7.416   1.00 50.42  ? 170 LYS A CD    1 
ATOM   1396 C  CE    . LYS A 1 170 ? -12.578 3.200   7.661   1.00 52.50  ? 170 LYS A CE    1 
ATOM   1397 N  NZ    . LYS A 1 170 ? -12.698 2.548   9.005   1.00 56.15  ? 170 LYS A NZ    1 
ATOM   1398 N  N     . GLU A 1 171 ? -13.955 6.160   2.765   1.00 36.10  ? 171 GLU A N     1 
ATOM   1399 C  CA    . GLU A 1 171 ? -15.186 6.323   2.003   1.00 38.72  ? 171 GLU A CA    1 
ATOM   1400 C  C     . GLU A 1 171 ? -15.711 4.922   1.744   1.00 37.83  ? 171 GLU A C     1 
ATOM   1401 O  O     . GLU A 1 171 ? -14.951 3.961   1.594   1.00 35.42  ? 171 GLU A O     1 
ATOM   1402 C  CB    . GLU A 1 171 ? -14.876 7.070   0.725   1.00 41.45  ? 171 GLU A CB    1 
ATOM   1403 C  CG    . GLU A 1 171 ? -16.025 7.697   0.076   1.00 46.23  ? 171 GLU A CG    1 
ATOM   1404 C  CD    . GLU A 1 171 ? -15.624 8.692   -0.974  1.00 48.12  ? 171 GLU A CD    1 
ATOM   1405 O  OE1   . GLU A 1 171 ? -14.967 9.694   -0.620  1.00 49.39  ? 171 GLU A OE1   1 
ATOM   1406 O  OE2   . GLU A 1 171 ? -15.961 8.461   -2.153  1.00 50.31  ? 171 GLU A OE2   1 
ATOM   1407 N  N     . ARG A 1 172 ? -17.023 4.791   1.739   1.00 36.87  ? 172 ARG A N     1 
ATOM   1408 C  CA    . ARG A 1 172 ? -17.678 3.512   1.486   1.00 38.33  ? 172 ARG A CA    1 
ATOM   1409 C  C     . ARG A 1 172 ? -18.902 3.838   0.649   1.00 38.64  ? 172 ARG A C     1 
ATOM   1410 O  O     . ARG A 1 172 ? -19.492 4.931   0.818   1.00 34.50  ? 172 ARG A O     1 
ATOM   1411 C  CB    . ARG A 1 172 ? -18.148 2.885   2.815   1.00 41.80  ? 172 ARG A CB    1 
ATOM   1412 C  CG    . ARG A 1 172 ? -17.034 2.459   3.787   1.00 43.48  ? 172 ARG A CG    1 
ATOM   1413 C  CD    . ARG A 1 172 ? -16.167 1.344   3.244   1.00 46.09  ? 172 ARG A CD    1 
ATOM   1414 N  NE    . ARG A 1 172 ? -15.048 1.115   4.163   1.00 49.24  ? 172 ARG A NE    1 
ATOM   1415 C  CZ    . ARG A 1 172 ? -13.829 1.636   4.048   1.00 49.67  ? 172 ARG A CZ    1 
ATOM   1416 N  NH1   . ARG A 1 172 ? -13.506 2.433   3.043   1.00 48.11  ? 172 ARG A NH1   1 
ATOM   1417 N  NH2   . ARG A 1 172 ? -12.915 1.360   4.979   1.00 53.26  ? 172 ARG A NH2   1 
ATOM   1418 N  N     . GLY A 1 173 ? -19.315 2.916   -0.225  1.00 38.37  ? 173 GLY A N     1 
ATOM   1419 C  CA    . GLY A 1 173 ? -20.614 3.093   -0.860  1.00 39.39  ? 173 GLY A CA    1 
ATOM   1420 C  C     . GLY A 1 173 ? -21.018 1.975   -1.794  1.00 41.75  ? 173 GLY A C     1 
ATOM   1421 O  O     . GLY A 1 173 ? -20.224 1.077   -2.102  1.00 40.18  ? 173 GLY A O     1 
ATOM   1422 N  N     . SER A 1 174 ? -22.259 2.040   -2.260  1.00 44.02  ? 174 SER A N     1 
ATOM   1423 C  CA    . SER A 1 174 ? -22.709 1.128   -3.307  1.00 47.12  ? 174 SER A CA    1 
ATOM   1424 C  C     . SER A 1 174 ? -23.562 1.849   -4.328  1.00 48.79  ? 174 SER A C     1 
ATOM   1425 O  O     . SER A 1 174 ? -24.231 2.849   -4.019  1.00 48.52  ? 174 SER A O     1 
ATOM   1426 C  CB    . SER A 1 174 ? -23.478 -0.073  -2.732  1.00 47.53  ? 174 SER A CB    1 
ATOM   1427 O  OG    . SER A 1 174 ? -24.155 0.263   -1.479  1.00 50.14  ? 174 SER A OG    1 
ATOM   1428 N  N     . SER A 1 175 ? -23.530 1.309   -5.542  1.00 51.31  ? 175 SER A N     1 
ATOM   1429 C  CA    . SER A 1 175 ? -24.221 1.849   -6.687  1.00 53.49  ? 175 SER A CA    1 
ATOM   1430 C  C     . SER A 1 175 ? -25.006 0.733   -7.376  1.00 55.36  ? 175 SER A C     1 
ATOM   1431 O  O     . SER A 1 175 ? -24.533 -0.411  -7.455  1.00 56.14  ? 175 SER A O     1 
ATOM   1432 C  CB    . SER A 1 175 ? -23.195 2.394   -7.685  1.00 53.70  ? 175 SER A CB    1 
ATOM   1433 O  OG    . SER A 1 175 ? -23.775 3.477   -8.405  1.00 54.77  ? 175 SER A OG    1 
ATOM   1434 N  N     . TRP A 1 176 ? -26.176 1.080   -7.907  1.00 56.10  ? 176 TRP A N     1 
ATOM   1435 C  CA    . TRP A 1 176 ? -26.928 0.168   -8.754  1.00 57.15  ? 176 TRP A CA    1 
ATOM   1436 C  C     . TRP A 1 176 ? -27.646 0.943   -9.868  1.00 57.11  ? 176 TRP A C     1 
ATOM   1437 O  O     . TRP A 1 176 ? -28.492 1.947   -9.556  1.00 55.69  ? 176 TRP A O     1 
ATOM   1438 C  CB    . TRP A 1 176 ? -27.936 -0.653  -7.932  1.00 58.75  ? 176 TRP A CB    1 
ATOM   1439 C  CG    . TRP A 1 176 ? -28.871 -1.464  -8.818  1.00 59.54  ? 176 TRP A CG    1 
ATOM   1440 C  CD1   . TRP A 1 176 ? -28.645 -2.720  -9.315  1.00 59.89  ? 176 TRP A CD1   1 
ATOM   1441 C  CD2   . TRP A 1 176 ? -30.141 -1.055  -9.338  1.00 59.89  ? 176 TRP A CD2   1 
ATOM   1442 N  NE1   . TRP A 1 176 ? -29.703 -3.123  -10.097 1.00 59.56  ? 176 TRP A NE1   1 
ATOM   1443 C  CE2   . TRP A 1 176 ? -30.634 -2.120  -10.129 1.00 59.91  ? 176 TRP A CE2   1 
ATOM   1444 C  CE3   . TRP A 1 176 ? -30.923 0.104   -9.200  1.00 59.74  ? 176 TRP A CE3   1 
ATOM   1445 C  CZ2   . TRP A 1 176 ? -31.859 -2.055  -10.784 1.00 59.46  ? 176 TRP A CZ2   1 
ATOM   1446 C  CZ3   . TRP A 1 176 ? -32.122 0.165   -9.851  1.00 59.36  ? 176 TRP A CZ3   1 
ATOM   1447 C  CH2   . TRP A 1 176 ? -32.592 -0.910  -10.630 1.00 59.73  ? 176 TRP A CH2   1 
ATOM   1448 N  N     . ALA A 1 177 ? -27.325 0.484   -11.162 1.00 56.76  ? 177 ALA A N     1 
ATOM   1449 C  CA    . ALA A 1 177 ? -28.042 1.094   -12.288 1.00 56.45  ? 177 ALA A CA    1 
ATOM   1450 C  C     . ALA A 1 177 ? -28.708 0.013   -13.139 1.00 57.15  ? 177 ALA A C     1 
ATOM   1451 O  O     . ALA A 1 177 ? -28.310 -1.161  -13.065 1.00 57.31  ? 177 ALA A O     1 
ATOM   1452 C  CB    . ALA A 1 177 ? -27.070 1.902   -13.140 1.00 56.67  ? 177 ALA A CB    1 
ATOM   1453 N  N     . LYS A 1 178 ? -29.690 0.424   -13.955 1.00 56.37  ? 178 LYS A N     1 
ATOM   1454 C  CA    . LYS A 1 178 ? -30.373 -0.434  -14.932 1.00 57.43  ? 178 LYS A CA    1 
ATOM   1455 C  C     . LYS A 1 178 ? -31.048 -1.635  -14.271 1.00 58.07  ? 178 LYS A C     1 
ATOM   1456 O  O     . LYS A 1 178 ? -32.476 -1.707  -14.606 1.00 59.28  ? 178 LYS A O     1 
ATOM   1457 C  CB    . LYS A 1 178 ? -29.448 -0.850  -16.109 1.00 56.27  ? 178 LYS A CB    1 
ATOM   1458 C  CG    . LYS A 1 178 ? -28.437 -1.950  -15.805 1.00 57.27  ? 178 LYS A CG    1 
ATOM   1459 C  CD    . LYS A 1 178 ? -27.149 -1.779  -16.620 1.00 56.96  ? 178 LYS A CD    1 
ATOM   1460 C  CE    . LYS A 1 178 ? -26.054 -2.737  -16.159 1.00 57.41  ? 178 LYS A CE    1 
ATOM   1461 N  NZ    . LYS A 1 178 ? -25.053 -2.105  -15.199 1.00 57.97  ? 178 LYS A NZ    1 
HETATM 1462 P  PG    . DGT B 2 .   ? 6.657   7.255   4.590   1.00 28.71  ? 201 DGT A PG    1 
HETATM 1463 O  O1G   . DGT B 2 .   ? 6.318   7.570   3.169   1.00 28.25  ? 201 DGT A O1G   1 
HETATM 1464 O  O2G   . DGT B 2 .   ? 5.573   7.690   5.458   1.00 25.26  ? 201 DGT A O2G   1 
HETATM 1465 O  O3G   . DGT B 2 .   ? 8.080   7.653   4.821   1.00 27.84  ? 201 DGT A O3G   1 
HETATM 1466 O  O3B   . DGT B 2 .   ? 6.746   5.659   4.871   1.00 28.38  ? 201 DGT A O3B   1 
HETATM 1467 P  PB    . DGT B 2 .   ? 6.528   4.423   3.844   1.00 25.39  ? 201 DGT A PB    1 
HETATM 1468 O  O1B   . DGT B 2 .   ? 5.283   4.717   2.989   1.00 25.74  ? 201 DGT A O1B   1 
HETATM 1469 O  O2B   . DGT B 2 .   ? 6.309   3.209   4.644   1.00 23.27  ? 201 DGT A O2B   1 
HETATM 1470 O  O3A   . DGT B 2 .   ? 7.824   4.215   2.955   1.00 23.63  ? 201 DGT A O3A   1 
HETATM 1471 P  PA    . DGT B 2 .   ? 8.125   4.578   1.393   1.00 25.99  ? 201 DGT A PA    1 
HETATM 1472 O  O1A   . DGT B 2 .   ? 9.606   4.770   1.434   1.00 26.97  ? 201 DGT A O1A   1 
HETATM 1473 O  O2A   . DGT B 2 .   ? 7.094   5.633   0.907   1.00 23.88  ? 201 DGT A O2A   1 
HETATM 1474 O  "O5'" . DGT B 2 .   ? 7.924   3.078   0.760   1.00 26.39  ? 201 DGT A "O5'" 1 
HETATM 1475 C  "C5'" . DGT B 2 .   ? 6.604   2.519   0.590   1.00 22.65  ? 201 DGT A "C5'" 1 
HETATM 1476 C  "C4'" . DGT B 2 .   ? 6.651   1.058   1.033   1.00 22.21  ? 201 DGT A "C4'" 1 
HETATM 1477 O  "O4'" . DGT B 2 .   ? 7.651   0.459   0.256   1.00 21.70  ? 201 DGT A "O4'" 1 
HETATM 1478 C  "C3'" . DGT B 2 .   ? 7.071   0.747   2.490   1.00 22.29  ? 201 DGT A "C3'" 1 
HETATM 1479 O  "O3'" . DGT B 2 .   ? 5.951   0.821   3.383   1.00 24.95  ? 201 DGT A "O3'" 1 
HETATM 1480 C  "C2'" . DGT B 2 .   ? 7.627   -0.665  2.373   1.00 22.49  ? 201 DGT A "C2'" 1 
HETATM 1481 C  "C1'" . DGT B 2 .   ? 8.204   -0.648  0.951   1.00 25.24  ? 201 DGT A "C1'" 1 
HETATM 1482 N  N9    . DGT B 2 .   ? 9.665   -0.463  0.982   1.00 27.26  ? 201 DGT A N9    1 
HETATM 1483 C  C8    . DGT B 2 .   ? 10.370  0.715   1.121   1.00 28.19  ? 201 DGT A C8    1 
HETATM 1484 N  N7    . DGT B 2 .   ? 11.718  0.459   1.106   1.00 28.51  ? 201 DGT A N7    1 
HETATM 1485 C  C5    . DGT B 2 .   ? 11.869  -0.875  1.029   1.00 28.49  ? 201 DGT A C5    1 
HETATM 1486 C  C6    . DGT B 2 .   ? 13.021  -1.792  0.967   1.00 29.81  ? 201 DGT A C6    1 
HETATM 1487 O  O6    . DGT B 2 .   ? 14.225  -1.300  1.019   1.00 30.01  ? 201 DGT A O6    1 
HETATM 1488 N  N1    . DGT B 2 .   ? 12.743  -3.093  0.834   1.00 27.48  ? 201 DGT A N1    1 
HETATM 1489 C  C2    . DGT B 2 .   ? 11.511  -3.613  0.743   1.00 27.92  ? 201 DGT A C2    1 
HETATM 1490 N  N2    . DGT B 2 .   ? 11.417  -4.949  0.643   1.00 26.68  ? 201 DGT A N2    1 
HETATM 1491 N  N3    . DGT B 2 .   ? 10.370  -2.829  0.777   1.00 27.18  ? 201 DGT A N3    1 
HETATM 1492 C  C4    . DGT B 2 .   ? 10.517  -1.485  0.886   1.00 27.37  ? 201 DGT A C4    1 
HETATM 1493 C  C1    . EDO C 3 .   ? 2.396   -10.238 -14.643 1.00 119.54 ? 202 EDO A C1    1 
HETATM 1494 O  O1    . EDO C 3 .   ? 3.174   -11.163 -13.864 1.00 120.00 ? 202 EDO A O1    1 
HETATM 1495 C  C2    . EDO C 3 .   ? 0.913   -10.529 -14.418 1.00 119.39 ? 202 EDO A C2    1 
HETATM 1496 O  O2    . EDO C 3 .   ? 0.514   -11.755 -15.081 1.00 118.73 ? 202 EDO A O2    1 
HETATM 1497 O  O     . HOH D 4 .   ? 2.697   2.801   7.508   1.00 24.31  ? 203 HOH A O     1 
HETATM 1498 O  O     . HOH D 4 .   ? 1.613   -0.944  -11.137 1.00 16.57  ? 204 HOH A O     1 
HETATM 1499 O  O     . HOH D 4 .   ? 7.058   9.028   -4.633  1.00 29.12  ? 205 HOH A O     1 
HETATM 1500 O  O     . HOH D 4 .   ? 2.313   -10.372 5.328   1.00 28.57  ? 206 HOH A O     1 
HETATM 1501 O  O     . HOH D 4 .   ? 0.067   0.599   5.188   1.00 23.61  ? 207 HOH A O     1 
HETATM 1502 O  O     . HOH D 4 .   ? 7.465   -7.196  -8.626  1.00 24.01  ? 208 HOH A O     1 
HETATM 1503 O  O     . HOH D 4 .   ? -8.334  -10.524 -11.644 1.00 25.55  ? 209 HOH A O     1 
HETATM 1504 O  O     . HOH D 4 .   ? 5.197   3.826   7.306   1.00 20.67  ? 210 HOH A O     1 
HETATM 1505 O  O     . HOH D 4 .   ? 11.582  -10.176 -7.808  1.00 29.67  ? 211 HOH A O     1 
HETATM 1506 O  O     . HOH D 4 .   ? 8.699   1.948   5.540   1.00 31.25  ? 212 HOH A O     1 
HETATM 1507 O  O     . HOH D 4 .   ? 4.900   3.934   -9.177  1.00 33.49  ? 213 HOH A O     1 
HETATM 1508 O  O     . HOH D 4 .   ? 6.595   2.499   9.179   1.00 28.74  ? 214 HOH A O     1 
HETATM 1509 O  O     . HOH D 4 .   ? 3.673   -2.423  -12.788 1.00 26.78  ? 215 HOH A O     1 
HETATM 1510 O  O     . HOH D 4 .   ? -1.219  -8.688  3.218   1.00 30.44  ? 216 HOH A O     1 
HETATM 1511 O  O     . HOH D 4 .   ? -3.172  -8.018  -0.961  1.00 27.47  ? 217 HOH A O     1 
HETATM 1512 O  O     . HOH D 4 .   ? 19.993  -10.142 -7.138  1.00 42.40  ? 218 HOH A O     1 
HETATM 1513 O  O     . HOH D 4 .   ? 5.802   -9.811  -2.323  1.00 29.73  ? 219 HOH A O     1 
HETATM 1514 O  O     . HOH D 4 .   ? 2.004   7.043   -13.431 1.00 29.28  ? 220 HOH A O     1 
HETATM 1515 O  O     . HOH D 4 .   ? 7.113   1.753   13.722  1.00 33.72  ? 221 HOH A O     1 
HETATM 1516 O  O     . HOH D 4 .   ? -5.931  -11.379 -15.059 1.00 32.88  ? 222 HOH A O     1 
HETATM 1517 O  O     . HOH D 4 .   ? 0.369   11.307  7.320   1.00 37.13  ? 223 HOH A O     1 
HETATM 1518 O  O     . HOH D 4 .   ? -4.383  6.187   -17.825 1.00 40.64  ? 224 HOH A O     1 
HETATM 1519 O  O     . HOH D 4 .   ? 2.213   -15.415 -4.791  1.00 44.32  ? 225 HOH A O     1 
HETATM 1520 O  O     . HOH D 4 .   ? -13.307 10.678  3.013   1.00 42.22  ? 226 HOH A O     1 
HETATM 1521 O  O     . HOH D 4 .   ? -13.324 0.211   -4.168  1.00 27.81  ? 227 HOH A O     1 
HETATM 1522 O  O     . HOH D 4 .   ? 4.330   6.078   -17.807 1.00 53.46  ? 228 HOH A O     1 
HETATM 1523 O  O     . HOH D 4 .   ? 6.979   14.541  -10.700 1.00 63.98  ? 229 HOH A O     1 
HETATM 1524 O  O     . HOH D 4 .   ? -3.394  -8.065  1.652   1.00 36.89  ? 230 HOH A O     1 
HETATM 1525 O  O     . HOH D 4 .   ? -2.269  -10.061 -16.188 1.00 32.32  ? 231 HOH A O     1 
HETATM 1526 O  O     . HOH D 4 .   ? 1.930   10.437  9.806   1.00 40.10  ? 232 HOH A O     1 
HETATM 1527 O  O     . HOH D 4 .   ? 12.487  -2.610  12.628  1.00 34.49  ? 233 HOH A O     1 
HETATM 1528 O  O     . HOH D 4 .   ? -17.563 6.361   -2.313  1.00 44.72  ? 234 HOH A O     1 
HETATM 1529 O  O     . HOH D 4 .   ? 14.657  -9.990  -7.690  1.00 47.94  ? 235 HOH A O     1 
HETATM 1530 O  O     . HOH D 4 .   ? -9.565  -5.267  -12.644 1.00 47.55  ? 236 HOH A O     1 
HETATM 1531 O  O     . HOH D 4 .   ? -13.135 -7.252  -7.927  1.00 55.27  ? 237 HOH A O     1 
HETATM 1532 O  O     . HOH D 4 .   ? 9.834   -12.609 0.069   1.00 50.43  ? 238 HOH A O     1 
HETATM 1533 O  O     . HOH D 4 .   ? 18.978  -7.596  -13.644 1.00 36.47  ? 239 HOH A O     1 
HETATM 1534 O  O     . HOH D 4 .   ? 5.247   -7.949  -9.719  1.00 39.42  ? 240 HOH A O     1 
HETATM 1535 O  O     . HOH D 4 .   ? 0.100   14.193  -17.410 1.00 63.61  ? 241 HOH A O     1 
HETATM 1536 O  O     . HOH D 4 .   ? 12.485  -0.858  -12.930 1.00 36.48  ? 242 HOH A O     1 
HETATM 1537 O  O     . HOH D 4 .   ? -10.343 -5.479  0.156   1.00 49.51  ? 243 HOH A O     1 
HETATM 1538 O  O     . HOH D 4 .   ? -16.199 14.558  -2.476  1.00 48.99  ? 244 HOH A O     1 
HETATM 1539 O  O     . HOH D 4 .   ? -11.622 -7.562  -15.142 1.00 39.52  ? 245 HOH A O     1 
HETATM 1540 O  O     . HOH D 4 .   ? 12.527  -10.947 0.614   1.00 73.60  ? 246 HOH A O     1 
HETATM 1541 O  O     . HOH D 4 .   ? 11.063  2.491   4.615   1.00 39.59  ? 247 HOH A O     1 
HETATM 1542 O  O     . HOH D 4 .   ? 21.496  -6.734  -13.977 1.00 71.79  ? 248 HOH A O     1 
HETATM 1543 O  O     . HOH D 4 .   ? -3.666  -5.590  1.443   1.00 44.87  ? 249 HOH A O     1 
HETATM 1544 O  O     . HOH D 4 .   ? 14.168  -2.130  -15.806 1.00 40.83  ? 250 HOH A O     1 
HETATM 1545 O  O     . HOH D 4 .   ? 9.089   -0.208  -2.668  1.00 46.71  ? 251 HOH A O     1 
HETATM 1546 O  O     . HOH D 4 .   ? 11.093  -9.758  14.675  1.00 62.61  ? 252 HOH A O     1 
HETATM 1547 O  O     . HOH D 4 .   ? 1.295   4.994   16.613  1.00 54.33  ? 253 HOH A O     1 
HETATM 1548 O  O     . HOH D 4 .   ? -1.952  -15.600 1.049   1.00 35.47  ? 254 HOH A O     1 
HETATM 1549 O  O     . HOH D 4 .   ? 2.487   -18.512 -4.760  1.00 45.07  ? 255 HOH A O     1 
HETATM 1550 O  O     . HOH D 4 .   ? -1.808  9.936   -19.286 1.00 70.45  ? 256 HOH A O     1 
HETATM 1551 O  O     . HOH D 4 .   ? 2.222   -2.190  -14.895 1.00 40.01  ? 257 HOH A O     1 
HETATM 1552 O  O     . HOH D 4 .   ? 15.678  0.014   11.422  1.00 60.10  ? 258 HOH A O     1 
HETATM 1553 O  O     . HOH D 4 .   ? 11.551  1.127   14.840  1.00 61.30  ? 259 HOH A O     1 
HETATM 1554 O  O     . HOH D 4 .   ? 20.315  2.886   9.231   1.00 51.23  ? 260 HOH A O     1 
HETATM 1555 O  O     . HOH D 4 .   ? 18.943  -3.186  5.915   1.00 39.35  ? 261 HOH A O     1 
HETATM 1556 O  O     . HOH D 4 .   ? 18.307  -8.585  5.111   1.00 60.59  ? 262 HOH A O     1 
HETATM 1557 O  O     . HOH D 4 .   ? 15.283  -10.339 3.091   1.00 57.09  ? 263 HOH A O     1 
HETATM 1558 O  O     . HOH D 4 .   ? 13.539  -15.990 4.095   1.00 58.96  ? 264 HOH A O     1 
HETATM 1559 O  O     . HOH D 4 .   ? 19.045  -4.483  -19.272 1.00 52.37  ? 265 HOH A O     1 
HETATM 1560 O  O     . HOH D 4 .   ? 17.361  -2.484  -19.472 1.00 66.44  ? 266 HOH A O     1 
HETATM 1561 O  O     . HOH D 4 .   ? 15.440  2.370   -6.308  1.00 48.31  ? 267 HOH A O     1 
HETATM 1562 O  O     . HOH D 4 .   ? 9.480   2.992   13.657  1.00 56.60  ? 268 HOH A O     1 
HETATM 1563 O  O     . HOH D 4 .   ? 9.607   6.310   11.675  1.00 59.14  ? 269 HOH A O     1 
HETATM 1564 O  O     . HOH D 4 .   ? -0.365  20.998  3.252   1.00 40.35  ? 270 HOH A O     1 
HETATM 1565 O  O     . HOH D 4 .   ? 12.339  -15.975 10.008  1.00 44.21  ? 271 HOH A O     1 
HETATM 1566 O  O     . HOH D 4 .   ? 13.051  -0.045  12.905  1.00 54.12  ? 272 HOH A O     1 
HETATM 1567 O  O     . HOH D 4 .   ? 12.847  3.902   8.969   1.00 53.39  ? 273 HOH A O     1 
HETATM 1568 O  O     . HOH D 4 .   ? 1.936   -13.595 -11.562 0.50 26.10  ? 274 HOH A O     1 
HETATM 1569 O  O     . HOH D 4 .   ? -1.210  16.577  7.203   1.00 48.91  ? 275 HOH A O     1 
HETATM 1570 O  O     . HOH D 4 .   ? -12.087 -11.254 -3.032  1.00 51.07  ? 276 HOH A O     1 
HETATM 1571 O  O     . HOH D 4 .   ? 5.385   6.389   1.454   1.00 10.43  ? 277 HOH A O     1 
HETATM 1572 O  O     . HOH D 4 .   ? 3.549   6.967   2.440   1.00 24.99  ? 278 HOH A O     1 
HETATM 1573 O  O     . HOH D 4 .   ? 9.531   8.865   3.113   1.00 41.12  ? 279 HOH A O     1 
HETATM 1574 O  O     . HOH D 4 .   ? -14.806 11.958  -2.701  1.00 50.32  ? 280 HOH A O     1 
HETATM 1575 O  O     . HOH D 4 .   ? -15.172 12.183  -9.881  1.00 43.98  ? 281 HOH A O     1 
HETATM 1576 O  O     . HOH D 4 .   ? -0.206  14.062  7.751   1.00 55.44  ? 282 HOH A O     1 
HETATM 1577 O  O     . HOH D 4 .   ? -11.416 -3.657  -12.934 1.00 46.74  ? 283 HOH A O     1 
HETATM 1578 O  O     . HOH D 4 .   ? 0.988   15.998  -5.846  1.00 51.78  ? 284 HOH A O     1 
HETATM 1579 O  O     . HOH D 4 .   ? 4.653   0.895   -14.175 1.00 50.27  ? 285 HOH A O     1 
HETATM 1580 O  O     . HOH D 4 .   ? 3.486   1.069   -12.034 1.00 37.96  ? 286 HOH A O     1 
HETATM 1581 O  O     . HOH D 4 .   ? 0.567   -12.052 20.400  1.00 51.65  ? 287 HOH A O     1 
HETATM 1582 O  O     . HOH D 4 .   ? -8.699  19.767  -0.738  1.00 50.95  ? 288 HOH A O     1 
HETATM 1583 O  O     . HOH D 4 .   ? -8.432  14.170  -10.265 1.00 39.94  ? 289 HOH A O     1 
HETATM 1584 O  O     . HOH D 4 .   ? -12.627 -7.335  -11.812 1.00 57.96  ? 290 HOH A O     1 
HETATM 1585 O  O     . HOH D 4 .   ? 2.315   17.617  -13.687 1.00 51.97  ? 291 HOH A O     1 
HETATM 1586 O  O     . HOH D 4 .   ? 11.156  5.419   3.721   1.00 48.64  ? 292 HOH A O     1 
HETATM 1587 O  O     . HOH D 4 .   ? -19.521 -1.363  -3.303  1.00 55.13  ? 293 HOH A O     1 
HETATM 1588 O  O     . HOH D 4 .   ? -8.368  -10.173 7.433   1.00 60.29  ? 294 HOH A O     1 
HETATM 1589 O  O     . HOH D 4 .   ? -6.587  -6.432  8.046   1.00 48.28  ? 295 HOH A O     1 
HETATM 1590 O  O     . HOH D 4 .   ? -4.250  -2.567  10.692  1.00 61.35  ? 296 HOH A O     1 
HETATM 1591 O  O     . HOH D 4 .   ? 6.773   -17.518 6.100   1.00 61.83  ? 297 HOH A O     1 
HETATM 1592 O  O     . HOH D 4 .   ? 11.905  -7.962  1.405   1.00 51.75  ? 298 HOH A O     1 
HETATM 1593 O  O     . HOH D 4 .   ? 7.227   -19.683 13.202  1.00 60.72  ? 299 HOH A O     1 
HETATM 1594 O  O     . HOH D 4 .   ? 5.016   -18.373 13.998  1.00 58.48  ? 300 HOH A O     1 
HETATM 1595 O  O     . HOH D 4 .   ? -4.258  -9.113  15.896  1.00 75.85  ? 301 HOH A O     1 
HETATM 1596 O  O     . HOH D 4 .   ? 8.399   14.588  1.880   1.00 46.58  ? 302 HOH A O     1 
# 
